data_5CQ6
# 
_entry.id   5CQ6 
# 
_audit_conform.dict_name       mmcif_pdbx.dic 
_audit_conform.dict_version    5.391 
_audit_conform.dict_location   http://mmcif.pdb.org/dictionaries/ascii/mmcif_pdbx.dic 
# 
loop_
_database_2.database_id 
_database_2.database_code 
_database_2.pdbx_database_accession 
_database_2.pdbx_DOI 
PDB   5CQ6         pdb_00005cq6 10.2210/pdb5cq6/pdb 
WWPDB D_1000212023 ?            ?                   
# 
loop_
_pdbx_audit_revision_history.ordinal 
_pdbx_audit_revision_history.data_content_type 
_pdbx_audit_revision_history.major_revision 
_pdbx_audit_revision_history.minor_revision 
_pdbx_audit_revision_history.revision_date 
1 'Structure model' 1 0 2015-09-09 
2 'Structure model' 1 1 2024-05-08 
# 
_pdbx_audit_revision_details.ordinal             1 
_pdbx_audit_revision_details.revision_ordinal    1 
_pdbx_audit_revision_details.data_content_type   'Structure model' 
_pdbx_audit_revision_details.provider            repository 
_pdbx_audit_revision_details.type                'Initial release' 
_pdbx_audit_revision_details.description         ? 
_pdbx_audit_revision_details.details             ? 
# 
loop_
_pdbx_audit_revision_group.ordinal 
_pdbx_audit_revision_group.revision_ordinal 
_pdbx_audit_revision_group.data_content_type 
_pdbx_audit_revision_group.group 
1 2 'Structure model' 'Data collection'     
2 2 'Structure model' 'Database references' 
# 
loop_
_pdbx_audit_revision_category.ordinal 
_pdbx_audit_revision_category.revision_ordinal 
_pdbx_audit_revision_category.data_content_type 
_pdbx_audit_revision_category.category 
1 2 'Structure model' chem_comp_atom              
2 2 'Structure model' chem_comp_bond              
3 2 'Structure model' database_2                  
4 2 'Structure model' diffrn_radiation_wavelength 
# 
loop_
_pdbx_audit_revision_item.ordinal 
_pdbx_audit_revision_item.revision_ordinal 
_pdbx_audit_revision_item.data_content_type 
_pdbx_audit_revision_item.item 
1 2 'Structure model' '_database_2.pdbx_DOI'                
2 2 'Structure model' '_database_2.pdbx_database_accession' 
# 
_pdbx_database_status.status_code                     REL 
_pdbx_database_status.status_code_sf                  REL 
_pdbx_database_status.status_code_mr                  ? 
_pdbx_database_status.entry_id                        5CQ6 
_pdbx_database_status.recvd_initial_deposition_date   2015-07-21 
_pdbx_database_status.SG_entry                        Y 
_pdbx_database_status.deposit_site                    RCSB 
_pdbx_database_status.process_site                    PDBE 
_pdbx_database_status.status_code_cs                  ? 
_pdbx_database_status.methods_development_category    ? 
_pdbx_database_status.pdb_format_compatible           Y 
_pdbx_database_status.status_code_nmr_data            ? 
# 
loop_
_audit_author.name 
_audit_author.pdbx_ordinal 
'Bradley, A.'                          1  
'Pearce, N.'                           2  
'Krojer, T.'                           3  
'Ng, J.'                               4  
'Talon, R.'                            5  
'Vollmar, M.'                          6  
'Jose, B.'                             7  
'von Delft, F.'                        8  
'Bountra, C.'                          9  
'Arrowsmith, C.H.'                     10 
'Edwards, A.'                          11 
'Knapp, S.'                            12 
'Structural Genomics Consortium (SGC)' 13 
# 
_citation.abstract                  ? 
_citation.abstract_id_CAS           ? 
_citation.book_id_ISBN              ? 
_citation.book_publisher            ? 
_citation.book_publisher_city       ? 
_citation.book_title                ? 
_citation.coordinate_linkage        ? 
_citation.country                   ? 
_citation.database_id_Medline       ? 
_citation.details                   ? 
_citation.id                        primary 
_citation.journal_abbrev            'To be published' 
_citation.journal_id_ASTM           ? 
_citation.journal_id_CSD            0353 
_citation.journal_id_ISSN           ? 
_citation.journal_full              ? 
_citation.journal_issue             ? 
_citation.journal_volume            ? 
_citation.language                  ? 
_citation.page_first                ? 
_citation.page_last                 ? 
_citation.title                     
;Crystal structure of the second bromodomain of bromodomain adjancent to zinc finger domain protein 2B (BAZ2B) in complex with 2,6-Pyridinedicarboxylic acid (SGC - Diamond I04-1 fragment screening)
;
_citation.year                      ? 
_citation.database_id_CSD           ? 
_citation.pdbx_database_id_DOI      ? 
_citation.pdbx_database_id_PubMed   ? 
_citation.unpublished_flag          ? 
# 
loop_
_citation_author.citation_id 
_citation_author.name 
_citation_author.ordinal 
_citation_author.identifier_ORCID 
primary 'Bradley, A.'                          1  ? 
primary 'Pearce, N.'                           2  ? 
primary 'Krojer, T.'                           3  ? 
primary 'Ng, J.'                               4  ? 
primary 'Talon, R.'                            5  ? 
primary 'Vollmar, M.'                          6  ? 
primary 'Jose, B.'                             7  ? 
primary 'von Delft, F.'                        8  ? 
primary 'Bountra, C.'                          9  ? 
primary 'Arrowsmith, C.H.'                     10 ? 
primary 'Edwards, A.'                          11 ? 
primary 'Knapp, S.'                            12 ? 
primary 'Structural Genomics Consortium (SGC)' 13 ? 
# 
loop_
_entity.id 
_entity.type 
_entity.src_method 
_entity.pdbx_description 
_entity.formula_weight 
_entity.pdbx_number_of_molecules 
_entity.pdbx_ec 
_entity.pdbx_mutation 
_entity.pdbx_fragment 
_entity.details 
1 polymer     man 'Bromodomain adjacent to zinc finger domain protein 2B' 14057.129 1   ? ? 'Bromodomain, UNP residues 1858-1972' 
? 
2 non-polymer syn 1,2-ETHANEDIOL                                          62.068    2   ? ? ?                                     
? 
3 non-polymer syn 'PYRIDINE-2,6-DICARBOXYLIC ACID'                        167.119   2   ? ? ?                                     
? 
4 water       nat water                                                   18.015    131 ? ? ?                                     
? 
# 
_entity_name_com.entity_id   1 
_entity_name_com.name        hWALp4 
# 
_entity_poly.entity_id                      1 
_entity_poly.type                           'polypeptide(L)' 
_entity_poly.nstd_linkage                   no 
_entity_poly.nstd_monomer                   no 
_entity_poly.pdbx_seq_one_letter_code       
;YFQSMSVKKPKRDDSKDLALCSMILTEMETHEDAWPFLLPVNLKLVPGYKKVIKKPMDFSTIREKLSSGQYPNLETFALD
VRLVFDNCETFNEDDSDIGRAGHNMRKYFEKKWTDTFKVS
;
_entity_poly.pdbx_seq_one_letter_code_can   
;YFQSMSVKKPKRDDSKDLALCSMILTEMETHEDAWPFLLPVNLKLVPGYKKVIKKPMDFSTIREKLSSGQYPNLETFALD
VRLVFDNCETFNEDDSDIGRAGHNMRKYFEKKWTDTFKVS
;
_entity_poly.pdbx_strand_id                 A 
_entity_poly.pdbx_target_identifier         ? 
# 
loop_
_pdbx_entity_nonpoly.entity_id 
_pdbx_entity_nonpoly.name 
_pdbx_entity_nonpoly.comp_id 
2 1,2-ETHANEDIOL                   EDO 
3 'PYRIDINE-2,6-DICARBOXYLIC ACID' PDC 
4 water                            HOH 
# 
loop_
_entity_poly_seq.entity_id 
_entity_poly_seq.num 
_entity_poly_seq.mon_id 
_entity_poly_seq.hetero 
1 1   TYR n 
1 2   PHE n 
1 3   GLN n 
1 4   SER n 
1 5   MET n 
1 6   SER n 
1 7   VAL n 
1 8   LYS n 
1 9   LYS n 
1 10  PRO n 
1 11  LYS n 
1 12  ARG n 
1 13  ASP n 
1 14  ASP n 
1 15  SER n 
1 16  LYS n 
1 17  ASP n 
1 18  LEU n 
1 19  ALA n 
1 20  LEU n 
1 21  CYS n 
1 22  SER n 
1 23  MET n 
1 24  ILE n 
1 25  LEU n 
1 26  THR n 
1 27  GLU n 
1 28  MET n 
1 29  GLU n 
1 30  THR n 
1 31  HIS n 
1 32  GLU n 
1 33  ASP n 
1 34  ALA n 
1 35  TRP n 
1 36  PRO n 
1 37  PHE n 
1 38  LEU n 
1 39  LEU n 
1 40  PRO n 
1 41  VAL n 
1 42  ASN n 
1 43  LEU n 
1 44  LYS n 
1 45  LEU n 
1 46  VAL n 
1 47  PRO n 
1 48  GLY n 
1 49  TYR n 
1 50  LYS n 
1 51  LYS n 
1 52  VAL n 
1 53  ILE n 
1 54  LYS n 
1 55  LYS n 
1 56  PRO n 
1 57  MET n 
1 58  ASP n 
1 59  PHE n 
1 60  SER n 
1 61  THR n 
1 62  ILE n 
1 63  ARG n 
1 64  GLU n 
1 65  LYS n 
1 66  LEU n 
1 67  SER n 
1 68  SER n 
1 69  GLY n 
1 70  GLN n 
1 71  TYR n 
1 72  PRO n 
1 73  ASN n 
1 74  LEU n 
1 75  GLU n 
1 76  THR n 
1 77  PHE n 
1 78  ALA n 
1 79  LEU n 
1 80  ASP n 
1 81  VAL n 
1 82  ARG n 
1 83  LEU n 
1 84  VAL n 
1 85  PHE n 
1 86  ASP n 
1 87  ASN n 
1 88  CYS n 
1 89  GLU n 
1 90  THR n 
1 91  PHE n 
1 92  ASN n 
1 93  GLU n 
1 94  ASP n 
1 95  ASP n 
1 96  SER n 
1 97  ASP n 
1 98  ILE n 
1 99  GLY n 
1 100 ARG n 
1 101 ALA n 
1 102 GLY n 
1 103 HIS n 
1 104 ASN n 
1 105 MET n 
1 106 ARG n 
1 107 LYS n 
1 108 TYR n 
1 109 PHE n 
1 110 GLU n 
1 111 LYS n 
1 112 LYS n 
1 113 TRP n 
1 114 THR n 
1 115 ASP n 
1 116 THR n 
1 117 PHE n 
1 118 LYS n 
1 119 VAL n 
1 120 SER n 
# 
_entity_src_gen.entity_id                          1 
_entity_src_gen.pdbx_src_id                        1 
_entity_src_gen.pdbx_alt_source_flag               sample 
_entity_src_gen.pdbx_seq_type                      'Biological sequence' 
_entity_src_gen.pdbx_beg_seq_num                   1 
_entity_src_gen.pdbx_end_seq_num                   120 
_entity_src_gen.gene_src_common_name               Human 
_entity_src_gen.gene_src_genus                     ? 
_entity_src_gen.pdbx_gene_src_gene                 'BAZ2B, KIAA1476' 
_entity_src_gen.gene_src_species                   ? 
_entity_src_gen.gene_src_strain                    ? 
_entity_src_gen.gene_src_tissue                    ? 
_entity_src_gen.gene_src_tissue_fraction           ? 
_entity_src_gen.gene_src_details                   ? 
_entity_src_gen.pdbx_gene_src_fragment             ? 
_entity_src_gen.pdbx_gene_src_scientific_name      'Homo sapiens' 
_entity_src_gen.pdbx_gene_src_ncbi_taxonomy_id     9606 
_entity_src_gen.pdbx_gene_src_variant              ? 
_entity_src_gen.pdbx_gene_src_cell_line            ? 
_entity_src_gen.pdbx_gene_src_atcc                 ? 
_entity_src_gen.pdbx_gene_src_organ                ? 
_entity_src_gen.pdbx_gene_src_organelle            ? 
_entity_src_gen.pdbx_gene_src_cell                 ? 
_entity_src_gen.pdbx_gene_src_cellular_location    ? 
_entity_src_gen.host_org_common_name               ? 
_entity_src_gen.pdbx_host_org_scientific_name      'Escherichia coli' 
_entity_src_gen.pdbx_host_org_ncbi_taxonomy_id     562 
_entity_src_gen.host_org_genus                     ? 
_entity_src_gen.pdbx_host_org_gene                 ? 
_entity_src_gen.pdbx_host_org_organ                ? 
_entity_src_gen.host_org_species                   ? 
_entity_src_gen.pdbx_host_org_tissue               ? 
_entity_src_gen.pdbx_host_org_tissue_fraction      ? 
_entity_src_gen.pdbx_host_org_strain               ? 
_entity_src_gen.pdbx_host_org_variant              ? 
_entity_src_gen.pdbx_host_org_cell_line            ? 
_entity_src_gen.pdbx_host_org_atcc                 ? 
_entity_src_gen.pdbx_host_org_culture_collection   ? 
_entity_src_gen.pdbx_host_org_cell                 ? 
_entity_src_gen.pdbx_host_org_organelle            ? 
_entity_src_gen.pdbx_host_org_cellular_location    ? 
_entity_src_gen.pdbx_host_org_vector_type          ? 
_entity_src_gen.pdbx_host_org_vector               ? 
_entity_src_gen.host_org_details                   ? 
_entity_src_gen.expression_system_id               ? 
_entity_src_gen.plasmid_name                       pNIC28 
_entity_src_gen.plasmid_details                    ? 
_entity_src_gen.pdbx_description                   ? 
# 
loop_
_chem_comp.id 
_chem_comp.type 
_chem_comp.mon_nstd_flag 
_chem_comp.name 
_chem_comp.pdbx_synonyms 
_chem_comp.formula 
_chem_comp.formula_weight 
ALA 'L-peptide linking' y ALANINE                          ?                  'C3 H7 N O2'     89.093  
ARG 'L-peptide linking' y ARGININE                         ?                  'C6 H15 N4 O2 1' 175.209 
ASN 'L-peptide linking' y ASPARAGINE                       ?                  'C4 H8 N2 O3'    132.118 
ASP 'L-peptide linking' y 'ASPARTIC ACID'                  ?                  'C4 H7 N O4'     133.103 
CYS 'L-peptide linking' y CYSTEINE                         ?                  'C3 H7 N O2 S'   121.158 
EDO non-polymer         . 1,2-ETHANEDIOL                   'ETHYLENE GLYCOL'  'C2 H6 O2'       62.068  
GLN 'L-peptide linking' y GLUTAMINE                        ?                  'C5 H10 N2 O3'   146.144 
GLU 'L-peptide linking' y 'GLUTAMIC ACID'                  ?                  'C5 H9 N O4'     147.129 
GLY 'peptide linking'   y GLYCINE                          ?                  'C2 H5 N O2'     75.067  
HIS 'L-peptide linking' y HISTIDINE                        ?                  'C6 H10 N3 O2 1' 156.162 
HOH non-polymer         . WATER                            ?                  'H2 O'           18.015  
ILE 'L-peptide linking' y ISOLEUCINE                       ?                  'C6 H13 N O2'    131.173 
LEU 'L-peptide linking' y LEUCINE                          ?                  'C6 H13 N O2'    131.173 
LYS 'L-peptide linking' y LYSINE                           ?                  'C6 H15 N2 O2 1' 147.195 
MET 'L-peptide linking' y METHIONINE                       ?                  'C5 H11 N O2 S'  149.211 
PDC non-polymer         . 'PYRIDINE-2,6-DICARBOXYLIC ACID' 'DIPICOLINIC ACID' 'C7 H5 N O4'     167.119 
PHE 'L-peptide linking' y PHENYLALANINE                    ?                  'C9 H11 N O2'    165.189 
PRO 'L-peptide linking' y PROLINE                          ?                  'C5 H9 N O2'     115.130 
SER 'L-peptide linking' y SERINE                           ?                  'C3 H7 N O3'     105.093 
THR 'L-peptide linking' y THREONINE                        ?                  'C4 H9 N O3'     119.119 
TRP 'L-peptide linking' y TRYPTOPHAN                       ?                  'C11 H12 N2 O2'  204.225 
TYR 'L-peptide linking' y TYROSINE                         ?                  'C9 H11 N O3'    181.189 
VAL 'L-peptide linking' y VALINE                           ?                  'C5 H11 N O2'    117.146 
# 
loop_
_pdbx_poly_seq_scheme.asym_id 
_pdbx_poly_seq_scheme.entity_id 
_pdbx_poly_seq_scheme.seq_id 
_pdbx_poly_seq_scheme.mon_id 
_pdbx_poly_seq_scheme.ndb_seq_num 
_pdbx_poly_seq_scheme.pdb_seq_num 
_pdbx_poly_seq_scheme.auth_seq_num 
_pdbx_poly_seq_scheme.pdb_mon_id 
_pdbx_poly_seq_scheme.auth_mon_id 
_pdbx_poly_seq_scheme.pdb_strand_id 
_pdbx_poly_seq_scheme.pdb_ins_code 
_pdbx_poly_seq_scheme.hetero 
A 1 1   TYR 1   1853 ?    ?   ?   A . n 
A 1 2   PHE 2   1854 ?    ?   ?   A . n 
A 1 3   GLN 3   1855 ?    ?   ?   A . n 
A 1 4   SER 4   1856 1856 SER SER A . n 
A 1 5   MET 5   1857 1857 MET MET A . n 
A 1 6   SER 6   1858 1858 SER SER A . n 
A 1 7   VAL 7   1859 1859 VAL VAL A . n 
A 1 8   LYS 8   1860 1860 LYS LYS A . n 
A 1 9   LYS 9   1861 1861 LYS LYS A . n 
A 1 10  PRO 10  1862 1862 PRO PRO A . n 
A 1 11  LYS 11  1863 1863 LYS LYS A . n 
A 1 12  ARG 12  1864 1864 ARG ARG A . n 
A 1 13  ASP 13  1865 1865 ASP ASP A . n 
A 1 14  ASP 14  1866 1866 ASP ASP A . n 
A 1 15  SER 15  1867 1867 SER SER A . n 
A 1 16  LYS 16  1868 1868 LYS LYS A . n 
A 1 17  ASP 17  1869 1869 ASP ASP A . n 
A 1 18  LEU 18  1870 1870 LEU LEU A . n 
A 1 19  ALA 19  1871 1871 ALA ALA A . n 
A 1 20  LEU 20  1872 1872 LEU LEU A . n 
A 1 21  CYS 21  1873 1873 CYS CYS A . n 
A 1 22  SER 22  1874 1874 SER SER A . n 
A 1 23  MET 23  1875 1875 MET MET A . n 
A 1 24  ILE 24  1876 1876 ILE ILE A . n 
A 1 25  LEU 25  1877 1877 LEU LEU A . n 
A 1 26  THR 26  1878 1878 THR THR A . n 
A 1 27  GLU 27  1879 1879 GLU GLU A . n 
A 1 28  MET 28  1880 1880 MET MET A . n 
A 1 29  GLU 29  1881 1881 GLU GLU A . n 
A 1 30  THR 30  1882 1882 THR THR A . n 
A 1 31  HIS 31  1883 1883 HIS HIS A . n 
A 1 32  GLU 32  1884 1884 GLU GLU A . n 
A 1 33  ASP 33  1885 1885 ASP ASP A . n 
A 1 34  ALA 34  1886 1886 ALA ALA A . n 
A 1 35  TRP 35  1887 1887 TRP TRP A . n 
A 1 36  PRO 36  1888 1888 PRO PRO A . n 
A 1 37  PHE 37  1889 1889 PHE PHE A . n 
A 1 38  LEU 38  1890 1890 LEU LEU A . n 
A 1 39  LEU 39  1891 1891 LEU LEU A . n 
A 1 40  PRO 40  1892 1892 PRO PRO A . n 
A 1 41  VAL 41  1893 1893 VAL VAL A . n 
A 1 42  ASN 42  1894 1894 ASN ASN A . n 
A 1 43  LEU 43  1895 1895 LEU LEU A . n 
A 1 44  LYS 44  1896 1896 LYS LYS A . n 
A 1 45  LEU 45  1897 1897 LEU LEU A . n 
A 1 46  VAL 46  1898 1898 VAL VAL A . n 
A 1 47  PRO 47  1899 1899 PRO PRO A . n 
A 1 48  GLY 48  1900 1900 GLY GLY A . n 
A 1 49  TYR 49  1901 1901 TYR TYR A . n 
A 1 50  LYS 50  1902 1902 LYS LYS A . n 
A 1 51  LYS 51  1903 1903 LYS LYS A . n 
A 1 52  VAL 52  1904 1904 VAL VAL A . n 
A 1 53  ILE 53  1905 1905 ILE ILE A . n 
A 1 54  LYS 54  1906 1906 LYS LYS A . n 
A 1 55  LYS 55  1907 1907 LYS LYS A . n 
A 1 56  PRO 56  1908 1908 PRO PRO A . n 
A 1 57  MET 57  1909 1909 MET MET A . n 
A 1 58  ASP 58  1910 1910 ASP ASP A . n 
A 1 59  PHE 59  1911 1911 PHE PHE A . n 
A 1 60  SER 60  1912 1912 SER SER A . n 
A 1 61  THR 61  1913 1913 THR THR A . n 
A 1 62  ILE 62  1914 1914 ILE ILE A . n 
A 1 63  ARG 63  1915 1915 ARG ARG A . n 
A 1 64  GLU 64  1916 1916 GLU GLU A . n 
A 1 65  LYS 65  1917 1917 LYS LYS A . n 
A 1 66  LEU 66  1918 1918 LEU LEU A . n 
A 1 67  SER 67  1919 1919 SER SER A . n 
A 1 68  SER 68  1920 1920 SER SER A . n 
A 1 69  GLY 69  1921 1921 GLY GLY A . n 
A 1 70  GLN 70  1922 1922 GLN GLN A . n 
A 1 71  TYR 71  1923 1923 TYR TYR A . n 
A 1 72  PRO 72  1924 1924 PRO PRO A . n 
A 1 73  ASN 73  1925 1925 ASN ASN A . n 
A 1 74  LEU 74  1926 1926 LEU LEU A . n 
A 1 75  GLU 75  1927 1927 GLU GLU A . n 
A 1 76  THR 76  1928 1928 THR THR A . n 
A 1 77  PHE 77  1929 1929 PHE PHE A . n 
A 1 78  ALA 78  1930 1930 ALA ALA A . n 
A 1 79  LEU 79  1931 1931 LEU LEU A . n 
A 1 80  ASP 80  1932 1932 ASP ASP A . n 
A 1 81  VAL 81  1933 1933 VAL VAL A . n 
A 1 82  ARG 82  1934 1934 ARG ARG A . n 
A 1 83  LEU 83  1935 1935 LEU LEU A . n 
A 1 84  VAL 84  1936 1936 VAL VAL A . n 
A 1 85  PHE 85  1937 1937 PHE PHE A . n 
A 1 86  ASP 86  1938 1938 ASP ASP A . n 
A 1 87  ASN 87  1939 1939 ASN ASN A . n 
A 1 88  CYS 88  1940 1940 CYS CYS A . n 
A 1 89  GLU 89  1941 1941 GLU GLU A . n 
A 1 90  THR 90  1942 1942 THR THR A . n 
A 1 91  PHE 91  1943 1943 PHE PHE A . n 
A 1 92  ASN 92  1944 1944 ASN ASN A . n 
A 1 93  GLU 93  1945 1945 GLU GLU A . n 
A 1 94  ASP 94  1946 1946 ASP ASP A . n 
A 1 95  ASP 95  1947 1947 ASP ASP A . n 
A 1 96  SER 96  1948 1948 SER SER A . n 
A 1 97  ASP 97  1949 1949 ASP ASP A . n 
A 1 98  ILE 98  1950 1950 ILE ILE A . n 
A 1 99  GLY 99  1951 1951 GLY GLY A . n 
A 1 100 ARG 100 1952 1952 ARG ARG A . n 
A 1 101 ALA 101 1953 1953 ALA ALA A . n 
A 1 102 GLY 102 1954 1954 GLY GLY A . n 
A 1 103 HIS 103 1955 1955 HIS HIS A . n 
A 1 104 ASN 104 1956 1956 ASN ASN A . n 
A 1 105 MET 105 1957 1957 MET MET A . n 
A 1 106 ARG 106 1958 1958 ARG ARG A . n 
A 1 107 LYS 107 1959 1959 LYS LYS A . n 
A 1 108 TYR 108 1960 1960 TYR TYR A . n 
A 1 109 PHE 109 1961 1961 PHE PHE A . n 
A 1 110 GLU 110 1962 1962 GLU GLU A . n 
A 1 111 LYS 111 1963 1963 LYS LYS A . n 
A 1 112 LYS 112 1964 1964 LYS LYS A . n 
A 1 113 TRP 113 1965 1965 TRP TRP A . n 
A 1 114 THR 114 1966 1966 THR THR A . n 
A 1 115 ASP 115 1967 1967 ASP ASP A . n 
A 1 116 THR 116 1968 1968 THR THR A . n 
A 1 117 PHE 117 1969 1969 PHE PHE A . n 
A 1 118 LYS 118 1970 1970 LYS LYS A . n 
A 1 119 VAL 119 1971 ?    ?   ?   A . n 
A 1 120 SER 120 1972 ?    ?   ?   A . n 
# 
loop_
_pdbx_nonpoly_scheme.asym_id 
_pdbx_nonpoly_scheme.entity_id 
_pdbx_nonpoly_scheme.mon_id 
_pdbx_nonpoly_scheme.ndb_seq_num 
_pdbx_nonpoly_scheme.pdb_seq_num 
_pdbx_nonpoly_scheme.auth_seq_num 
_pdbx_nonpoly_scheme.pdb_mon_id 
_pdbx_nonpoly_scheme.auth_mon_id 
_pdbx_nonpoly_scheme.pdb_strand_id 
_pdbx_nonpoly_scheme.pdb_ins_code 
B 2 EDO 1   2001 1   EDO EDO A . 
C 2 EDO 1   2002 2   EDO EDO A . 
D 3 PDC 1   2003 1   PDC LIG A . 
E 3 PDC 1   2004 2   PDC LIG A . 
F 4 HOH 1   2101 126 HOH HOH A . 
F 4 HOH 2   2102 88  HOH HOH A . 
F 4 HOH 3   2103 84  HOH HOH A . 
F 4 HOH 4   2104 135 HOH HOH A . 
F 4 HOH 5   2105 92  HOH HOH A . 
F 4 HOH 6   2106 23  HOH HOH A . 
F 4 HOH 7   2107 86  HOH HOH A . 
F 4 HOH 8   2108 75  HOH HOH A . 
F 4 HOH 9   2109 46  HOH HOH A . 
F 4 HOH 10  2110 133 HOH HOH A . 
F 4 HOH 11  2111 47  HOH HOH A . 
F 4 HOH 12  2112 95  HOH HOH A . 
F 4 HOH 13  2113 132 HOH HOH A . 
F 4 HOH 14  2114 128 HOH HOH A . 
F 4 HOH 15  2115 70  HOH HOH A . 
F 4 HOH 16  2116 43  HOH HOH A . 
F 4 HOH 17  2117 42  HOH HOH A . 
F 4 HOH 18  2118 79  HOH HOH A . 
F 4 HOH 19  2119 30  HOH HOH A . 
F 4 HOH 20  2120 74  HOH HOH A . 
F 4 HOH 21  2121 14  HOH HOH A . 
F 4 HOH 22  2122 29  HOH HOH A . 
F 4 HOH 23  2123 111 HOH HOH A . 
F 4 HOH 24  2124 123 HOH HOH A . 
F 4 HOH 25  2125 45  HOH HOH A . 
F 4 HOH 26  2126 2   HOH HOH A . 
F 4 HOH 27  2127 120 HOH HOH A . 
F 4 HOH 28  2128 138 HOH HOH A . 
F 4 HOH 29  2129 7   HOH HOH A . 
F 4 HOH 30  2130 91  HOH HOH A . 
F 4 HOH 31  2131 61  HOH HOH A . 
F 4 HOH 32  2132 16  HOH HOH A . 
F 4 HOH 33  2133 33  HOH HOH A . 
F 4 HOH 34  2134 10  HOH HOH A . 
F 4 HOH 35  2135 51  HOH HOH A . 
F 4 HOH 36  2136 53  HOH HOH A . 
F 4 HOH 37  2137 59  HOH HOH A . 
F 4 HOH 38  2138 44  HOH HOH A . 
F 4 HOH 39  2139 5   HOH HOH A . 
F 4 HOH 40  2140 110 HOH HOH A . 
F 4 HOH 41  2141 27  HOH HOH A . 
F 4 HOH 42  2142 87  HOH HOH A . 
F 4 HOH 43  2143 9   HOH HOH A . 
F 4 HOH 44  2144 94  HOH HOH A . 
F 4 HOH 45  2145 93  HOH HOH A . 
F 4 HOH 46  2146 66  HOH HOH A . 
F 4 HOH 47  2147 54  HOH HOH A . 
F 4 HOH 48  2148 4   HOH HOH A . 
F 4 HOH 49  2149 37  HOH HOH A . 
F 4 HOH 50  2150 81  HOH HOH A . 
F 4 HOH 51  2151 104 HOH HOH A . 
F 4 HOH 52  2152 6   HOH HOH A . 
F 4 HOH 53  2153 35  HOH HOH A . 
F 4 HOH 54  2154 24  HOH HOH A . 
F 4 HOH 55  2155 73  HOH HOH A . 
F 4 HOH 56  2156 20  HOH HOH A . 
F 4 HOH 57  2157 15  HOH HOH A . 
F 4 HOH 58  2158 1   HOH HOH A . 
F 4 HOH 59  2159 17  HOH HOH A . 
F 4 HOH 60  2160 62  HOH HOH A . 
F 4 HOH 61  2161 76  HOH HOH A . 
F 4 HOH 62  2162 102 HOH HOH A . 
F 4 HOH 63  2163 31  HOH HOH A . 
F 4 HOH 64  2164 34  HOH HOH A . 
F 4 HOH 65  2165 19  HOH HOH A . 
F 4 HOH 66  2166 139 HOH HOH A . 
F 4 HOH 67  2167 40  HOH HOH A . 
F 4 HOH 68  2168 39  HOH HOH A . 
F 4 HOH 69  2169 137 HOH HOH A . 
F 4 HOH 70  2170 124 HOH HOH A . 
F 4 HOH 71  2171 8   HOH HOH A . 
F 4 HOH 72  2172 21  HOH HOH A . 
F 4 HOH 73  2173 113 HOH HOH A . 
F 4 HOH 74  2174 58  HOH HOH A . 
F 4 HOH 75  2175 90  HOH HOH A . 
F 4 HOH 76  2176 106 HOH HOH A . 
F 4 HOH 77  2177 63  HOH HOH A . 
F 4 HOH 78  2178 18  HOH HOH A . 
F 4 HOH 79  2179 32  HOH HOH A . 
F 4 HOH 80  2180 134 HOH HOH A . 
F 4 HOH 81  2181 52  HOH HOH A . 
F 4 HOH 82  2182 122 HOH HOH A . 
F 4 HOH 83  2183 12  HOH HOH A . 
F 4 HOH 84  2184 28  HOH HOH A . 
F 4 HOH 85  2185 98  HOH HOH A . 
F 4 HOH 86  2186 55  HOH HOH A . 
F 4 HOH 87  2187 13  HOH HOH A . 
F 4 HOH 88  2188 78  HOH HOH A . 
F 4 HOH 89  2189 67  HOH HOH A . 
F 4 HOH 90  2190 114 HOH HOH A . 
F 4 HOH 91  2191 100 HOH HOH A . 
F 4 HOH 92  2192 41  HOH HOH A . 
F 4 HOH 93  2193 68  HOH HOH A . 
F 4 HOH 94  2194 64  HOH HOH A . 
F 4 HOH 95  2195 38  HOH HOH A . 
F 4 HOH 96  2196 3   HOH HOH A . 
F 4 HOH 97  2197 26  HOH HOH A . 
F 4 HOH 98  2198 109 HOH HOH A . 
F 4 HOH 99  2199 11  HOH HOH A . 
F 4 HOH 100 2200 117 HOH HOH A . 
F 4 HOH 101 2201 80  HOH HOH A . 
F 4 HOH 102 2202 56  HOH HOH A . 
F 4 HOH 103 2203 25  HOH HOH A . 
F 4 HOH 104 2204 130 HOH HOH A . 
F 4 HOH 105 2205 85  HOH HOH A . 
F 4 HOH 106 2206 107 HOH HOH A . 
F 4 HOH 107 2207 82  HOH HOH A . 
F 4 HOH 108 2208 136 HOH HOH A . 
F 4 HOH 109 2209 131 HOH HOH A . 
F 4 HOH 110 2210 125 HOH HOH A . 
F 4 HOH 111 2211 105 HOH HOH A . 
F 4 HOH 112 2212 108 HOH HOH A . 
F 4 HOH 113 2213 36  HOH HOH A . 
F 4 HOH 114 2214 99  HOH HOH A . 
F 4 HOH 115 2215 57  HOH HOH A . 
F 4 HOH 116 2216 71  HOH HOH A . 
F 4 HOH 117 2217 103 HOH HOH A . 
F 4 HOH 118 2218 69  HOH HOH A . 
F 4 HOH 119 2219 77  HOH HOH A . 
F 4 HOH 120 2220 115 HOH HOH A . 
F 4 HOH 121 2221 97  HOH HOH A . 
F 4 HOH 122 2222 112 HOH HOH A . 
F 4 HOH 123 2223 50  HOH HOH A . 
F 4 HOH 124 2224 116 HOH HOH A . 
F 4 HOH 125 2225 48  HOH HOH A . 
F 4 HOH 126 2226 119 HOH HOH A . 
F 4 HOH 127 2227 140 HOH HOH A . 
F 4 HOH 128 2228 96  HOH HOH A . 
F 4 HOH 129 2229 65  HOH HOH A . 
F 4 HOH 130 2230 101 HOH HOH A . 
F 4 HOH 131 2231 83  HOH HOH A . 
# 
loop_
_pdbx_unobs_or_zero_occ_atoms.id 
_pdbx_unobs_or_zero_occ_atoms.PDB_model_num 
_pdbx_unobs_or_zero_occ_atoms.polymer_flag 
_pdbx_unobs_or_zero_occ_atoms.occupancy_flag 
_pdbx_unobs_or_zero_occ_atoms.auth_asym_id 
_pdbx_unobs_or_zero_occ_atoms.auth_comp_id 
_pdbx_unobs_or_zero_occ_atoms.auth_seq_id 
_pdbx_unobs_or_zero_occ_atoms.PDB_ins_code 
_pdbx_unobs_or_zero_occ_atoms.auth_atom_id 
_pdbx_unobs_or_zero_occ_atoms.label_alt_id 
_pdbx_unobs_or_zero_occ_atoms.label_asym_id 
_pdbx_unobs_or_zero_occ_atoms.label_comp_id 
_pdbx_unobs_or_zero_occ_atoms.label_seq_id 
_pdbx_unobs_or_zero_occ_atoms.label_atom_id 
1  1 Y 1 A LYS 1863 ? CG ? A LYS 11  CG 
2  1 Y 1 A LYS 1863 ? CD ? A LYS 11  CD 
3  1 Y 1 A LYS 1863 ? CE ? A LYS 11  CE 
4  1 Y 1 A LYS 1863 ? NZ ? A LYS 11  NZ 
5  1 Y 1 A LYS 1868 ? CE ? A LYS 16  CE 
6  1 Y 1 A LYS 1868 ? NZ ? A LYS 16  NZ 
7  1 Y 1 A LYS 1970 ? CG ? A LYS 118 CG 
8  1 Y 1 A LYS 1970 ? CD ? A LYS 118 CD 
9  1 Y 1 A LYS 1970 ? CE ? A LYS 118 CE 
10 1 Y 1 A LYS 1970 ? NZ ? A LYS 118 NZ 
# 
loop_
_software.citation_id 
_software.classification 
_software.compiler_name 
_software.compiler_version 
_software.contact_author 
_software.contact_author_email 
_software.date 
_software.description 
_software.dependencies 
_software.hardware 
_software.language 
_software.location 
_software.mods 
_software.name 
_software.os 
_software.os_version 
_software.type 
_software.version 
_software.pdbx_ordinal 
? 'data scaling'    ? ? ? ? ? ? ? ? ? ? ? Aimless     ? ? ? 0.1.29 1 
? refinement        ? ? ? ? ? ? ? ? ? ? ? PHENIX      ? ? ? .      2 
? 'data extraction' ? ? ? ? ? ? ? ? ? ? ? PDB_EXTRACT ? ? ? 3.15   3 
# 
_cell.angle_alpha                  90.000 
_cell.angle_alpha_esd              ? 
_cell.angle_beta                   90.000 
_cell.angle_beta_esd               ? 
_cell.angle_gamma                  90.000 
_cell.angle_gamma_esd              ? 
_cell.entry_id                     5CQ6 
_cell.details                      ? 
_cell.formula_units_Z              ? 
_cell.length_a                     80.845 
_cell.length_a_esd                 ? 
_cell.length_b                     96.600 
_cell.length_b_esd                 ? 
_cell.length_c                     58.339 
_cell.length_c_esd                 ? 
_cell.volume                       ? 
_cell.volume_esd                   ? 
_cell.Z_PDB                        8 
_cell.reciprocal_angle_alpha       ? 
_cell.reciprocal_angle_beta        ? 
_cell.reciprocal_angle_gamma       ? 
_cell.reciprocal_angle_alpha_esd   ? 
_cell.reciprocal_angle_beta_esd    ? 
_cell.reciprocal_angle_gamma_esd   ? 
_cell.reciprocal_length_a          ? 
_cell.reciprocal_length_b          ? 
_cell.reciprocal_length_c          ? 
_cell.reciprocal_length_a_esd      ? 
_cell.reciprocal_length_b_esd      ? 
_cell.reciprocal_length_c_esd      ? 
_cell.pdbx_unique_axis             ? 
# 
_symmetry.entry_id                         5CQ6 
_symmetry.cell_setting                     ? 
_symmetry.Int_Tables_number                20 
_symmetry.space_group_name_Hall            ? 
_symmetry.space_group_name_H-M             'C 2 2 21' 
_symmetry.pdbx_full_space_group_name_H-M   ? 
# 
_exptl.absorpt_coefficient_mu     ? 
_exptl.absorpt_correction_T_max   ? 
_exptl.absorpt_correction_T_min   ? 
_exptl.absorpt_correction_type    ? 
_exptl.absorpt_process_details    ? 
_exptl.entry_id                   5CQ6 
_exptl.crystals_number            1 
_exptl.details                    ? 
_exptl.method                     'X-RAY DIFFRACTION' 
_exptl.method_details             ? 
# 
_exptl_crystal.colour                      ? 
_exptl_crystal.density_diffrn              ? 
_exptl_crystal.density_Matthews            4.05 
_exptl_crystal.density_method              ? 
_exptl_crystal.density_percent_sol         69.64 
_exptl_crystal.description                 ? 
_exptl_crystal.F_000                       ? 
_exptl_crystal.id                          1 
_exptl_crystal.preparation                 ? 
_exptl_crystal.size_max                    ? 
_exptl_crystal.size_mid                    ? 
_exptl_crystal.size_min                    ? 
_exptl_crystal.size_rad                    ? 
_exptl_crystal.colour_lustre               ? 
_exptl_crystal.colour_modifier             ? 
_exptl_crystal.colour_primary              ? 
_exptl_crystal.density_meas                ? 
_exptl_crystal.density_meas_esd            ? 
_exptl_crystal.density_meas_gt             ? 
_exptl_crystal.density_meas_lt             ? 
_exptl_crystal.density_meas_temp           ? 
_exptl_crystal.density_meas_temp_esd       ? 
_exptl_crystal.density_meas_temp_gt        ? 
_exptl_crystal.density_meas_temp_lt        ? 
_exptl_crystal.pdbx_crystal_image_url      ? 
_exptl_crystal.pdbx_crystal_image_format   ? 
_exptl_crystal.pdbx_mosaicity              ? 
_exptl_crystal.pdbx_mosaicity_esd          ? 
# 
_exptl_crystal_grow.apparatus       ? 
_exptl_crystal_grow.atmosphere      ? 
_exptl_crystal_grow.crystal_id      1 
_exptl_crystal_grow.details         ? 
_exptl_crystal_grow.method          'VAPOR DIFFUSION, SITTING DROP' 
_exptl_crystal_grow.method_ref      ? 
_exptl_crystal_grow.pH              6.0 
_exptl_crystal_grow.pressure        ? 
_exptl_crystal_grow.pressure_esd    ? 
_exptl_crystal_grow.seeding         ? 
_exptl_crystal_grow.seeding_ref     ? 
_exptl_crystal_grow.temp            277 
_exptl_crystal_grow.temp_details    ? 
_exptl_crystal_grow.temp_esd        ? 
_exptl_crystal_grow.time            ? 
_exptl_crystal_grow.pdbx_details    '30% PEG600 , 0.1M MES pH 6.0' 
_exptl_crystal_grow.pdbx_pH_range   ? 
# 
_diffrn.ambient_environment    ? 
_diffrn.ambient_temp           100 
_diffrn.ambient_temp_details   ? 
_diffrn.ambient_temp_esd       ? 
_diffrn.crystal_id             1 
_diffrn.crystal_support        ? 
_diffrn.crystal_treatment      ? 
_diffrn.details                ? 
_diffrn.id                     1 
_diffrn.ambient_pressure       ? 
_diffrn.ambient_pressure_esd   ? 
_diffrn.ambient_pressure_gt    ? 
_diffrn.ambient_pressure_lt    ? 
_diffrn.ambient_temp_gt        ? 
_diffrn.ambient_temp_lt        ? 
# 
_diffrn_detector.details                      ? 
_diffrn_detector.detector                     PIXEL 
_diffrn_detector.diffrn_id                    1 
_diffrn_detector.type                         'PSI PILATUS 6M' 
_diffrn_detector.area_resol_mean              ? 
_diffrn_detector.dtime                        ? 
_diffrn_detector.pdbx_frames_total            ? 
_diffrn_detector.pdbx_collection_time_total   ? 
_diffrn_detector.pdbx_collection_date         2013-03-10 
# 
_diffrn_radiation.collimation                      ? 
_diffrn_radiation.diffrn_id                        1 
_diffrn_radiation.filter_edge                      ? 
_diffrn_radiation.inhomogeneity                    ? 
_diffrn_radiation.monochromator                    ? 
_diffrn_radiation.polarisn_norm                    ? 
_diffrn_radiation.polarisn_ratio                   ? 
_diffrn_radiation.probe                            ? 
_diffrn_radiation.type                             ? 
_diffrn_radiation.xray_symbol                      ? 
_diffrn_radiation.wavelength_id                    1 
_diffrn_radiation.pdbx_monochromatic_or_laue_m_l   M 
_diffrn_radiation.pdbx_wavelength_list             ? 
_diffrn_radiation.pdbx_wavelength                  ? 
_diffrn_radiation.pdbx_diffrn_protocol             'SINGLE WAVELENGTH' 
_diffrn_radiation.pdbx_analyzer                    ? 
_diffrn_radiation.pdbx_scattering_type             x-ray 
# 
_diffrn_radiation_wavelength.id           1 
_diffrn_radiation_wavelength.wavelength   0.987 
_diffrn_radiation_wavelength.wt           1.0 
# 
_diffrn_source.current                     ? 
_diffrn_source.details                     ? 
_diffrn_source.diffrn_id                   1 
_diffrn_source.power                       ? 
_diffrn_source.size                        ? 
_diffrn_source.source                      SYNCHROTRON 
_diffrn_source.target                      ? 
_diffrn_source.type                        'DIAMOND BEAMLINE I04-1' 
_diffrn_source.voltage                     ? 
_diffrn_source.take-off_angle              ? 
_diffrn_source.pdbx_wavelength_list        0.987 
_diffrn_source.pdbx_wavelength             ? 
_diffrn_source.pdbx_synchrotron_beamline   I04-1 
_diffrn_source.pdbx_synchrotron_site       Diamond 
# 
_reflns.B_iso_Wilson_estimate            ? 
_reflns.entry_id                         5CQ6 
_reflns.data_reduction_details           ? 
_reflns.data_reduction_method            ? 
_reflns.d_resolution_high                1.970 
_reflns.d_resolution_low                 29.170 
_reflns.details                          ? 
_reflns.limit_h_max                      ? 
_reflns.limit_h_min                      ? 
_reflns.limit_k_max                      ? 
_reflns.limit_k_min                      ? 
_reflns.limit_l_max                      ? 
_reflns.limit_l_min                      ? 
_reflns.number_all                       ? 
_reflns.number_obs                       16453 
_reflns.observed_criterion               ? 
_reflns.observed_criterion_F_max         ? 
_reflns.observed_criterion_F_min         ? 
_reflns.observed_criterion_I_max         ? 
_reflns.observed_criterion_I_min         ? 
_reflns.observed_criterion_sigma_F       ? 
_reflns.observed_criterion_sigma_I       ? 
_reflns.percent_possible_obs             99.300 
_reflns.R_free_details                   ? 
_reflns.Rmerge_F_all                     ? 
_reflns.Rmerge_F_obs                     ? 
_reflns.Friedel_coverage                 ? 
_reflns.number_gt                        ? 
_reflns.threshold_expression             ? 
_reflns.pdbx_redundancy                  6.500 
_reflns.pdbx_Rmerge_I_obs                0.084 
_reflns.pdbx_Rmerge_I_all                ? 
_reflns.pdbx_Rsym_value                  ? 
_reflns.pdbx_netI_over_av_sigmaI         ? 
_reflns.pdbx_netI_over_sigmaI            15.900 
_reflns.pdbx_res_netI_over_av_sigmaI_2   ? 
_reflns.pdbx_res_netI_over_sigmaI_2      ? 
_reflns.pdbx_chi_squared                 ? 
_reflns.pdbx_scaling_rejects             1 
_reflns.pdbx_d_res_high_opt              ? 
_reflns.pdbx_d_res_low_opt               ? 
_reflns.pdbx_d_res_opt_method            ? 
_reflns.phase_calculation_details        ? 
_reflns.pdbx_Rrim_I_all                  ? 
_reflns.pdbx_Rpim_I_all                  0.036 
_reflns.pdbx_d_opt                       ? 
_reflns.pdbx_number_measured_all         106277 
_reflns.pdbx_diffrn_id                   1 
_reflns.pdbx_ordinal                     1 
_reflns.pdbx_CC_half                     0.999 
_reflns.pdbx_R_split                     ? 
# 
loop_
_reflns_shell.d_res_high 
_reflns_shell.d_res_low 
_reflns_shell.meanI_over_sigI_all 
_reflns_shell.meanI_over_sigI_obs 
_reflns_shell.number_measured_all 
_reflns_shell.number_measured_obs 
_reflns_shell.number_possible 
_reflns_shell.number_unique_all 
_reflns_shell.number_unique_obs 
_reflns_shell.percent_possible_all 
_reflns_shell.percent_possible_obs 
_reflns_shell.Rmerge_F_all 
_reflns_shell.Rmerge_F_obs 
_reflns_shell.Rmerge_I_all 
_reflns_shell.Rmerge_I_obs 
_reflns_shell.meanI_over_sigI_gt 
_reflns_shell.meanI_over_uI_all 
_reflns_shell.meanI_over_uI_gt 
_reflns_shell.number_measured_gt 
_reflns_shell.number_unique_gt 
_reflns_shell.percent_possible_gt 
_reflns_shell.Rmerge_F_gt 
_reflns_shell.Rmerge_I_gt 
_reflns_shell.pdbx_redundancy 
_reflns_shell.pdbx_Rsym_value 
_reflns_shell.pdbx_chi_squared 
_reflns_shell.pdbx_netI_over_sigmaI_all 
_reflns_shell.pdbx_netI_over_sigmaI_obs 
_reflns_shell.pdbx_Rrim_I_all 
_reflns_shell.pdbx_Rpim_I_all 
_reflns_shell.pdbx_rejects 
_reflns_shell.pdbx_ordinal 
_reflns_shell.pdbx_diffrn_id 
_reflns_shell.pdbx_CC_half 
_reflns_shell.pdbx_R_split 
1.970 2.020  ? 2.100  6641 ? ? 1129 ? 93.600 ? ? ? ? 0.809 ? ? ? ? ? ? ? ? 5.900 ? ? ? ? ? 0.354 0 1 1 0.790 ? 
8.800 29.170 ? 57.600 1333 ? ? 217  ? 97.600 ? ? ? ? 0.029 ? ? ? ? ? ? ? ? 6.100 ? ? ? ? ? 0.013 0 2 1 0.999 ? 
# 
_refine.aniso_B[1][1]                            ? 
_refine.aniso_B[1][2]                            ? 
_refine.aniso_B[1][3]                            ? 
_refine.aniso_B[2][2]                            ? 
_refine.aniso_B[2][3]                            ? 
_refine.aniso_B[3][3]                            ? 
_refine.B_iso_max                                65.480 
_refine.B_iso_mean                               31.7177 
_refine.B_iso_min                                18.550 
_refine.correlation_coeff_Fo_to_Fc               ? 
_refine.correlation_coeff_Fo_to_Fc_free          ? 
_refine.details                                  ? 
_refine.diff_density_max                         ? 
_refine.diff_density_max_esd                     ? 
_refine.diff_density_min                         ? 
_refine.diff_density_min_esd                     ? 
_refine.diff_density_rms                         ? 
_refine.diff_density_rms_esd                     ? 
_refine.entry_id                                 5CQ6 
_refine.pdbx_refine_id                           'X-RAY DIFFRACTION' 
_refine.ls_abs_structure_details                 ? 
_refine.ls_abs_structure_Flack                   ? 
_refine.ls_abs_structure_Flack_esd               ? 
_refine.ls_abs_structure_Rogers                  ? 
_refine.ls_abs_structure_Rogers_esd              ? 
_refine.ls_d_res_high                            1.9700 
_refine.ls_d_res_low                             19.5350 
_refine.ls_extinction_coef                       ? 
_refine.ls_extinction_coef_esd                   ? 
_refine.ls_extinction_expression                 ? 
_refine.ls_extinction_method                     ? 
_refine.ls_goodness_of_fit_all                   ? 
_refine.ls_goodness_of_fit_all_esd               ? 
_refine.ls_goodness_of_fit_obs                   ? 
_refine.ls_goodness_of_fit_obs_esd               ? 
_refine.ls_hydrogen_treatment                    ? 
_refine.ls_matrix_type                           ? 
_refine.ls_number_constraints                    ? 
_refine.ls_number_parameters                     ? 
_refine.ls_number_reflns_all                     ? 
_refine.ls_number_reflns_obs                     16420 
_refine.ls_number_reflns_R_free                  763 
_refine.ls_number_reflns_R_work                  ? 
_refine.ls_number_restraints                     ? 
_refine.ls_percent_reflns_obs                    99.4500 
_refine.ls_percent_reflns_R_free                 4.6500 
_refine.ls_R_factor_all                          ? 
_refine.ls_R_factor_obs                          0.1914 
_refine.ls_R_factor_R_free                       0.2217 
_refine.ls_R_factor_R_free_error                 ? 
_refine.ls_R_factor_R_free_error_details         ? 
_refine.ls_R_factor_R_work                       0.1898 
_refine.ls_R_Fsqd_factor_obs                     ? 
_refine.ls_R_I_factor_obs                        ? 
_refine.ls_redundancy_reflns_all                 ? 
_refine.ls_redundancy_reflns_obs                 ? 
_refine.ls_restrained_S_all                      ? 
_refine.ls_restrained_S_obs                      ? 
_refine.ls_shift_over_esd_max                    ? 
_refine.ls_shift_over_esd_mean                   ? 
_refine.ls_structure_factor_coef                 ? 
_refine.ls_weighting_details                     ? 
_refine.ls_weighting_scheme                      ? 
_refine.ls_wR_factor_all                         ? 
_refine.ls_wR_factor_obs                         ? 
_refine.ls_wR_factor_R_free                      ? 
_refine.ls_wR_factor_R_work                      ? 
_refine.occupancy_max                            ? 
_refine.occupancy_min                            ? 
_refine.solvent_model_details                    'FLAT BULK SOLVENT MODEL' 
_refine.solvent_model_param_bsol                 ? 
_refine.solvent_model_param_ksol                 ? 
_refine.ls_R_factor_gt                           ? 
_refine.ls_goodness_of_fit_gt                    ? 
_refine.ls_goodness_of_fit_ref                   ? 
_refine.ls_shift_over_su_max                     ? 
_refine.ls_shift_over_su_max_lt                  ? 
_refine.ls_shift_over_su_mean                    ? 
_refine.ls_shift_over_su_mean_lt                 ? 
_refine.pdbx_ls_sigma_I                          ? 
_refine.pdbx_ls_sigma_F                          1.890 
_refine.pdbx_ls_sigma_Fsqd                       ? 
_refine.pdbx_data_cutoff_high_absF               ? 
_refine.pdbx_data_cutoff_high_rms_absF           ? 
_refine.pdbx_data_cutoff_low_absF                ? 
_refine.pdbx_isotropic_thermal_model             ? 
_refine.pdbx_ls_cross_valid_method               'FREE R-VALUE' 
_refine.pdbx_method_to_determine_struct          'MOLECULAR REPLACEMENT' 
_refine.pdbx_starting_model                      ? 
_refine.pdbx_stereochemistry_target_values       ML 
_refine.pdbx_R_Free_selection_details            ? 
_refine.pdbx_stereochem_target_val_spec_case     ? 
_refine.pdbx_overall_ESU_R                       ? 
_refine.pdbx_overall_ESU_R_Free                  ? 
_refine.pdbx_solvent_vdw_probe_radii             1.1100 
_refine.pdbx_solvent_ion_probe_radii             ? 
_refine.pdbx_solvent_shrinkage_radii             0.9000 
_refine.pdbx_real_space_R                        ? 
_refine.pdbx_density_correlation                 ? 
_refine.pdbx_pd_number_of_powder_patterns        ? 
_refine.pdbx_pd_number_of_points                 ? 
_refine.pdbx_pd_meas_number_of_points            ? 
_refine.pdbx_pd_proc_ls_prof_R_factor            ? 
_refine.pdbx_pd_proc_ls_prof_wR_factor           ? 
_refine.pdbx_pd_Marquardt_correlation_coeff      ? 
_refine.pdbx_pd_Fsqrd_R_factor                   ? 
_refine.pdbx_pd_ls_matrix_band_width             ? 
_refine.pdbx_overall_phase_error                 23.9000 
_refine.pdbx_overall_SU_R_free_Cruickshank_DPI   ? 
_refine.pdbx_overall_SU_R_free_Blow_DPI          ? 
_refine.pdbx_overall_SU_R_Blow_DPI               ? 
_refine.pdbx_TLS_residual_ADP_flag               ? 
_refine.pdbx_diffrn_id                           1 
_refine.overall_SU_B                             ? 
_refine.overall_SU_ML                            0.2200 
_refine.overall_SU_R_Cruickshank_DPI             ? 
_refine.overall_SU_R_free                        ? 
_refine.overall_FOM_free_R_set                   ? 
_refine.overall_FOM_work_R_set                   ? 
_refine.pdbx_average_fsc_overall                 ? 
_refine.pdbx_average_fsc_work                    ? 
_refine.pdbx_average_fsc_free                    ? 
# 
_refine_hist.cycle_id                         final 
_refine_hist.pdbx_refine_id                   'X-RAY DIFFRACTION' 
_refine_hist.d_res_high                       1.9700 
_refine_hist.d_res_low                        19.5350 
_refine_hist.pdbx_number_atoms_ligand         32 
_refine_hist.number_atoms_solvent             131 
_refine_hist.number_atoms_total               1093 
_refine_hist.pdbx_number_residues_total       115 
_refine_hist.pdbx_B_iso_mean_ligand           43.88 
_refine_hist.pdbx_B_iso_mean_solvent          38.38 
_refine_hist.pdbx_number_atoms_protein        930 
_refine_hist.pdbx_number_atoms_nucleic_acid   0 
# 
_struct.entry_id                     5CQ6 
_struct.title                        
;Crystal structure of the bromodomain of bromodomain adjacent to zinc finger domain protein 2B (BAZ2B) in complex with 2,6-Pyridinedicarboxylic acid (SGC - Diamond I04-1 fragment screening)
;
_struct.pdbx_model_details           ? 
_struct.pdbx_formula_weight          ? 
_struct.pdbx_formula_weight_method   ? 
_struct.pdbx_model_type_details      ? 
_struct.pdbx_CASP_flag               ? 
# 
_struct_keywords.entry_id        5CQ6 
_struct_keywords.text            'Structural Genomics, Structural Genomics Consortium, SGC, transcription' 
_struct_keywords.pdbx_keywords   TRANSCRIPTION 
# 
loop_
_struct_asym.id 
_struct_asym.pdbx_blank_PDB_chainid_flag 
_struct_asym.pdbx_modified 
_struct_asym.entity_id 
_struct_asym.details 
A N N 1 ? 
B N N 2 ? 
C N N 2 ? 
D N N 3 ? 
E N N 3 ? 
F N N 4 ? 
# 
_struct_ref.id                         1 
_struct_ref.db_name                    UNP 
_struct_ref.db_code                    BAZ2B_HUMAN 
_struct_ref.pdbx_db_accession          Q9UIF8 
_struct_ref.pdbx_db_isoform            Q9UIF8-4 
_struct_ref.entity_id                  1 
_struct_ref.pdbx_seq_one_letter_code   
;SVKKPKRDDSKDLALCSMILTEMETHEDAWPFLLPVNLKLVPGYKKVIKKPMDFSTIREKLSSGQYPNLETFALDVRLVF
DNCETFNEDDSDIGRAGHNMRKYFEKKWTDTFKVS
;
_struct_ref.pdbx_align_begin           1858 
# 
_struct_ref_seq.align_id                      1 
_struct_ref_seq.ref_id                        1 
_struct_ref_seq.pdbx_PDB_id_code              5CQ6 
_struct_ref_seq.pdbx_strand_id                A 
_struct_ref_seq.seq_align_beg                 6 
_struct_ref_seq.pdbx_seq_align_beg_ins_code   ? 
_struct_ref_seq.seq_align_end                 120 
_struct_ref_seq.pdbx_seq_align_end_ins_code   ? 
_struct_ref_seq.pdbx_db_accession             Q9UIF8 
_struct_ref_seq.db_align_beg                  1858 
_struct_ref_seq.pdbx_db_align_beg_ins_code    ? 
_struct_ref_seq.db_align_end                  1972 
_struct_ref_seq.pdbx_db_align_end_ins_code    ? 
_struct_ref_seq.pdbx_auth_seq_align_beg       1858 
_struct_ref_seq.pdbx_auth_seq_align_end       1972 
# 
loop_
_struct_ref_seq_dif.align_id 
_struct_ref_seq_dif.pdbx_pdb_id_code 
_struct_ref_seq_dif.mon_id 
_struct_ref_seq_dif.pdbx_pdb_strand_id 
_struct_ref_seq_dif.seq_num 
_struct_ref_seq_dif.pdbx_pdb_ins_code 
_struct_ref_seq_dif.pdbx_seq_db_name 
_struct_ref_seq_dif.pdbx_seq_db_accession_code 
_struct_ref_seq_dif.db_mon_id 
_struct_ref_seq_dif.pdbx_seq_db_seq_num 
_struct_ref_seq_dif.details 
_struct_ref_seq_dif.pdbx_auth_seq_num 
_struct_ref_seq_dif.pdbx_ordinal 
1 5CQ6 TYR A 1 ? UNP Q9UIF8 ? ? 'expression tag' 1853 1 
1 5CQ6 PHE A 2 ? UNP Q9UIF8 ? ? 'expression tag' 1854 2 
1 5CQ6 GLN A 3 ? UNP Q9UIF8 ? ? 'expression tag' 1855 3 
1 5CQ6 SER A 4 ? UNP Q9UIF8 ? ? 'expression tag' 1856 4 
1 5CQ6 MET A 5 ? UNP Q9UIF8 ? ? 'expression tag' 1857 5 
# 
_pdbx_struct_assembly.id                   1 
_pdbx_struct_assembly.details              author_and_software_defined_assembly 
_pdbx_struct_assembly.method_details       PISA 
_pdbx_struct_assembly.oligomeric_details   monomeric 
_pdbx_struct_assembly.oligomeric_count     1 
# 
loop_
_pdbx_struct_assembly_prop.biol_id 
_pdbx_struct_assembly_prop.type 
_pdbx_struct_assembly_prop.value 
_pdbx_struct_assembly_prop.details 
1 'ABSA (A^2)' 780  ? 
1 MORE         8    ? 
1 'SSA (A^2)'  7970 ? 
# 
_pdbx_struct_assembly_gen.assembly_id       1 
_pdbx_struct_assembly_gen.oper_expression   1 
_pdbx_struct_assembly_gen.asym_id_list      A,B,C,D,E,F 
# 
_pdbx_struct_oper_list.id                   1 
_pdbx_struct_oper_list.type                 'identity operation' 
_pdbx_struct_oper_list.name                 1_555 
_pdbx_struct_oper_list.symmetry_operation   x,y,z 
_pdbx_struct_oper_list.matrix[1][1]         1.0000000000 
_pdbx_struct_oper_list.matrix[1][2]         0.0000000000 
_pdbx_struct_oper_list.matrix[1][3]         0.0000000000 
_pdbx_struct_oper_list.vector[1]            0.0000000000 
_pdbx_struct_oper_list.matrix[2][1]         0.0000000000 
_pdbx_struct_oper_list.matrix[2][2]         1.0000000000 
_pdbx_struct_oper_list.matrix[2][3]         0.0000000000 
_pdbx_struct_oper_list.vector[2]            0.0000000000 
_pdbx_struct_oper_list.matrix[3][1]         0.0000000000 
_pdbx_struct_oper_list.matrix[3][2]         0.0000000000 
_pdbx_struct_oper_list.matrix[3][3]         1.0000000000 
_pdbx_struct_oper_list.vector[3]            0.0000000000 
# 
loop_
_struct_conf.conf_type_id 
_struct_conf.id 
_struct_conf.pdbx_PDB_helix_id 
_struct_conf.beg_label_comp_id 
_struct_conf.beg_label_asym_id 
_struct_conf.beg_label_seq_id 
_struct_conf.pdbx_beg_PDB_ins_code 
_struct_conf.end_label_comp_id 
_struct_conf.end_label_asym_id 
_struct_conf.end_label_seq_id 
_struct_conf.pdbx_end_PDB_ins_code 
_struct_conf.beg_auth_comp_id 
_struct_conf.beg_auth_asym_id 
_struct_conf.beg_auth_seq_id 
_struct_conf.end_auth_comp_id 
_struct_conf.end_auth_asym_id 
_struct_conf.end_auth_seq_id 
_struct_conf.pdbx_PDB_helix_class 
_struct_conf.details 
_struct_conf.pdbx_PDB_helix_length 
HELX_P HELX_P1 AA1 LYS A 16 ? HIS A 31  ? LYS A 1868 HIS A 1883 1 ? 16 
HELX_P HELX_P2 AA2 ALA A 34 ? LEU A 38  ? ALA A 1886 LEU A 1890 5 ? 5  
HELX_P HELX_P3 AA3 GLY A 48 ? ILE A 53  ? GLY A 1900 ILE A 1905 1 ? 6  
HELX_P HELX_P4 AA4 ASP A 58 ? SER A 68  ? ASP A 1910 SER A 1920 1 ? 11 
HELX_P HELX_P5 AA5 ASN A 73 ? ASN A 92  ? ASN A 1925 ASN A 1944 1 ? 20 
HELX_P HELX_P6 AA6 SER A 96 ? LYS A 118 ? SER A 1948 LYS A 1970 1 ? 23 
# 
_struct_conf_type.id          HELX_P 
_struct_conf_type.criteria    ? 
_struct_conf_type.reference   ? 
# 
loop_
_struct_site.id 
_struct_site.pdbx_evidence_code 
_struct_site.pdbx_auth_asym_id 
_struct_site.pdbx_auth_comp_id 
_struct_site.pdbx_auth_seq_id 
_struct_site.pdbx_auth_ins_code 
_struct_site.pdbx_num_residues 
_struct_site.details 
AC1 Software A EDO 2001 ? 4 'binding site for residue EDO A 2001' 
AC2 Software A EDO 2002 ? 2 'binding site for residue EDO A 2002' 
AC3 Software A PDC 2003 ? 3 'binding site for residue PDC A 2003' 
AC4 Software A PDC 2004 ? 5 'binding site for residue PDC A 2004' 
# 
loop_
_struct_site_gen.id 
_struct_site_gen.site_id 
_struct_site_gen.pdbx_num_res 
_struct_site_gen.label_comp_id 
_struct_site_gen.label_asym_id 
_struct_site_gen.label_seq_id 
_struct_site_gen.pdbx_auth_ins_code 
_struct_site_gen.auth_comp_id 
_struct_site_gen.auth_asym_id 
_struct_site_gen.auth_seq_id 
_struct_site_gen.label_atom_id 
_struct_site_gen.label_alt_id 
_struct_site_gen.symmetry 
_struct_site_gen.details 
1  AC1 4 MET A 23  ? MET A 1875 . ? 1_555 ? 
2  AC1 4 GLU A 27  ? GLU A 1879 . ? 1_555 ? 
3  AC1 4 THR A 116 ? THR A 1968 . ? 1_555 ? 
4  AC1 4 HOH F .   ? HOH A 2162 . ? 1_555 ? 
5  AC2 2 ASN A 92  ? ASN A 1944 . ? 1_555 ? 
6  AC2 2 HOH F .   ? HOH A 2138 . ? 1_555 ? 
7  AC3 3 LYS A 44  ? LYS A 1896 . ? 1_555 ? 
8  AC3 3 LYS A 50  ? LYS A 1902 . ? 1_555 ? 
9  AC3 3 ASP A 95  ? ASP A 1947 . ? 4_566 ? 
10 AC4 5 LYS A 51  ? LYS A 1903 . ? 1_555 ? 
11 AC4 5 GLU A 89  ? GLU A 1941 . ? 4_566 ? 
12 AC4 5 GLU A 93  ? GLU A 1945 . ? 4_566 ? 
13 AC4 5 ASP A 94  ? ASP A 1946 . ? 4_566 ? 
14 AC4 5 HOH F .   ? HOH A 2180 . ? 1_555 ? 
# 
_pdbx_validate_close_contact.id               1 
_pdbx_validate_close_contact.PDB_model_num    1 
_pdbx_validate_close_contact.auth_atom_id_1   O 
_pdbx_validate_close_contact.auth_asym_id_1   A 
_pdbx_validate_close_contact.auth_comp_id_1   HOH 
_pdbx_validate_close_contact.auth_seq_id_1    2207 
_pdbx_validate_close_contact.PDB_ins_code_1   ? 
_pdbx_validate_close_contact.label_alt_id_1   ? 
_pdbx_validate_close_contact.auth_atom_id_2   O 
_pdbx_validate_close_contact.auth_asym_id_2   A 
_pdbx_validate_close_contact.auth_comp_id_2   HOH 
_pdbx_validate_close_contact.auth_seq_id_2    2209 
_pdbx_validate_close_contact.PDB_ins_code_2   ? 
_pdbx_validate_close_contact.label_alt_id_2   ? 
_pdbx_validate_close_contact.dist             2.07 
# 
_pdbx_SG_project.id                    1 
_pdbx_SG_project.project_name          ? 
_pdbx_SG_project.full_name_of_center   'Structural Genomics Consortium' 
_pdbx_SG_project.initial_of_center     SGC 
# 
_pdbx_struct_special_symmetry.id              1 
_pdbx_struct_special_symmetry.PDB_model_num   1 
_pdbx_struct_special_symmetry.auth_asym_id    A 
_pdbx_struct_special_symmetry.auth_comp_id    HOH 
_pdbx_struct_special_symmetry.auth_seq_id     2118 
_pdbx_struct_special_symmetry.PDB_ins_code    ? 
_pdbx_struct_special_symmetry.label_asym_id   F 
_pdbx_struct_special_symmetry.label_comp_id   HOH 
_pdbx_struct_special_symmetry.label_seq_id    . 
# 
_phasing.method   MR 
# 
loop_
_pdbx_unobs_or_zero_occ_residues.id 
_pdbx_unobs_or_zero_occ_residues.PDB_model_num 
_pdbx_unobs_or_zero_occ_residues.polymer_flag 
_pdbx_unobs_or_zero_occ_residues.occupancy_flag 
_pdbx_unobs_or_zero_occ_residues.auth_asym_id 
_pdbx_unobs_or_zero_occ_residues.auth_comp_id 
_pdbx_unobs_or_zero_occ_residues.auth_seq_id 
_pdbx_unobs_or_zero_occ_residues.PDB_ins_code 
_pdbx_unobs_or_zero_occ_residues.label_asym_id 
_pdbx_unobs_or_zero_occ_residues.label_comp_id 
_pdbx_unobs_or_zero_occ_residues.label_seq_id 
1 1 Y 1 A TYR 1853 ? A TYR 1   
2 1 Y 1 A PHE 1854 ? A PHE 2   
3 1 Y 1 A GLN 1855 ? A GLN 3   
4 1 Y 1 A VAL 1971 ? A VAL 119 
5 1 Y 1 A SER 1972 ? A SER 120 
# 
loop_
_chem_comp_atom.comp_id 
_chem_comp_atom.atom_id 
_chem_comp_atom.type_symbol 
_chem_comp_atom.pdbx_aromatic_flag 
_chem_comp_atom.pdbx_stereo_config 
_chem_comp_atom.pdbx_ordinal 
ALA N    N N N 1   
ALA CA   C N S 2   
ALA C    C N N 3   
ALA O    O N N 4   
ALA CB   C N N 5   
ALA OXT  O N N 6   
ALA H    H N N 7   
ALA H2   H N N 8   
ALA HA   H N N 9   
ALA HB1  H N N 10  
ALA HB2  H N N 11  
ALA HB3  H N N 12  
ALA HXT  H N N 13  
ARG N    N N N 14  
ARG CA   C N S 15  
ARG C    C N N 16  
ARG O    O N N 17  
ARG CB   C N N 18  
ARG CG   C N N 19  
ARG CD   C N N 20  
ARG NE   N N N 21  
ARG CZ   C N N 22  
ARG NH1  N N N 23  
ARG NH2  N N N 24  
ARG OXT  O N N 25  
ARG H    H N N 26  
ARG H2   H N N 27  
ARG HA   H N N 28  
ARG HB2  H N N 29  
ARG HB3  H N N 30  
ARG HG2  H N N 31  
ARG HG3  H N N 32  
ARG HD2  H N N 33  
ARG HD3  H N N 34  
ARG HE   H N N 35  
ARG HH11 H N N 36  
ARG HH12 H N N 37  
ARG HH21 H N N 38  
ARG HH22 H N N 39  
ARG HXT  H N N 40  
ASN N    N N N 41  
ASN CA   C N S 42  
ASN C    C N N 43  
ASN O    O N N 44  
ASN CB   C N N 45  
ASN CG   C N N 46  
ASN OD1  O N N 47  
ASN ND2  N N N 48  
ASN OXT  O N N 49  
ASN H    H N N 50  
ASN H2   H N N 51  
ASN HA   H N N 52  
ASN HB2  H N N 53  
ASN HB3  H N N 54  
ASN HD21 H N N 55  
ASN HD22 H N N 56  
ASN HXT  H N N 57  
ASP N    N N N 58  
ASP CA   C N S 59  
ASP C    C N N 60  
ASP O    O N N 61  
ASP CB   C N N 62  
ASP CG   C N N 63  
ASP OD1  O N N 64  
ASP OD2  O N N 65  
ASP OXT  O N N 66  
ASP H    H N N 67  
ASP H2   H N N 68  
ASP HA   H N N 69  
ASP HB2  H N N 70  
ASP HB3  H N N 71  
ASP HD2  H N N 72  
ASP HXT  H N N 73  
CYS N    N N N 74  
CYS CA   C N R 75  
CYS C    C N N 76  
CYS O    O N N 77  
CYS CB   C N N 78  
CYS SG   S N N 79  
CYS OXT  O N N 80  
CYS H    H N N 81  
CYS H2   H N N 82  
CYS HA   H N N 83  
CYS HB2  H N N 84  
CYS HB3  H N N 85  
CYS HG   H N N 86  
CYS HXT  H N N 87  
EDO C1   C N N 88  
EDO O1   O N N 89  
EDO C2   C N N 90  
EDO O2   O N N 91  
EDO H11  H N N 92  
EDO H12  H N N 93  
EDO HO1  H N N 94  
EDO H21  H N N 95  
EDO H22  H N N 96  
EDO HO2  H N N 97  
GLN N    N N N 98  
GLN CA   C N S 99  
GLN C    C N N 100 
GLN O    O N N 101 
GLN CB   C N N 102 
GLN CG   C N N 103 
GLN CD   C N N 104 
GLN OE1  O N N 105 
GLN NE2  N N N 106 
GLN OXT  O N N 107 
GLN H    H N N 108 
GLN H2   H N N 109 
GLN HA   H N N 110 
GLN HB2  H N N 111 
GLN HB3  H N N 112 
GLN HG2  H N N 113 
GLN HG3  H N N 114 
GLN HE21 H N N 115 
GLN HE22 H N N 116 
GLN HXT  H N N 117 
GLU N    N N N 118 
GLU CA   C N S 119 
GLU C    C N N 120 
GLU O    O N N 121 
GLU CB   C N N 122 
GLU CG   C N N 123 
GLU CD   C N N 124 
GLU OE1  O N N 125 
GLU OE2  O N N 126 
GLU OXT  O N N 127 
GLU H    H N N 128 
GLU H2   H N N 129 
GLU HA   H N N 130 
GLU HB2  H N N 131 
GLU HB3  H N N 132 
GLU HG2  H N N 133 
GLU HG3  H N N 134 
GLU HE2  H N N 135 
GLU HXT  H N N 136 
GLY N    N N N 137 
GLY CA   C N N 138 
GLY C    C N N 139 
GLY O    O N N 140 
GLY OXT  O N N 141 
GLY H    H N N 142 
GLY H2   H N N 143 
GLY HA2  H N N 144 
GLY HA3  H N N 145 
GLY HXT  H N N 146 
HIS N    N N N 147 
HIS CA   C N S 148 
HIS C    C N N 149 
HIS O    O N N 150 
HIS CB   C N N 151 
HIS CG   C Y N 152 
HIS ND1  N Y N 153 
HIS CD2  C Y N 154 
HIS CE1  C Y N 155 
HIS NE2  N Y N 156 
HIS OXT  O N N 157 
HIS H    H N N 158 
HIS H2   H N N 159 
HIS HA   H N N 160 
HIS HB2  H N N 161 
HIS HB3  H N N 162 
HIS HD1  H N N 163 
HIS HD2  H N N 164 
HIS HE1  H N N 165 
HIS HE2  H N N 166 
HIS HXT  H N N 167 
HOH O    O N N 168 
HOH H1   H N N 169 
HOH H2   H N N 170 
ILE N    N N N 171 
ILE CA   C N S 172 
ILE C    C N N 173 
ILE O    O N N 174 
ILE CB   C N S 175 
ILE CG1  C N N 176 
ILE CG2  C N N 177 
ILE CD1  C N N 178 
ILE OXT  O N N 179 
ILE H    H N N 180 
ILE H2   H N N 181 
ILE HA   H N N 182 
ILE HB   H N N 183 
ILE HG12 H N N 184 
ILE HG13 H N N 185 
ILE HG21 H N N 186 
ILE HG22 H N N 187 
ILE HG23 H N N 188 
ILE HD11 H N N 189 
ILE HD12 H N N 190 
ILE HD13 H N N 191 
ILE HXT  H N N 192 
LEU N    N N N 193 
LEU CA   C N S 194 
LEU C    C N N 195 
LEU O    O N N 196 
LEU CB   C N N 197 
LEU CG   C N N 198 
LEU CD1  C N N 199 
LEU CD2  C N N 200 
LEU OXT  O N N 201 
LEU H    H N N 202 
LEU H2   H N N 203 
LEU HA   H N N 204 
LEU HB2  H N N 205 
LEU HB3  H N N 206 
LEU HG   H N N 207 
LEU HD11 H N N 208 
LEU HD12 H N N 209 
LEU HD13 H N N 210 
LEU HD21 H N N 211 
LEU HD22 H N N 212 
LEU HD23 H N N 213 
LEU HXT  H N N 214 
LYS N    N N N 215 
LYS CA   C N S 216 
LYS C    C N N 217 
LYS O    O N N 218 
LYS CB   C N N 219 
LYS CG   C N N 220 
LYS CD   C N N 221 
LYS CE   C N N 222 
LYS NZ   N N N 223 
LYS OXT  O N N 224 
LYS H    H N N 225 
LYS H2   H N N 226 
LYS HA   H N N 227 
LYS HB2  H N N 228 
LYS HB3  H N N 229 
LYS HG2  H N N 230 
LYS HG3  H N N 231 
LYS HD2  H N N 232 
LYS HD3  H N N 233 
LYS HE2  H N N 234 
LYS HE3  H N N 235 
LYS HZ1  H N N 236 
LYS HZ2  H N N 237 
LYS HZ3  H N N 238 
LYS HXT  H N N 239 
MET N    N N N 240 
MET CA   C N S 241 
MET C    C N N 242 
MET O    O N N 243 
MET CB   C N N 244 
MET CG   C N N 245 
MET SD   S N N 246 
MET CE   C N N 247 
MET OXT  O N N 248 
MET H    H N N 249 
MET H2   H N N 250 
MET HA   H N N 251 
MET HB2  H N N 252 
MET HB3  H N N 253 
MET HG2  H N N 254 
MET HG3  H N N 255 
MET HE1  H N N 256 
MET HE2  H N N 257 
MET HE3  H N N 258 
MET HXT  H N N 259 
PDC N1   N Y N 260 
PDC C2   C Y N 261 
PDC C3   C Y N 262 
PDC C4   C Y N 263 
PDC C5   C Y N 264 
PDC C6   C Y N 265 
PDC C7   C N N 266 
PDC O1   O N N 267 
PDC O2   O N N 268 
PDC C8   C N N 269 
PDC O3   O N N 270 
PDC O4   O N N 271 
PDC H3   H N N 272 
PDC H4   H N N 273 
PDC H5   H N N 274 
PDC HO2  H N N 275 
PDC HO4  H N N 276 
PHE N    N N N 277 
PHE CA   C N S 278 
PHE C    C N N 279 
PHE O    O N N 280 
PHE CB   C N N 281 
PHE CG   C Y N 282 
PHE CD1  C Y N 283 
PHE CD2  C Y N 284 
PHE CE1  C Y N 285 
PHE CE2  C Y N 286 
PHE CZ   C Y N 287 
PHE OXT  O N N 288 
PHE H    H N N 289 
PHE H2   H N N 290 
PHE HA   H N N 291 
PHE HB2  H N N 292 
PHE HB3  H N N 293 
PHE HD1  H N N 294 
PHE HD2  H N N 295 
PHE HE1  H N N 296 
PHE HE2  H N N 297 
PHE HZ   H N N 298 
PHE HXT  H N N 299 
PRO N    N N N 300 
PRO CA   C N S 301 
PRO C    C N N 302 
PRO O    O N N 303 
PRO CB   C N N 304 
PRO CG   C N N 305 
PRO CD   C N N 306 
PRO OXT  O N N 307 
PRO H    H N N 308 
PRO HA   H N N 309 
PRO HB2  H N N 310 
PRO HB3  H N N 311 
PRO HG2  H N N 312 
PRO HG3  H N N 313 
PRO HD2  H N N 314 
PRO HD3  H N N 315 
PRO HXT  H N N 316 
SER N    N N N 317 
SER CA   C N S 318 
SER C    C N N 319 
SER O    O N N 320 
SER CB   C N N 321 
SER OG   O N N 322 
SER OXT  O N N 323 
SER H    H N N 324 
SER H2   H N N 325 
SER HA   H N N 326 
SER HB2  H N N 327 
SER HB3  H N N 328 
SER HG   H N N 329 
SER HXT  H N N 330 
THR N    N N N 331 
THR CA   C N S 332 
THR C    C N N 333 
THR O    O N N 334 
THR CB   C N R 335 
THR OG1  O N N 336 
THR CG2  C N N 337 
THR OXT  O N N 338 
THR H    H N N 339 
THR H2   H N N 340 
THR HA   H N N 341 
THR HB   H N N 342 
THR HG1  H N N 343 
THR HG21 H N N 344 
THR HG22 H N N 345 
THR HG23 H N N 346 
THR HXT  H N N 347 
TRP N    N N N 348 
TRP CA   C N S 349 
TRP C    C N N 350 
TRP O    O N N 351 
TRP CB   C N N 352 
TRP CG   C Y N 353 
TRP CD1  C Y N 354 
TRP CD2  C Y N 355 
TRP NE1  N Y N 356 
TRP CE2  C Y N 357 
TRP CE3  C Y N 358 
TRP CZ2  C Y N 359 
TRP CZ3  C Y N 360 
TRP CH2  C Y N 361 
TRP OXT  O N N 362 
TRP H    H N N 363 
TRP H2   H N N 364 
TRP HA   H N N 365 
TRP HB2  H N N 366 
TRP HB3  H N N 367 
TRP HD1  H N N 368 
TRP HE1  H N N 369 
TRP HE3  H N N 370 
TRP HZ2  H N N 371 
TRP HZ3  H N N 372 
TRP HH2  H N N 373 
TRP HXT  H N N 374 
TYR N    N N N 375 
TYR CA   C N S 376 
TYR C    C N N 377 
TYR O    O N N 378 
TYR CB   C N N 379 
TYR CG   C Y N 380 
TYR CD1  C Y N 381 
TYR CD2  C Y N 382 
TYR CE1  C Y N 383 
TYR CE2  C Y N 384 
TYR CZ   C Y N 385 
TYR OH   O N N 386 
TYR OXT  O N N 387 
TYR H    H N N 388 
TYR H2   H N N 389 
TYR HA   H N N 390 
TYR HB2  H N N 391 
TYR HB3  H N N 392 
TYR HD1  H N N 393 
TYR HD2  H N N 394 
TYR HE1  H N N 395 
TYR HE2  H N N 396 
TYR HH   H N N 397 
TYR HXT  H N N 398 
VAL N    N N N 399 
VAL CA   C N S 400 
VAL C    C N N 401 
VAL O    O N N 402 
VAL CB   C N N 403 
VAL CG1  C N N 404 
VAL CG2  C N N 405 
VAL OXT  O N N 406 
VAL H    H N N 407 
VAL H2   H N N 408 
VAL HA   H N N 409 
VAL HB   H N N 410 
VAL HG11 H N N 411 
VAL HG12 H N N 412 
VAL HG13 H N N 413 
VAL HG21 H N N 414 
VAL HG22 H N N 415 
VAL HG23 H N N 416 
VAL HXT  H N N 417 
# 
loop_
_chem_comp_bond.comp_id 
_chem_comp_bond.atom_id_1 
_chem_comp_bond.atom_id_2 
_chem_comp_bond.value_order 
_chem_comp_bond.pdbx_aromatic_flag 
_chem_comp_bond.pdbx_stereo_config 
_chem_comp_bond.pdbx_ordinal 
ALA N   CA   sing N N 1   
ALA N   H    sing N N 2   
ALA N   H2   sing N N 3   
ALA CA  C    sing N N 4   
ALA CA  CB   sing N N 5   
ALA CA  HA   sing N N 6   
ALA C   O    doub N N 7   
ALA C   OXT  sing N N 8   
ALA CB  HB1  sing N N 9   
ALA CB  HB2  sing N N 10  
ALA CB  HB3  sing N N 11  
ALA OXT HXT  sing N N 12  
ARG N   CA   sing N N 13  
ARG N   H    sing N N 14  
ARG N   H2   sing N N 15  
ARG CA  C    sing N N 16  
ARG CA  CB   sing N N 17  
ARG CA  HA   sing N N 18  
ARG C   O    doub N N 19  
ARG C   OXT  sing N N 20  
ARG CB  CG   sing N N 21  
ARG CB  HB2  sing N N 22  
ARG CB  HB3  sing N N 23  
ARG CG  CD   sing N N 24  
ARG CG  HG2  sing N N 25  
ARG CG  HG3  sing N N 26  
ARG CD  NE   sing N N 27  
ARG CD  HD2  sing N N 28  
ARG CD  HD3  sing N N 29  
ARG NE  CZ   sing N N 30  
ARG NE  HE   sing N N 31  
ARG CZ  NH1  sing N N 32  
ARG CZ  NH2  doub N N 33  
ARG NH1 HH11 sing N N 34  
ARG NH1 HH12 sing N N 35  
ARG NH2 HH21 sing N N 36  
ARG NH2 HH22 sing N N 37  
ARG OXT HXT  sing N N 38  
ASN N   CA   sing N N 39  
ASN N   H    sing N N 40  
ASN N   H2   sing N N 41  
ASN CA  C    sing N N 42  
ASN CA  CB   sing N N 43  
ASN CA  HA   sing N N 44  
ASN C   O    doub N N 45  
ASN C   OXT  sing N N 46  
ASN CB  CG   sing N N 47  
ASN CB  HB2  sing N N 48  
ASN CB  HB3  sing N N 49  
ASN CG  OD1  doub N N 50  
ASN CG  ND2  sing N N 51  
ASN ND2 HD21 sing N N 52  
ASN ND2 HD22 sing N N 53  
ASN OXT HXT  sing N N 54  
ASP N   CA   sing N N 55  
ASP N   H    sing N N 56  
ASP N   H2   sing N N 57  
ASP CA  C    sing N N 58  
ASP CA  CB   sing N N 59  
ASP CA  HA   sing N N 60  
ASP C   O    doub N N 61  
ASP C   OXT  sing N N 62  
ASP CB  CG   sing N N 63  
ASP CB  HB2  sing N N 64  
ASP CB  HB3  sing N N 65  
ASP CG  OD1  doub N N 66  
ASP CG  OD2  sing N N 67  
ASP OD2 HD2  sing N N 68  
ASP OXT HXT  sing N N 69  
CYS N   CA   sing N N 70  
CYS N   H    sing N N 71  
CYS N   H2   sing N N 72  
CYS CA  C    sing N N 73  
CYS CA  CB   sing N N 74  
CYS CA  HA   sing N N 75  
CYS C   O    doub N N 76  
CYS C   OXT  sing N N 77  
CYS CB  SG   sing N N 78  
CYS CB  HB2  sing N N 79  
CYS CB  HB3  sing N N 80  
CYS SG  HG   sing N N 81  
CYS OXT HXT  sing N N 82  
EDO C1  O1   sing N N 83  
EDO C1  C2   sing N N 84  
EDO C1  H11  sing N N 85  
EDO C1  H12  sing N N 86  
EDO O1  HO1  sing N N 87  
EDO C2  O2   sing N N 88  
EDO C2  H21  sing N N 89  
EDO C2  H22  sing N N 90  
EDO O2  HO2  sing N N 91  
GLN N   CA   sing N N 92  
GLN N   H    sing N N 93  
GLN N   H2   sing N N 94  
GLN CA  C    sing N N 95  
GLN CA  CB   sing N N 96  
GLN CA  HA   sing N N 97  
GLN C   O    doub N N 98  
GLN C   OXT  sing N N 99  
GLN CB  CG   sing N N 100 
GLN CB  HB2  sing N N 101 
GLN CB  HB3  sing N N 102 
GLN CG  CD   sing N N 103 
GLN CG  HG2  sing N N 104 
GLN CG  HG3  sing N N 105 
GLN CD  OE1  doub N N 106 
GLN CD  NE2  sing N N 107 
GLN NE2 HE21 sing N N 108 
GLN NE2 HE22 sing N N 109 
GLN OXT HXT  sing N N 110 
GLU N   CA   sing N N 111 
GLU N   H    sing N N 112 
GLU N   H2   sing N N 113 
GLU CA  C    sing N N 114 
GLU CA  CB   sing N N 115 
GLU CA  HA   sing N N 116 
GLU C   O    doub N N 117 
GLU C   OXT  sing N N 118 
GLU CB  CG   sing N N 119 
GLU CB  HB2  sing N N 120 
GLU CB  HB3  sing N N 121 
GLU CG  CD   sing N N 122 
GLU CG  HG2  sing N N 123 
GLU CG  HG3  sing N N 124 
GLU CD  OE1  doub N N 125 
GLU CD  OE2  sing N N 126 
GLU OE2 HE2  sing N N 127 
GLU OXT HXT  sing N N 128 
GLY N   CA   sing N N 129 
GLY N   H    sing N N 130 
GLY N   H2   sing N N 131 
GLY CA  C    sing N N 132 
GLY CA  HA2  sing N N 133 
GLY CA  HA3  sing N N 134 
GLY C   O    doub N N 135 
GLY C   OXT  sing N N 136 
GLY OXT HXT  sing N N 137 
HIS N   CA   sing N N 138 
HIS N   H    sing N N 139 
HIS N   H2   sing N N 140 
HIS CA  C    sing N N 141 
HIS CA  CB   sing N N 142 
HIS CA  HA   sing N N 143 
HIS C   O    doub N N 144 
HIS C   OXT  sing N N 145 
HIS CB  CG   sing N N 146 
HIS CB  HB2  sing N N 147 
HIS CB  HB3  sing N N 148 
HIS CG  ND1  sing Y N 149 
HIS CG  CD2  doub Y N 150 
HIS ND1 CE1  doub Y N 151 
HIS ND1 HD1  sing N N 152 
HIS CD2 NE2  sing Y N 153 
HIS CD2 HD2  sing N N 154 
HIS CE1 NE2  sing Y N 155 
HIS CE1 HE1  sing N N 156 
HIS NE2 HE2  sing N N 157 
HIS OXT HXT  sing N N 158 
HOH O   H1   sing N N 159 
HOH O   H2   sing N N 160 
ILE N   CA   sing N N 161 
ILE N   H    sing N N 162 
ILE N   H2   sing N N 163 
ILE CA  C    sing N N 164 
ILE CA  CB   sing N N 165 
ILE CA  HA   sing N N 166 
ILE C   O    doub N N 167 
ILE C   OXT  sing N N 168 
ILE CB  CG1  sing N N 169 
ILE CB  CG2  sing N N 170 
ILE CB  HB   sing N N 171 
ILE CG1 CD1  sing N N 172 
ILE CG1 HG12 sing N N 173 
ILE CG1 HG13 sing N N 174 
ILE CG2 HG21 sing N N 175 
ILE CG2 HG22 sing N N 176 
ILE CG2 HG23 sing N N 177 
ILE CD1 HD11 sing N N 178 
ILE CD1 HD12 sing N N 179 
ILE CD1 HD13 sing N N 180 
ILE OXT HXT  sing N N 181 
LEU N   CA   sing N N 182 
LEU N   H    sing N N 183 
LEU N   H2   sing N N 184 
LEU CA  C    sing N N 185 
LEU CA  CB   sing N N 186 
LEU CA  HA   sing N N 187 
LEU C   O    doub N N 188 
LEU C   OXT  sing N N 189 
LEU CB  CG   sing N N 190 
LEU CB  HB2  sing N N 191 
LEU CB  HB3  sing N N 192 
LEU CG  CD1  sing N N 193 
LEU CG  CD2  sing N N 194 
LEU CG  HG   sing N N 195 
LEU CD1 HD11 sing N N 196 
LEU CD1 HD12 sing N N 197 
LEU CD1 HD13 sing N N 198 
LEU CD2 HD21 sing N N 199 
LEU CD2 HD22 sing N N 200 
LEU CD2 HD23 sing N N 201 
LEU OXT HXT  sing N N 202 
LYS N   CA   sing N N 203 
LYS N   H    sing N N 204 
LYS N   H2   sing N N 205 
LYS CA  C    sing N N 206 
LYS CA  CB   sing N N 207 
LYS CA  HA   sing N N 208 
LYS C   O    doub N N 209 
LYS C   OXT  sing N N 210 
LYS CB  CG   sing N N 211 
LYS CB  HB2  sing N N 212 
LYS CB  HB3  sing N N 213 
LYS CG  CD   sing N N 214 
LYS CG  HG2  sing N N 215 
LYS CG  HG3  sing N N 216 
LYS CD  CE   sing N N 217 
LYS CD  HD2  sing N N 218 
LYS CD  HD3  sing N N 219 
LYS CE  NZ   sing N N 220 
LYS CE  HE2  sing N N 221 
LYS CE  HE3  sing N N 222 
LYS NZ  HZ1  sing N N 223 
LYS NZ  HZ2  sing N N 224 
LYS NZ  HZ3  sing N N 225 
LYS OXT HXT  sing N N 226 
MET N   CA   sing N N 227 
MET N   H    sing N N 228 
MET N   H2   sing N N 229 
MET CA  C    sing N N 230 
MET CA  CB   sing N N 231 
MET CA  HA   sing N N 232 
MET C   O    doub N N 233 
MET C   OXT  sing N N 234 
MET CB  CG   sing N N 235 
MET CB  HB2  sing N N 236 
MET CB  HB3  sing N N 237 
MET CG  SD   sing N N 238 
MET CG  HG2  sing N N 239 
MET CG  HG3  sing N N 240 
MET SD  CE   sing N N 241 
MET CE  HE1  sing N N 242 
MET CE  HE2  sing N N 243 
MET CE  HE3  sing N N 244 
MET OXT HXT  sing N N 245 
PDC N1  C2   doub Y N 246 
PDC N1  C6   sing Y N 247 
PDC C2  C3   sing Y N 248 
PDC C2  C7   sing N N 249 
PDC C3  C4   doub Y N 250 
PDC C3  H3   sing N N 251 
PDC C4  C5   sing Y N 252 
PDC C4  H4   sing N N 253 
PDC C5  C6   doub Y N 254 
PDC C5  H5   sing N N 255 
PDC C6  C8   sing N N 256 
PDC C7  O1   doub N N 257 
PDC C7  O2   sing N N 258 
PDC O2  HO2  sing N N 259 
PDC C8  O3   doub N N 260 
PDC C8  O4   sing N N 261 
PDC O4  HO4  sing N N 262 
PHE N   CA   sing N N 263 
PHE N   H    sing N N 264 
PHE N   H2   sing N N 265 
PHE CA  C    sing N N 266 
PHE CA  CB   sing N N 267 
PHE CA  HA   sing N N 268 
PHE C   O    doub N N 269 
PHE C   OXT  sing N N 270 
PHE CB  CG   sing N N 271 
PHE CB  HB2  sing N N 272 
PHE CB  HB3  sing N N 273 
PHE CG  CD1  doub Y N 274 
PHE CG  CD2  sing Y N 275 
PHE CD1 CE1  sing Y N 276 
PHE CD1 HD1  sing N N 277 
PHE CD2 CE2  doub Y N 278 
PHE CD2 HD2  sing N N 279 
PHE CE1 CZ   doub Y N 280 
PHE CE1 HE1  sing N N 281 
PHE CE2 CZ   sing Y N 282 
PHE CE2 HE2  sing N N 283 
PHE CZ  HZ   sing N N 284 
PHE OXT HXT  sing N N 285 
PRO N   CA   sing N N 286 
PRO N   CD   sing N N 287 
PRO N   H    sing N N 288 
PRO CA  C    sing N N 289 
PRO CA  CB   sing N N 290 
PRO CA  HA   sing N N 291 
PRO C   O    doub N N 292 
PRO C   OXT  sing N N 293 
PRO CB  CG   sing N N 294 
PRO CB  HB2  sing N N 295 
PRO CB  HB3  sing N N 296 
PRO CG  CD   sing N N 297 
PRO CG  HG2  sing N N 298 
PRO CG  HG3  sing N N 299 
PRO CD  HD2  sing N N 300 
PRO CD  HD3  sing N N 301 
PRO OXT HXT  sing N N 302 
SER N   CA   sing N N 303 
SER N   H    sing N N 304 
SER N   H2   sing N N 305 
SER CA  C    sing N N 306 
SER CA  CB   sing N N 307 
SER CA  HA   sing N N 308 
SER C   O    doub N N 309 
SER C   OXT  sing N N 310 
SER CB  OG   sing N N 311 
SER CB  HB2  sing N N 312 
SER CB  HB3  sing N N 313 
SER OG  HG   sing N N 314 
SER OXT HXT  sing N N 315 
THR N   CA   sing N N 316 
THR N   H    sing N N 317 
THR N   H2   sing N N 318 
THR CA  C    sing N N 319 
THR CA  CB   sing N N 320 
THR CA  HA   sing N N 321 
THR C   O    doub N N 322 
THR C   OXT  sing N N 323 
THR CB  OG1  sing N N 324 
THR CB  CG2  sing N N 325 
THR CB  HB   sing N N 326 
THR OG1 HG1  sing N N 327 
THR CG2 HG21 sing N N 328 
THR CG2 HG22 sing N N 329 
THR CG2 HG23 sing N N 330 
THR OXT HXT  sing N N 331 
TRP N   CA   sing N N 332 
TRP N   H    sing N N 333 
TRP N   H2   sing N N 334 
TRP CA  C    sing N N 335 
TRP CA  CB   sing N N 336 
TRP CA  HA   sing N N 337 
TRP C   O    doub N N 338 
TRP C   OXT  sing N N 339 
TRP CB  CG   sing N N 340 
TRP CB  HB2  sing N N 341 
TRP CB  HB3  sing N N 342 
TRP CG  CD1  doub Y N 343 
TRP CG  CD2  sing Y N 344 
TRP CD1 NE1  sing Y N 345 
TRP CD1 HD1  sing N N 346 
TRP CD2 CE2  doub Y N 347 
TRP CD2 CE3  sing Y N 348 
TRP NE1 CE2  sing Y N 349 
TRP NE1 HE1  sing N N 350 
TRP CE2 CZ2  sing Y N 351 
TRP CE3 CZ3  doub Y N 352 
TRP CE3 HE3  sing N N 353 
TRP CZ2 CH2  doub Y N 354 
TRP CZ2 HZ2  sing N N 355 
TRP CZ3 CH2  sing Y N 356 
TRP CZ3 HZ3  sing N N 357 
TRP CH2 HH2  sing N N 358 
TRP OXT HXT  sing N N 359 
TYR N   CA   sing N N 360 
TYR N   H    sing N N 361 
TYR N   H2   sing N N 362 
TYR CA  C    sing N N 363 
TYR CA  CB   sing N N 364 
TYR CA  HA   sing N N 365 
TYR C   O    doub N N 366 
TYR C   OXT  sing N N 367 
TYR CB  CG   sing N N 368 
TYR CB  HB2  sing N N 369 
TYR CB  HB3  sing N N 370 
TYR CG  CD1  doub Y N 371 
TYR CG  CD2  sing Y N 372 
TYR CD1 CE1  sing Y N 373 
TYR CD1 HD1  sing N N 374 
TYR CD2 CE2  doub Y N 375 
TYR CD2 HD2  sing N N 376 
TYR CE1 CZ   doub Y N 377 
TYR CE1 HE1  sing N N 378 
TYR CE2 CZ   sing Y N 379 
TYR CE2 HE2  sing N N 380 
TYR CZ  OH   sing N N 381 
TYR OH  HH   sing N N 382 
TYR OXT HXT  sing N N 383 
VAL N   CA   sing N N 384 
VAL N   H    sing N N 385 
VAL N   H2   sing N N 386 
VAL CA  C    sing N N 387 
VAL CA  CB   sing N N 388 
VAL CA  HA   sing N N 389 
VAL C   O    doub N N 390 
VAL C   OXT  sing N N 391 
VAL CB  CG1  sing N N 392 
VAL CB  CG2  sing N N 393 
VAL CB  HB   sing N N 394 
VAL CG1 HG11 sing N N 395 
VAL CG1 HG12 sing N N 396 
VAL CG1 HG13 sing N N 397 
VAL CG2 HG21 sing N N 398 
VAL CG2 HG22 sing N N 399 
VAL CG2 HG23 sing N N 400 
VAL OXT HXT  sing N N 401 
# 
_atom_sites.entry_id                    5CQ6 
_atom_sites.fract_transf_matrix[1][1]   -0.00021146 
_atom_sites.fract_transf_matrix[1][2]   0.00705321 
_atom_sites.fract_transf_matrix[1][3]   0.01015872 
_atom_sites.fract_transf_matrix[2][1]   -0.00959626 
_atom_sites.fract_transf_matrix[2][2]   -0.00328011 
_atom_sites.fract_transf_matrix[2][3]   0.00207763 
_atom_sites.fract_transf_matrix[3][1]   0.00642241 
_atom_sites.fract_transf_matrix[3][2]   -0.01299143 
_atom_sites.fract_transf_matrix[3][3]   0.00915364 
_atom_sites.fract_transf_vector[1]      0.281965 
_atom_sites.fract_transf_vector[2]      0.293506 
_atom_sites.fract_transf_vector[3]      0.456241 
# 
loop_
_atom_type.symbol 
C 
N 
O 
S 
# 
loop_
_atom_site.group_PDB 
_atom_site.id 
_atom_site.type_symbol 
_atom_site.label_atom_id 
_atom_site.label_alt_id 
_atom_site.label_comp_id 
_atom_site.label_asym_id 
_atom_site.label_entity_id 
_atom_site.label_seq_id 
_atom_site.pdbx_PDB_ins_code 
_atom_site.Cartn_x 
_atom_site.Cartn_y 
_atom_site.Cartn_z 
_atom_site.occupancy 
_atom_site.B_iso_or_equiv 
_atom_site.pdbx_formal_charge 
_atom_site.auth_seq_id 
_atom_site.auth_comp_id 
_atom_site.auth_asym_id 
_atom_site.auth_atom_id 
_atom_site.pdbx_PDB_model_num 
ATOM   1    N N   . SER A 1 4   ? 4.208   25.456  16.292  1.00 26.92 ?  1856 SER A N   1 
ATOM   2    C CA  . SER A 1 4   ? 3.104   26.388  16.074  1.00 30.45 ?  1856 SER A CA  1 
ATOM   3    C C   . SER A 1 4   ? 3.552   27.543  15.170  1.00 28.91 ?  1856 SER A C   1 
ATOM   4    O O   . SER A 1 4   ? 4.592   27.438  14.525  1.00 26.92 ?  1856 SER A O   1 
ATOM   5    C CB  . SER A 1 4   ? 2.581   26.900  17.421  1.00 24.53 ?  1856 SER A CB  1 
ATOM   6    O OG  . SER A 1 4   ? 3.590   27.568  18.146  1.00 25.89 ?  1856 SER A OG  1 
ATOM   7    N N   . MET A 1 5   ? 2.788   28.636  15.118  1.00 29.02 ?  1857 MET A N   1 
ATOM   8    C CA  . MET A 1 5   ? 3.171   29.810  14.315  1.00 28.44 ?  1857 MET A CA  1 
ATOM   9    C C   . MET A 1 5   ? 4.585   30.296  14.629  1.00 28.21 ?  1857 MET A C   1 
ATOM   10   O O   . MET A 1 5   ? 4.893   30.609  15.782  1.00 25.81 ?  1857 MET A O   1 
ATOM   11   C CB  . MET A 1 5   ? 2.186   30.965  14.539  1.00 29.37 ?  1857 MET A CB  1 
ATOM   12   C CG  . MET A 1 5   ? 2.257   32.086  13.497  1.00 28.35 ?  1857 MET A CG  1 
ATOM   13   S SD  . MET A 1 5   ? 1.334   33.593  13.963  1.00 28.05 ?  1857 MET A SD  1 
ATOM   14   C CE  . MET A 1 5   ? -0.203  32.937  14.556  1.00 26.75 ?  1857 MET A CE  1 
ATOM   15   N N   . SER A 1 6   ? 5.438   30.342  13.607  1.00 26.59 ?  1858 SER A N   1 
ATOM   16   C CA  . SER A 1 6   ? 6.853   30.748  13.748  1.00 26.54 ?  1858 SER A CA  1 
ATOM   17   C C   . SER A 1 6   ? 7.682   29.864  14.696  1.00 23.75 ?  1858 SER A C   1 
ATOM   18   O O   . SER A 1 6   ? 8.759   30.265  15.152  1.00 27.11 ?  1858 SER A O   1 
ATOM   19   C CB  . SER A 1 6   ? 6.949   32.207  14.208  1.00 26.19 ?  1858 SER A CB  1 
ATOM   20   O OG  . SER A 1 6   ? 6.256   33.059  13.301  1.00 27.18 ?  1858 SER A OG  1 
ATOM   21   N N   . VAL A 1 7   ? 7.195   28.663  14.980  1.00 27.78 ?  1859 VAL A N   1 
ATOM   22   C CA  . VAL A 1 7   ? 7.954   27.701  15.788  1.00 29.93 ?  1859 VAL A CA  1 
ATOM   23   C C   . VAL A 1 7   ? 7.978   26.346  15.081  1.00 29.10 ?  1859 VAL A C   1 
ATOM   24   O O   . VAL A 1 7   ? 7.022   25.581  15.177  1.00 29.63 ?  1859 VAL A O   1 
ATOM   25   C CB  . VAL A 1 7   ? 7.356   27.527  17.204  1.00 24.43 ?  1859 VAL A CB  1 
ATOM   26   C CG1 . VAL A 1 7   ? 8.217   26.575  18.046  1.00 25.91 ?  1859 VAL A CG1 1 
ATOM   27   C CG2 . VAL A 1 7   ? 7.192   28.881  17.903  1.00 25.61 ?  1859 VAL A CG2 1 
ATOM   28   N N   . LYS A 1 8   ? 9.065   26.057  14.369  1.00 31.40 ?  1860 LYS A N   1 
ATOM   29   C CA  . LYS A 1 8   ? 9.142   24.847  13.557  1.00 33.92 ?  1860 LYS A CA  1 
ATOM   30   C C   . LYS A 1 8   ? 10.342  23.971  13.891  1.00 34.01 ?  1860 LYS A C   1 
ATOM   31   O O   . LYS A 1 8   ? 11.425  24.475  14.195  1.00 30.96 ?  1860 LYS A O   1 
ATOM   32   C CB  . LYS A 1 8   ? 9.195   25.209  12.067  1.00 37.15 ?  1860 LYS A CB  1 
ATOM   33   C CG  . LYS A 1 8   ? 8.018   26.023  11.590  1.00 43.82 ?  1860 LYS A CG  1 
ATOM   34   C CD  . LYS A 1 8   ? 6.691   25.316  11.867  1.00 44.74 ?  1860 LYS A CD  1 
ATOM   35   C CE  . LYS A 1 8   ? 5.557   26.315  11.809  1.00 38.65 ?  1860 LYS A CE  1 
ATOM   36   N NZ  . LYS A 1 8   ? 4.241   25.718  12.167  1.00 48.06 ?  1860 LYS A NZ  1 
ATOM   37   N N   . LYS A 1 9   ? 10.135  22.659  13.821  1.00 34.22 ?  1861 LYS A N   1 
ATOM   38   C CA  . LYS A 1 9   ? 11.225  21.694  13.897  1.00 39.05 ?  1861 LYS A CA  1 
ATOM   39   C C   . LYS A 1 9   ? 12.170  21.865  12.725  1.00 39.71 ?  1861 LYS A C   1 
ATOM   40   O O   . LYS A 1 9   ? 11.765  22.361  11.674  1.00 40.45 ?  1861 LYS A O   1 
ATOM   41   C CB  . LYS A 1 9   ? 10.697  20.257  13.892  1.00 40.27 ?  1861 LYS A CB  1 
ATOM   42   C CG  . LYS A 1 9   ? 9.951   19.823  15.130  1.00 39.24 ?  1861 LYS A CG  1 
ATOM   43   C CD  . LYS A 1 9   ? 9.828   18.304  15.150  1.00 39.55 ?  1861 LYS A CD  1 
ATOM   44   C CE  . LYS A 1 9   ? 8.652   17.834  15.984  1.00 44.36 ?  1861 LYS A CE  1 
ATOM   45   N NZ  . LYS A 1 9   ? 7.357   18.373  15.456  1.00 45.46 ?  1861 LYS A NZ  1 
ATOM   46   N N   . PRO A 1 10  ? 13.434  21.450  12.895  1.00 40.37 ?  1862 PRO A N   1 
ATOM   47   C CA  . PRO A 1 10  ? 14.355  21.358  11.758  1.00 42.28 ?  1862 PRO A CA  1 
ATOM   48   C C   . PRO A 1 10  ? 13.718  20.601  10.587  1.00 42.37 ?  1862 PRO A C   1 
ATOM   49   O O   . PRO A 1 10  ? 13.068  19.576  10.800  1.00 42.35 ?  1862 PRO A O   1 
ATOM   50   C CB  . PRO A 1 10  ? 15.542  20.593  12.336  1.00 45.31 ?  1862 PRO A CB  1 
ATOM   51   C CG  . PRO A 1 10  ? 15.537  20.964  13.778  1.00 43.53 ?  1862 PRO A CG  1 
ATOM   52   C CD  . PRO A 1 10  ? 14.087  21.103  14.168  1.00 40.15 ?  1862 PRO A CD  1 
ATOM   53   N N   . LYS A 1 11  ? 13.893  21.115  9.374   1.00 42.06 ?  1863 LYS A N   1 
ATOM   54   C CA  . LYS A 1 11  ? 13.206  20.573  8.205   1.00 51.68 ?  1863 LYS A CA  1 
ATOM   55   C C   . LYS A 1 11  ? 13.878  19.312  7.665   1.00 47.05 ?  1863 LYS A C   1 
ATOM   56   O O   . LYS A 1 11  ? 15.042  19.335  7.285   1.00 49.55 ?  1863 LYS A O   1 
ATOM   57   C CB  . LYS A 1 11  ? 13.123  21.633  7.100   1.00 51.69 ?  1863 LYS A CB  1 
ATOM   58   N N   . ARG A 1 12  ? 13.135  18.213  7.649   1.00 46.95 ?  1864 ARG A N   1 
ATOM   59   C CA  . ARG A 1 12  ? 13.585  16.982  7.013   1.00 48.04 ?  1864 ARG A CA  1 
ATOM   60   C C   . ARG A 1 12  ? 13.562  17.135  5.486   1.00 44.82 ?  1864 ARG A C   1 
ATOM   61   O O   . ARG A 1 12  ? 12.618  17.702  4.941   1.00 46.81 ?  1864 ARG A O   1 
ATOM   62   C CB  . ARG A 1 12  ? 12.701  15.823  7.463   1.00 47.72 ?  1864 ARG A CB  1 
ATOM   63   C CG  . ARG A 1 12  ? 12.858  14.574  6.646   1.00 44.60 ?  1864 ARG A CG  1 
ATOM   64   C CD  . ARG A 1 12  ? 11.833  13.510  7.028   1.00 44.13 ?  1864 ARG A CD  1 
ATOM   65   N NE  . ARG A 1 12  ? 12.003  12.345  6.165   1.00 47.33 ?  1864 ARG A NE  1 
ATOM   66   C CZ  . ARG A 1 12  ? 11.462  12.231  4.956   1.00 44.62 ?  1864 ARG A CZ  1 
ATOM   67   N NH1 . ARG A 1 12  ? 10.678  13.194  4.479   1.00 42.24 ?  1864 ARG A NH1 1 
ATOM   68   N NH2 . ARG A 1 12  ? 11.694  11.150  4.225   1.00 41.60 ?  1864 ARG A NH2 1 
ATOM   69   N N   . ASP A 1 13  ? 14.605  16.666  4.798   1.00 45.21 ?  1865 ASP A N   1 
ATOM   70   C CA  . ASP A 1 13  ? 14.645  16.740  3.331   1.00 42.70 ?  1865 ASP A CA  1 
ATOM   71   C C   . ASP A 1 13  ? 13.686  15.708  2.752   1.00 42.14 ?  1865 ASP A C   1 
ATOM   72   O O   . ASP A 1 13  ? 13.867  14.506  2.925   1.00 39.93 ?  1865 ASP A O   1 
ATOM   73   C CB  . ASP A 1 13  ? 16.061  16.516  2.790   1.00 43.34 ?  1865 ASP A CB  1 
ATOM   74   C CG  . ASP A 1 13  ? 16.142  16.628  1.264   1.00 44.19 ?  1865 ASP A CG  1 
ATOM   75   O OD1 . ASP A 1 13  ? 15.134  16.977  0.610   1.00 42.71 ?  1865 ASP A OD1 1 
ATOM   76   O OD2 . ASP A 1 13  ? 17.231  16.375  0.707   1.00 48.73 ?  1865 ASP A OD2 1 
ATOM   77   N N   . ASP A 1 14  ? 12.654  16.180  2.071   1.00 37.55 ?  1866 ASP A N   1 
ATOM   78   C CA  . ASP A 1 14  ? 11.616  15.277  1.621   1.00 36.78 ?  1866 ASP A CA  1 
ATOM   79   C C   . ASP A 1 14  ? 11.607  15.168  0.105   1.00 33.11 ?  1866 ASP A C   1 
ATOM   80   O O   . ASP A 1 14  ? 10.660  14.639  -0.470  1.00 34.56 ?  1866 ASP A O   1 
ATOM   81   C CB  . ASP A 1 14  ? 10.249  15.745  2.134   1.00 36.43 ?  1866 ASP A CB  1 
ATOM   82   C CG  . ASP A 1 14  ? 9.857   17.115  1.597   1.00 40.94 ?  1866 ASP A CG  1 
ATOM   83   O OD1 . ASP A 1 14  ? 10.735  17.830  1.069   1.00 42.26 ?  1866 ASP A OD1 1 
ATOM   84   O OD2 . ASP A 1 14  ? 8.666   17.479  1.703   1.00 47.11 ?  1866 ASP A OD2 1 
ATOM   85   N N   . SER A 1 15  ? 12.663  15.657  -0.537  1.00 30.54 ?  1867 SER A N   1 
ATOM   86   C CA  . SER A 1 15  ? 12.664  15.803  -1.990  1.00 32.30 ?  1867 SER A CA  1 
ATOM   87   C C   . SER A 1 15  ? 12.831  14.473  -2.726  1.00 29.11 ?  1867 SER A C   1 
ATOM   88   O O   . SER A 1 15  ? 12.519  14.381  -3.910  1.00 28.13 ?  1867 SER A O   1 
ATOM   89   C CB  . SER A 1 15  ? 13.762  16.776  -2.434  1.00 33.59 ?  1867 SER A CB  1 
ATOM   90   O OG  . SER A 1 15  ? 15.051  16.228  -2.215  1.00 37.31 ?  1867 SER A OG  1 
ATOM   91   N N   . LYS A 1 16  ? 13.308  13.445  -2.029  1.00 29.07 ?  1868 LYS A N   1 
ATOM   92   C CA  . LYS A 1 16  ? 13.458  12.116  -2.635  1.00 29.56 ?  1868 LYS A CA  1 
ATOM   93   C C   . LYS A 1 16  ? 12.288  11.170  -2.339  1.00 29.23 ?  1868 LYS A C   1 
ATOM   94   O O   . LYS A 1 16  ? 12.241  10.058  -2.864  1.00 30.01 ?  1868 LYS A O   1 
ATOM   95   C CB  . LYS A 1 16  ? 14.752  11.463  -2.157  1.00 30.72 ?  1868 LYS A CB  1 
ATOM   96   C CG  . LYS A 1 16  ? 16.016  12.129  -2.669  1.00 35.10 ?  1868 LYS A CG  1 
ATOM   97   C CD  . LYS A 1 16  ? 17.243  11.433  -2.091  1.00 42.76 ?  1868 LYS A CD  1 
ATOM   98   N N   . ASP A 1 17  ? 11.364  11.600  -1.486  1.00 28.44 ?  1869 ASP A N   1 
ATOM   99   C CA  . ASP A 1 17  ? 10.255  10.748  -1.047  1.00 28.60 ?  1869 ASP A CA  1 
ATOM   100  C C   . ASP A 1 17  ? 9.468   10.130  -2.209  1.00 27.06 ?  1869 ASP A C   1 
ATOM   101  O O   . ASP A 1 17  ? 9.193   8.925   -2.208  1.00 27.46 ?  1869 ASP A O   1 
ATOM   102  C CB  . ASP A 1 17  ? 9.295   11.546  -0.155  1.00 30.89 ?  1869 ASP A CB  1 
ATOM   103  C CG  . ASP A 1 17  ? 9.879   11.859  1.219   1.00 32.61 ?  1869 ASP A CG  1 
ATOM   104  O OD1 . ASP A 1 17  ? 11.057  11.531  1.469   1.00 33.62 ?  1869 ASP A OD1 1 
ATOM   105  O OD2 . ASP A 1 17  ? 9.150   12.436  2.047   1.00 32.38 ?  1869 ASP A OD2 1 
ATOM   106  N N   . LEU A 1 18  ? 9.102   10.951  -3.189  1.00 25.29 ?  1870 LEU A N   1 
ATOM   107  C CA  . LEU A 1 18  ? 8.316   10.464  -4.332  1.00 24.60 ?  1870 LEU A CA  1 
ATOM   108  C C   . LEU A 1 18  ? 9.016   9.313   -5.048  1.00 28.63 ?  1870 LEU A C   1 
ATOM   109  O O   . LEU A 1 18  ? 8.412   8.269   -5.319  1.00 25.53 ?  1870 LEU A O   1 
ATOM   110  C CB  . LEU A 1 18  ? 8.025   11.608  -5.310  1.00 27.46 ?  1870 LEU A CB  1 
ATOM   111  C CG  . LEU A 1 18  ? 7.134   11.295  -6.517  1.00 27.08 ?  1870 LEU A CG  1 
ATOM   112  C CD1 . LEU A 1 18  ? 5.767   10.738  -6.084  1.00 25.31 ?  1870 LEU A CD1 1 
ATOM   113  C CD2 . LEU A 1 18  ? 6.956   12.550  -7.389  1.00 26.67 ?  1870 LEU A CD2 1 
ATOM   114  N N   . ALA A 1 19  ? 10.301  9.487   -5.320  1.00 28.31 ?  1871 ALA A N   1 
ATOM   115  C CA  . ALA A 1 19  ? 11.065  8.470   -6.037  1.00 28.30 ?  1871 ALA A CA  1 
ATOM   116  C C   . ALA A 1 19  ? 11.296  7.219   -5.195  1.00 27.26 ?  1871 ALA A C   1 
ATOM   117  O O   . ALA A 1 19  ? 11.303  6.099   -5.712  1.00 28.49 ?  1871 ALA A O   1 
ATOM   118  C CB  . ALA A 1 19  ? 12.402  9.047   -6.497  1.00 31.84 ?  1871 ALA A CB  1 
ATOM   119  N N   . LEU A 1 20  ? 11.524  7.404   -3.902  1.00 27.71 ?  1872 LEU A N   1 
ATOM   120  C CA  . LEU A 1 20  ? 11.696  6.271   -2.995  1.00 27.40 ?  1872 LEU A CA  1 
ATOM   121  C C   . LEU A 1 20  ? 10.404  5.447   -2.824  1.00 27.90 ?  1872 LEU A C   1 
ATOM   122  O O   . LEU A 1 20  ? 10.442  4.206   -2.781  1.00 25.92 ?  1872 LEU A O   1 
ATOM   123  C CB  . LEU A 1 20  ? 12.174  6.755   -1.628  1.00 26.98 ?  1872 LEU A CB  1 
ATOM   124  C CG  . LEU A 1 20  ? 13.614  7.265   -1.567  1.00 34.29 ?  1872 LEU A CG  1 
ATOM   125  C CD1 . LEU A 1 20  ? 13.918  7.859   -0.196  1.00 31.15 ?  1872 LEU A CD1 1 
ATOM   126  C CD2 . LEU A 1 20  ? 14.570  6.126   -1.882  1.00 35.46 ?  1872 LEU A CD2 1 
ATOM   127  N N   . CYS A 1 21  ? 9.273   6.133   -2.692  1.00 24.88 ?  1873 CYS A N   1 
ATOM   128  C CA  . CYS A 1 21  ? 7.989   5.429   -2.611  1.00 24.78 ?  1873 CYS A CA  1 
ATOM   129  C C   . CYS A 1 21  ? 7.737   4.634   -3.885  1.00 23.44 ?  1873 CYS A C   1 
ATOM   130  O O   . CYS A 1 21  ? 7.289   3.504   -3.826  1.00 24.37 ?  1873 CYS A O   1 
ATOM   131  C CB  . CYS A 1 21  ? 6.841   6.397   -2.365  1.00 23.98 ?  1873 CYS A CB  1 
ATOM   132  S SG  . CYS A 1 21  ? 6.781   6.983   -0.655  1.00 25.68 ?  1873 CYS A SG  1 
ATOM   133  N N   . SER A 1 22  ? 8.035   5.240   -5.027  1.00 23.88 ?  1874 SER A N   1 
ATOM   134  C CA  . SER A 1 22  ? 7.903   4.558   -6.312  1.00 28.57 ?  1874 SER A CA  1 
ATOM   135  C C   . SER A 1 22  ? 8.778   3.309   -6.354  1.00 28.81 ?  1874 SER A C   1 
ATOM   136  O O   . SER A 1 22  ? 8.353   2.237   -6.816  1.00 28.18 ?  1874 SER A O   1 
ATOM   137  C CB  . SER A 1 22  ? 8.266   5.502   -7.455  1.00 32.03 ?  1874 SER A CB  1 
ATOM   138  O OG  . SER A 1 22  ? 8.392   4.784   -8.669  1.00 37.58 ?  1874 SER A OG  1 
ATOM   139  N N   . MET A 1 23  ? 10.004  3.445   -5.860  1.00 29.04 ?  1875 MET A N   1 
ATOM   140  C CA  . MET A 1 23  ? 10.908  2.307   -5.780  1.00 32.33 ?  1875 MET A CA  1 
ATOM   141  C C   . MET A 1 23  ? 10.359  1.205   -4.870  1.00 29.56 ?  1875 MET A C   1 
ATOM   142  O O   . MET A 1 23  ? 10.403  0.029   -5.218  1.00 28.09 ?  1875 MET A O   1 
ATOM   143  C CB  . MET A 1 23  ? 12.280  2.754   -5.282  1.00 33.36 ?  1875 MET A CB  1 
ATOM   144  C CG  . MET A 1 23  ? 13.211  1.607   -4.919  1.00 43.93 ?  1875 MET A CG  1 
ATOM   145  S SD  . MET A 1 23  ? 14.756  2.278   -4.261  1.00 58.71 ?  1875 MET A SD  1 
ATOM   146  C CE  . MET A 1 23  ? 15.062  3.547   -5.500  1.00 47.49 ?  1875 MET A CE  1 
ATOM   147  N N   . ILE A 1 24  ? 9.845   1.577   -3.704  1.00 26.27 ?  1876 ILE A N   1 
ATOM   148  C CA  . ILE A 1 24  ? 9.288   0.571   -2.798  1.00 29.32 ?  1876 ILE A CA  1 
ATOM   149  C C   . ILE A 1 24  ? 8.055   -0.125  -3.417  1.00 27.51 ?  1876 ILE A C   1 
ATOM   150  O O   . ILE A 1 24  ? 7.892   -1.336  -3.285  1.00 25.28 ?  1876 ILE A O   1 
ATOM   151  C CB  . ILE A 1 24  ? 8.911   1.192   -1.435  1.00 27.30 ?  1876 ILE A CB  1 
ATOM   152  C CG1 . ILE A 1 24  ? 10.174  1.499   -0.632  1.00 30.73 ?  1876 ILE A CG1 1 
ATOM   153  C CG2 . ILE A 1 24  ? 8.014   0.274   -0.644  1.00 25.54 ?  1876 ILE A CG2 1 
ATOM   154  C CD1 . ILE A 1 24  ? 9.927   2.398   0.555   1.00 30.45 ?  1876 ILE A CD1 1 
ATOM   155  N N   . LEU A 1 25  ? 7.211   0.639   -4.108  1.00 25.77 ?  1877 LEU A N   1 
ATOM   156  C CA  . LEU A 1 25  ? 6.040   0.067   -4.769  1.00 27.41 ?  1877 LEU A CA  1 
ATOM   157  C C   . LEU A 1 25  ? 6.470   -0.950  -5.822  1.00 26.43 ?  1877 LEU A C   1 
ATOM   158  O O   . LEU A 1 25  ? 5.874   -2.016  -5.941  1.00 23.97 ?  1877 LEU A O   1 
ATOM   159  C CB  . LEU A 1 25  ? 5.188   1.155   -5.413  1.00 24.39 ?  1877 LEU A CB  1 
ATOM   160  C CG  . LEU A 1 25  ? 3.873   0.727   -6.073  1.00 22.35 ?  1877 LEU A CG  1 
ATOM   161  C CD1 . LEU A 1 25  ? 2.970   -0.007  -5.094  1.00 22.18 ?  1877 LEU A CD1 1 
ATOM   162  C CD2 . LEU A 1 25  ? 3.139   1.933   -6.657  1.00 21.43 ?  1877 LEU A CD2 1 
ATOM   163  N N   . THR A 1 26  ? 7.522   -0.623  -6.573  1.00 26.57 ?  1878 THR A N   1 
ATOM   164  C CA  . THR A 1 26  ? 8.049   -1.539  -7.590  1.00 26.50 ?  1878 THR A CA  1 
ATOM   165  C C   . THR A 1 26  ? 8.569   -2.850  -6.975  1.00 29.32 ?  1878 THR A C   1 
ATOM   166  O O   . THR A 1 26  ? 8.356   -3.942  -7.516  1.00 25.69 ?  1878 THR A O   1 
ATOM   167  C CB  . THR A 1 26  ? 9.176   -0.872  -8.405  1.00 30.14 ?  1878 THR A CB  1 
ATOM   168  O OG1 . THR A 1 26  ? 8.642   0.238   -9.139  1.00 32.70 ?  1878 THR A OG1 1 
ATOM   169  C CG2 . THR A 1 26  ? 9.809   -1.861  -9.374  1.00 27.69 ?  1878 THR A CG2 1 
ATOM   170  N N   . GLU A 1 27  ? 9.236   -2.748  -5.832  1.00 25.75 ?  1879 GLU A N   1 
ATOM   171  C CA  . GLU A 1 27  ? 9.729   -3.940  -5.149  1.00 26.23 ?  1879 GLU A CA  1 
ATOM   172  C C   . GLU A 1 27  ? 8.571   -4.812  -4.660  1.00 27.00 ?  1879 GLU A C   1 
ATOM   173  O O   . GLU A 1 27  ? 8.651   -6.044  -4.659  1.00 24.89 ?  1879 GLU A O   1 
ATOM   174  C CB  . GLU A 1 27  ? 10.640  -3.534  -3.989  1.00 28.01 ?  1879 GLU A CB  1 
ATOM   175  C CG  . GLU A 1 27  ? 11.900  -2.825  -4.471  1.00 30.13 ?  1879 GLU A CG  1 
ATOM   176  C CD  . GLU A 1 27  ? 12.670  -2.133  -3.362  1.00 37.28 ?  1879 GLU A CD  1 
ATOM   177  O OE1 . GLU A 1 27  ? 12.168  -2.060  -2.229  1.00 38.18 ?  1879 GLU A OE1 1 
ATOM   178  O OE2 . GLU A 1 27  ? 13.788  -1.659  -3.628  1.00 47.11 ?  1879 GLU A OE2 1 
ATOM   179  N N   . MET A 1 28  ? 7.482   -4.175  -4.249  1.00 25.80 ?  1880 MET A N   1 
ATOM   180  C CA  . MET A 1 28  ? 6.331   -4.945  -3.801  1.00 24.79 ?  1880 MET A CA  1 
ATOM   181  C C   . MET A 1 28  ? 5.677   -5.634  -4.997  1.00 26.36 ?  1880 MET A C   1 
ATOM   182  O O   . MET A 1 28  ? 5.308   -6.802  -4.901  1.00 26.49 ?  1880 MET A O   1 
ATOM   183  C CB  . MET A 1 28  ? 5.346   -4.061  -3.052  1.00 24.53 ?  1880 MET A CB  1 
ATOM   184  C CG  . MET A 1 28  ? 5.774   -3.840  -1.561  1.00 24.50 ?  1880 MET A CG  1 
ATOM   185  S SD  . MET A 1 28  ? 4.390   -3.172  -0.635  1.00 42.20 ?  1880 MET A SD  1 
ATOM   186  C CE  . MET A 1 28  ? 4.179   -1.597  -1.462  1.00 35.17 ?  1880 MET A CE  1 
ATOM   187  N N   . GLU A 1 29  ? 5.581   -4.927  -6.125  1.00 24.85 ?  1881 GLU A N   1 
ATOM   188  C CA  . GLU A 1 29  ? 4.932   -5.468  -7.309  1.00 26.43 ?  1881 GLU A CA  1 
ATOM   189  C C   . GLU A 1 29  ? 5.696   -6.632  -7.909  1.00 26.44 ?  1881 GLU A C   1 
ATOM   190  O O   . GLU A 1 29  ? 5.106   -7.459  -8.577  1.00 29.72 ?  1881 GLU A O   1 
ATOM   191  C CB  . GLU A 1 29  ? 4.740   -4.379  -8.370  1.00 26.93 ?  1881 GLU A CB  1 
ATOM   192  C CG  . GLU A 1 29  ? 3.702   -3.344  -7.957  1.00 27.83 ?  1881 GLU A CG  1 
ATOM   193  C CD  . GLU A 1 29  ? 3.540   -2.221  -8.962  1.00 28.67 ?  1881 GLU A CD  1 
ATOM   194  O OE1 . GLU A 1 29  ? 4.535   -1.854  -9.620  1.00 32.33 ?  1881 GLU A OE1 1 
ATOM   195  O OE2 . GLU A 1 29  ? 2.415   -1.691  -9.074  1.00 29.70 ?  1881 GLU A OE2 1 
ATOM   196  N N   . THR A 1 30  ? 7.000   -6.712  -7.673  1.00 27.67 ?  1882 THR A N   1 
ATOM   197  C CA  . THR A 1 30  ? 7.782   -7.811  -8.237  1.00 28.51 ?  1882 THR A CA  1 
ATOM   198  C C   . THR A 1 30  ? 7.938   -8.989  -7.262  1.00 32.22 ?  1882 THR A C   1 
ATOM   199  O O   . THR A 1 30  ? 8.479   -10.031 -7.622  1.00 33.23 ?  1882 THR A O   1 
ATOM   200  C CB  . THR A 1 30  ? 9.179   -7.335  -8.692  1.00 29.82 ?  1882 THR A CB  1 
ATOM   201  O OG1 . THR A 1 30  ? 9.934   -6.896  -7.565  1.00 33.88 ?  1882 THR A OG1 1 
ATOM   202  C CG2 . THR A 1 30  ? 9.057   -6.185  -9.656  1.00 34.28 ?  1882 THR A CG2 1 
ATOM   203  N N   . HIS A 1 31  ? 7.464   -8.834  -6.032  1.00 27.38 ?  1883 HIS A N   1 
ATOM   204  C CA  . HIS A 1 31  ? 7.467   -9.935  -5.069  1.00 26.10 ?  1883 HIS A CA  1 
ATOM   205  C C   . HIS A 1 31  ? 6.548   -11.045 -5.595  1.00 29.20 ?  1883 HIS A C   1 
ATOM   206  O O   . HIS A 1 31  ? 5.505   -10.777 -6.205  1.00 26.58 ?  1883 HIS A O   1 
ATOM   207  C CB  . HIS A 1 31  ? 7.004   -9.412  -3.704  1.00 27.47 ?  1883 HIS A CB  1 
ATOM   208  C CG  . HIS A 1 31  ? 7.157   -10.378 -2.566  1.00 28.12 ?  1883 HIS A CG  1 
ATOM   209  N ND1 . HIS A 1 31  ? 6.596   -11.637 -2.564  1.00 27.18 ?  1883 HIS A ND1 1 
ATOM   210  C CD2 . HIS A 1 31  ? 7.754   -10.228 -1.356  1.00 25.39 ?  1883 HIS A CD2 1 
ATOM   211  C CE1 . HIS A 1 31  ? 6.867   -12.235 -1.415  1.00 28.06 ?  1883 HIS A CE1 1 
ATOM   212  N NE2 . HIS A 1 31  ? 7.560   -11.397 -0.664  1.00 28.03 ?  1883 HIS A NE2 1 
ATOM   213  N N   . GLU A 1 32  ? 6.918   -12.300 -5.385  1.00 30.30 ?  1884 GLU A N   1 
ATOM   214  C CA  . GLU A 1 32  ? 6.131   -13.366 -5.990  1.00 30.60 ?  1884 GLU A CA  1 
ATOM   215  C C   . GLU A 1 32  ? 4.757   -13.527 -5.331  1.00 28.68 ?  1884 GLU A C   1 
ATOM   216  O O   . GLU A 1 32  ? 3.853   -14.128 -5.912  1.00 29.61 ?  1884 GLU A O   1 
ATOM   217  C CB  . GLU A 1 32  ? 6.900   -14.692 -5.960  1.00 35.91 ?  1884 GLU A CB  1 
ATOM   218  C CG  . GLU A 1 32  ? 7.262   -15.221 -4.591  1.00 33.45 ?  1884 GLU A CG  1 
ATOM   219  C CD  . GLU A 1 32  ? 8.058   -16.536 -4.687  1.00 45.83 ?  1884 GLU A CD  1 
ATOM   220  O OE1 . GLU A 1 32  ? 7.930   -17.240 -5.715  1.00 49.85 ?  1884 GLU A OE1 1 
ATOM   221  O OE2 . GLU A 1 32  ? 8.807   -16.872 -3.745  1.00 43.14 ?  1884 GLU A OE2 1 
ATOM   222  N N   . ASP A 1 33  ? 4.577   -12.980 -4.140  1.00 26.13 ?  1885 ASP A N   1 
ATOM   223  C CA  . ASP A 1 33  ? 3.277   -13.062 -3.498  1.00 23.31 ?  1885 ASP A CA  1 
ATOM   224  C C   . ASP A 1 33  ? 2.420   -11.807 -3.744  1.00 23.85 ?  1885 ASP A C   1 
ATOM   225  O O   . ASP A 1 33  ? 1.435   -11.575 -3.049  1.00 25.53 ?  1885 ASP A O   1 
ATOM   226  C CB  . ASP A 1 33  ? 3.445   -13.295 -1.998  1.00 25.54 ?  1885 ASP A CB  1 
ATOM   227  C CG  . ASP A 1 33  ? 4.137   -14.621 -1.686  1.00 28.18 ?  1885 ASP A CG  1 
ATOM   228  O OD1 . ASP A 1 33  ? 4.230   -15.488 -2.589  1.00 28.46 ?  1885 ASP A OD1 1 
ATOM   229  O OD2 . ASP A 1 33  ? 4.580   -14.797 -0.541  1.00 26.63 ?  1885 ASP A OD2 1 
ATOM   230  N N   . ALA A 1 34  ? 2.785   -11.009 -4.738  1.00 24.64 ?  1886 ALA A N   1 
ATOM   231  C CA  . ALA A 1 34  ? 2.057   -9.769  -5.013  1.00 23.70 ?  1886 ALA A CA  1 
ATOM   232  C C   . ALA A 1 34  ? 0.767   -9.980  -5.802  1.00 23.47 ?  1886 ALA A C   1 
ATOM   233  O O   . ALA A 1 34  ? -0.069  -9.080  -5.883  1.00 22.29 ?  1886 ALA A O   1 
ATOM   234  C CB  . ALA A 1 34  ? 2.964   -8.790  -5.772  1.00 23.88 ?  1886 ALA A CB  1 
ATOM   235  N N   . TRP A 1 35  ? 0.623   -11.156 -6.412  1.00 23.80 ?  1887 TRP A N   1 
ATOM   236  C CA  . TRP A 1 35  ? -0.444  -11.398 -7.386  1.00 26.80 ?  1887 TRP A CA  1 
ATOM   237  C C   . TRP A 1 35  ? -1.879  -11.097 -6.917  1.00 25.91 ?  1887 TRP A C   1 
ATOM   238  O O   . TRP A 1 35  ? -2.689  -10.637 -7.730  1.00 24.03 ?  1887 TRP A O   1 
ATOM   239  C CB  . TRP A 1 35  ? -0.377  -12.845 -7.907  1.00 28.91 ?  1887 TRP A CB  1 
ATOM   240  C CG  . TRP A 1 35  ? -0.399  -13.925 -6.853  1.00 29.56 ?  1887 TRP A CG  1 
ATOM   241  C CD1 . TRP A 1 35  ? 0.680   -14.467 -6.214  1.00 27.15 ?  1887 TRP A CD1 1 
ATOM   242  C CD2 . TRP A 1 35  ? -1.556  -14.613 -6.343  1.00 28.44 ?  1887 TRP A CD2 1 
ATOM   243  N NE1 . TRP A 1 35  ? 0.269   -15.445 -5.332  1.00 26.66 ?  1887 TRP A NE1 1 
ATOM   244  C CE2 . TRP A 1 35  ? -1.097  -15.550 -5.388  1.00 29.71 ?  1887 TRP A CE2 1 
ATOM   245  C CE3 . TRP A 1 35  ? -2.931  -14.520 -6.593  1.00 30.30 ?  1887 TRP A CE3 1 
ATOM   246  C CZ2 . TRP A 1 35  ? -1.965  -16.382 -4.679  1.00 30.77 ?  1887 TRP A CZ2 1 
ATOM   247  C CZ3 . TRP A 1 35  ? -3.795  -15.359 -5.896  1.00 28.63 ?  1887 TRP A CZ3 1 
ATOM   248  C CH2 . TRP A 1 35  ? -3.306  -16.278 -4.951  1.00 30.76 ?  1887 TRP A CH2 1 
ATOM   249  N N   . PRO A 1 36  ? -2.206  -11.320 -5.622  1.00 20.78 ?  1888 PRO A N   1 
ATOM   250  C CA  . PRO A 1 36  ? -3.587  -10.960 -5.275  1.00 23.19 ?  1888 PRO A CA  1 
ATOM   251  C C   . PRO A 1 36  ? -3.842  -9.455  -5.243  1.00 23.77 ?  1888 PRO A C   1 
ATOM   252  O O   . PRO A 1 36  ? -4.996  -9.030  -5.111  1.00 22.82 ?  1888 PRO A O   1 
ATOM   253  C CB  . PRO A 1 36  ? -3.764  -11.542 -3.857  1.00 21.60 ?  1888 PRO A CB  1 
ATOM   254  C CG  . PRO A 1 36  ? -2.657  -12.532 -3.692  1.00 23.69 ?  1888 PRO A CG  1 
ATOM   255  C CD  . PRO A 1 36  ? -1.518  -11.966 -4.487  1.00 21.62 ?  1888 PRO A CD  1 
ATOM   256  N N   . PHE A 1 37  ? -2.776  -8.667  -5.320  1.00 23.20 ?  1889 PHE A N   1 
ATOM   257  C CA  . PHE A 1 37  ? -2.850  -7.238  -5.007  1.00 20.91 ?  1889 PHE A CA  1 
ATOM   258  C C   . PHE A 1 37  ? -2.502  -6.334  -6.189  1.00 21.81 ?  1889 PHE A C   1 
ATOM   259  O O   . PHE A 1 37  ? -2.568  -5.117  -6.063  1.00 22.92 ?  1889 PHE A O   1 
ATOM   260  C CB  . PHE A 1 37  ? -1.925  -6.910  -3.819  1.00 23.91 ?  1889 PHE A CB  1 
ATOM   261  C CG  . PHE A 1 37  ? -2.097  -7.842  -2.672  1.00 20.08 ?  1889 PHE A CG  1 
ATOM   262  C CD1 . PHE A 1 37  ? -3.303  -7.883  -1.983  1.00 21.47 ?  1889 PHE A CD1 1 
ATOM   263  C CD2 . PHE A 1 37  ? -1.077  -8.713  -2.309  1.00 21.62 ?  1889 PHE A CD2 1 
ATOM   264  C CE1 . PHE A 1 37  ? -3.498  -8.782  -0.944  1.00 20.71 ?  1889 PHE A CE1 1 
ATOM   265  C CE2 . PHE A 1 37  ? -1.257  -9.614  -1.261  1.00 19.67 ?  1889 PHE A CE2 1 
ATOM   266  C CZ  . PHE A 1 37  ? -2.473  -9.647  -0.582  1.00 22.98 ?  1889 PHE A CZ  1 
ATOM   267  N N   . LEU A 1 38  ? -2.135  -6.924  -7.326  1.00 22.62 ?  1890 LEU A N   1 
ATOM   268  C CA  . LEU A 1 38  ? -1.598  -6.163  -8.450  1.00 23.64 ?  1890 LEU A CA  1 
ATOM   269  C C   . LEU A 1 38  ? -2.658  -5.303  -9.139  1.00 26.44 ?  1890 LEU A C   1 
ATOM   270  O O   . LEU A 1 38  ? -2.355  -4.215  -9.633  1.00 26.81 ?  1890 LEU A O   1 
ATOM   271  C CB  . LEU A 1 38  ? -0.948  -7.105  -9.475  1.00 25.98 ?  1890 LEU A CB  1 
ATOM   272  C CG  . LEU A 1 38  ? 0.374   -7.769  -9.066  1.00 26.50 ?  1890 LEU A CG  1 
ATOM   273  C CD1 . LEU A 1 38  ? 0.804   -8.815  -10.091 1.00 25.32 ?  1890 LEU A CD1 1 
ATOM   274  C CD2 . LEU A 1 38  ? 1.467   -6.728  -8.918  1.00 24.53 ?  1890 LEU A CD2 1 
ATOM   275  N N   . LEU A 1 39  ? -3.896  -5.790  -9.163  1.00 24.07 ?  1891 LEU A N   1 
ATOM   276  C CA  . LEU A 1 39  ? -4.990  -5.114  -9.864  1.00 26.71 ?  1891 LEU A CA  1 
ATOM   277  C C   . LEU A 1 39  ? -6.196  -4.991  -8.949  1.00 25.87 ?  1891 LEU A C   1 
ATOM   278  O O   . LEU A 1 39  ? -6.290  -5.732  -7.969  1.00 24.43 ?  1891 LEU A O   1 
ATOM   279  C CB  . LEU A 1 39  ? -5.366  -5.883  -11.131 1.00 25.95 ?  1891 LEU A CB  1 
ATOM   280  C CG  . LEU A 1 39  ? -4.322  -5.942  -12.239 1.00 28.17 ?  1891 LEU A CG  1 
ATOM   281  C CD1 . LEU A 1 39  ? -4.838  -6.751  -13.426 1.00 29.72 ?  1891 LEU A CD1 1 
ATOM   282  C CD2 . LEU A 1 39  ? -3.947  -4.537  -12.679 1.00 32.37 ?  1891 LEU A CD2 1 
ATOM   283  N N   . PRO A 1 40  ? -7.135  -4.074  -9.264  1.00 24.33 ?  1892 PRO A N   1 
ATOM   284  C CA  . PRO A 1 40  ? -8.345  -4.004  -8.429  1.00 25.81 ?  1892 PRO A CA  1 
ATOM   285  C C   . PRO A 1 40  ? -9.114  -5.318  -8.432  1.00 29.06 ?  1892 PRO A C   1 
ATOM   286  O O   . PRO A 1 40  ? -9.163  -5.998  -9.460  1.00 26.03 ?  1892 PRO A O   1 
ATOM   287  C CB  . PRO A 1 40  ? -9.176  -2.893  -9.087  1.00 23.45 ?  1892 PRO A CB  1 
ATOM   288  C CG  . PRO A 1 40  ? -8.189  -2.085  -9.861  1.00 28.02 ?  1892 PRO A CG  1 
ATOM   289  C CD  . PRO A 1 40  ? -7.161  -3.070  -10.347 1.00 25.54 ?  1892 PRO A CD  1 
ATOM   290  N N   . VAL A 1 41  ? -9.668  -5.691  -7.284  1.00 25.24 ?  1893 VAL A N   1 
ATOM   291  C CA  . VAL A 1 41  ? -10.562 -6.846  -7.223  1.00 29.81 ?  1893 VAL A CA  1 
ATOM   292  C C   . VAL A 1 41  ? -11.757 -6.622  -8.149  1.00 30.68 ?  1893 VAL A C   1 
ATOM   293  O O   . VAL A 1 41  ? -12.321 -5.527  -8.198  1.00 29.13 ?  1893 VAL A O   1 
ATOM   294  C CB  . VAL A 1 41  ? -11.056 -7.106  -5.786  1.00 29.57 ?  1893 VAL A CB  1 
ATOM   295  C CG1 . VAL A 1 41  ? -12.047 -8.270  -5.766  1.00 29.85 ?  1893 VAL A CG1 1 
ATOM   296  C CG2 . VAL A 1 41  ? -9.874  -7.393  -4.858  1.00 26.22 ?  1893 VAL A CG2 1 
ATOM   297  N N   . ASN A 1 42  ? -12.131 -7.642  -8.911  1.00 33.07 ?  1894 ASN A N   1 
ATOM   298  C CA  . ASN A 1 42  ? -13.253 -7.491  -9.837  1.00 39.19 ?  1894 ASN A CA  1 
ATOM   299  C C   . ASN A 1 42  ? -14.580 -7.472  -9.083  1.00 37.89 ?  1894 ASN A C   1 
ATOM   300  O O   . ASN A 1 42  ? -15.043 -8.510  -8.616  1.00 38.37 ?  1894 ASN A O   1 
ATOM   301  C CB  . ASN A 1 42  ? -13.249 -8.615  -10.880 1.00 44.18 ?  1894 ASN A CB  1 
ATOM   302  C CG  . ASN A 1 42  ? -14.180 -8.330  -12.043 1.00 43.97 ?  1894 ASN A CG  1 
ATOM   303  O OD1 . ASN A 1 42  ? -15.261 -7.763  -11.868 1.00 44.97 ?  1894 ASN A OD1 1 
ATOM   304  N ND2 . ASN A 1 42  ? -13.762 -8.713  -13.241 1.00 48.41 ?  1894 ASN A ND2 1 
ATOM   305  N N   . LEU A 1 43  ? -15.187 -6.294  -8.978  1.00 37.82 ?  1895 LEU A N   1 
ATOM   306  C CA  . LEU A 1 43  ? -16.340 -6.094  -8.101  1.00 39.93 ?  1895 LEU A CA  1 
ATOM   307  C C   . LEU A 1 43  ? -17.601 -6.751  -8.633  1.00 44.86 ?  1895 LEU A C   1 
ATOM   308  O O   . LEU A 1 43  ? -18.571 -6.953  -7.893  1.00 43.65 ?  1895 LEU A O   1 
ATOM   309  C CB  . LEU A 1 43  ? -16.589 -4.604  -7.879  1.00 38.66 ?  1895 LEU A CB  1 
ATOM   310  C CG  . LEU A 1 43  ? -15.542 -3.885  -7.021  1.00 39.18 ?  1895 LEU A CG  1 
ATOM   311  C CD1 . LEU A 1 43  ? -15.971 -2.444  -6.747  1.00 37.70 ?  1895 LEU A CD1 1 
ATOM   312  C CD2 . LEU A 1 43  ? -15.302 -4.644  -5.726  1.00 32.30 ?  1895 LEU A CD2 1 
ATOM   313  N N   . LYS A 1 44  ? -17.587 -7.096  -9.914  1.00 46.02 ?  1896 LYS A N   1 
ATOM   314  C CA  . LYS A 1 44  ? -18.741 -7.736  -10.525 1.00 49.34 ?  1896 LYS A CA  1 
ATOM   315  C C   . LYS A 1 44  ? -18.628 -9.251  -10.453 1.00 47.53 ?  1896 LYS A C   1 
ATOM   316  O O   . LYS A 1 44  ? -19.636 -9.938  -10.493 1.00 52.70 ?  1896 LYS A O   1 
ATOM   317  C CB  . LYS A 1 44  ? -18.916 -7.266  -11.975 1.00 49.89 ?  1896 LYS A CB  1 
ATOM   318  C CG  . LYS A 1 44  ? -19.124 -5.765  -12.101 1.00 53.72 ?  1896 LYS A CG  1 
ATOM   319  C CD  . LYS A 1 44  ? -19.484 -5.336  -13.513 1.00 60.81 ?  1896 LYS A CD  1 
ATOM   320  C CE  . LYS A 1 44  ? -18.252 -5.256  -14.411 1.00 65.13 ?  1896 LYS A CE  1 
ATOM   321  N NZ  . LYS A 1 44  ? -17.039 -4.709  -13.707 1.00 65.48 ?  1896 LYS A NZ  1 
ATOM   322  N N   . LEU A 1 45  ? -17.407 -9.769  -10.344 1.00 43.51 ?  1897 LEU A N   1 
ATOM   323  C CA  . LEU A 1 45  ? -17.202 -11.218 -10.318 1.00 42.45 ?  1897 LEU A CA  1 
ATOM   324  C C   . LEU A 1 45  ? -16.873 -11.775 -8.937  1.00 43.00 ?  1897 LEU A C   1 
ATOM   325  O O   . LEU A 1 45  ? -16.711 -12.980 -8.774  1.00 46.74 ?  1897 LEU A O   1 
ATOM   326  C CB  . LEU A 1 45  ? -16.086 -11.615 -11.283 1.00 44.17 ?  1897 LEU A CB  1 
ATOM   327  C CG  . LEU A 1 45  ? -16.200 -11.034 -12.694 1.00 50.39 ?  1897 LEU A CG  1 
ATOM   328  C CD1 . LEU A 1 45  ? -15.110 -11.631 -13.586 1.00 49.82 ?  1897 LEU A CD1 1 
ATOM   329  C CD2 . LEU A 1 45  ? -17.593 -11.261 -13.282 1.00 48.51 ?  1897 LEU A CD2 1 
ATOM   330  N N   . VAL A 1 46  ? -16.747 -10.910 -7.943  1.00 41.83 ?  1898 VAL A N   1 
ATOM   331  C CA  . VAL A 1 46  ? -16.442 -11.370 -6.597  1.00 35.46 ?  1898 VAL A CA  1 
ATOM   332  C C   . VAL A 1 46  ? -17.577 -10.954 -5.675  1.00 39.06 ?  1898 VAL A C   1 
ATOM   333  O O   . VAL A 1 46  ? -17.635 -9.806  -5.225  1.00 36.33 ?  1898 VAL A O   1 
ATOM   334  C CB  . VAL A 1 46  ? -15.102 -10.814 -6.088  1.00 40.43 ?  1898 VAL A CB  1 
ATOM   335  C CG1 . VAL A 1 46  ? -14.817 -11.306 -4.670  1.00 34.83 ?  1898 VAL A CG1 1 
ATOM   336  C CG2 . VAL A 1 46  ? -13.966 -11.217 -7.041  1.00 39.52 ?  1898 VAL A CG2 1 
ATOM   337  N N   . PRO A 1 47  ? -18.504 -11.889 -5.417  1.00 40.86 ?  1899 PRO A N   1 
ATOM   338  C CA  . PRO A 1 47  ? -19.661 -11.646 -4.547  1.00 38.29 ?  1899 PRO A CA  1 
ATOM   339  C C   . PRO A 1 47  ? -19.238 -11.149 -3.172  1.00 31.53 ?  1899 PRO A C   1 
ATOM   340  O O   . PRO A 1 47  ? -18.310 -11.699 -2.593  1.00 33.42 ?  1899 PRO A O   1 
ATOM   341  C CB  . PRO A 1 47  ? -20.327 -13.026 -4.449  1.00 41.41 ?  1899 PRO A CB  1 
ATOM   342  C CG  . PRO A 1 47  ? -19.898 -13.742 -5.695  1.00 41.12 ?  1899 PRO A CG  1 
ATOM   343  C CD  . PRO A 1 47  ? -18.492 -13.266 -5.949  1.00 39.26 ?  1899 PRO A CD  1 
ATOM   344  N N   . GLY A 1 48  ? -19.909 -10.120 -2.671  1.00 32.28 ?  1900 GLY A N   1 
ATOM   345  C CA  . GLY A 1 48  ? -19.635 -9.602  -1.344  1.00 30.78 ?  1900 GLY A CA  1 
ATOM   346  C C   . GLY A 1 48  ? -18.615 -8.475  -1.269  1.00 29.00 ?  1900 GLY A C   1 
ATOM   347  O O   . GLY A 1 48  ? -18.695 -7.627  -0.382  1.00 29.39 ?  1900 GLY A O   1 
ATOM   348  N N   . TYR A 1 49  ? -17.646 -8.461  -2.180  1.00 30.41 ?  1901 TYR A N   1 
ATOM   349  C CA  . TYR A 1 49  ? -16.493 -7.576  -2.000  1.00 29.58 ?  1901 TYR A CA  1 
ATOM   350  C C   . TYR A 1 49  ? -16.890 -6.109  -2.048  1.00 28.33 ?  1901 TYR A C   1 
ATOM   351  O O   . TYR A 1 49  ? -16.454 -5.314  -1.208  1.00 30.23 ?  1901 TYR A O   1 
ATOM   352  C CB  . TYR A 1 49  ? -15.415 -7.848  -3.045  1.00 27.16 ?  1901 TYR A CB  1 
ATOM   353  C CG  . TYR A 1 49  ? -14.054 -7.391  -2.584  1.00 26.64 ?  1901 TYR A CG  1 
ATOM   354  C CD1 . TYR A 1 49  ? -13.628 -6.081  -2.785  1.00 28.37 ?  1901 TYR A CD1 1 
ATOM   355  C CD2 . TYR A 1 49  ? -13.203 -8.264  -1.913  1.00 26.47 ?  1901 TYR A CD2 1 
ATOM   356  C CE1 . TYR A 1 49  ? -12.375 -5.659  -2.354  1.00 25.13 ?  1901 TYR A CE1 1 
ATOM   357  C CE2 . TYR A 1 49  ? -11.950 -7.852  -1.480  1.00 26.00 ?  1901 TYR A CE2 1 
ATOM   358  C CZ  . TYR A 1 49  ? -11.546 -6.547  -1.701  1.00 24.62 ?  1901 TYR A CZ  1 
ATOM   359  O OH  . TYR A 1 49  ? -10.303 -6.144  -1.259  1.00 26.81 ?  1901 TYR A OH  1 
ATOM   360  N N   . LYS A 1 50  ? -17.740 -5.756  -3.009  1.00 31.25 ?  1902 LYS A N   1 
ATOM   361  C CA  . LYS A 1 50  ? -18.156 -4.367  -3.142  1.00 31.20 ?  1902 LYS A CA  1 
ATOM   362  C C   . LYS A 1 50  ? -18.882 -3.868  -1.900  1.00 30.39 ?  1902 LYS A C   1 
ATOM   363  O O   . LYS A 1 50  ? -18.609 -2.769  -1.423  1.00 32.79 ?  1902 LYS A O   1 
ATOM   364  C CB  . LYS A 1 50  ? -19.040 -4.169  -4.368  1.00 33.19 ?  1902 LYS A CB  1 
ATOM   365  C CG  . LYS A 1 50  ? -19.375 -2.708  -4.555  1.00 35.15 ?  1902 LYS A CG  1 
ATOM   366  C CD  . LYS A 1 50  ? -20.041 -2.420  -5.865  1.00 38.93 ?  1902 LYS A CD  1 
ATOM   367  C CE  . LYS A 1 50  ? -20.007 -0.911  -6.112  1.00 44.09 ?  1902 LYS A CE  1 
ATOM   368  N NZ  . LYS A 1 50  ? -21.165 -0.384  -6.873  1.00 45.28 ?  1902 LYS A NZ  1 
ATOM   369  N N   . LYS A 1 51  ? -19.792 -4.681  -1.361  1.00 30.12 ?  1903 LYS A N   1 
ATOM   370  C CA  . LYS A 1 51  ? -20.551 -4.296  -0.172  1.00 29.15 ?  1903 LYS A CA  1 
ATOM   371  C C   . LYS A 1 51  ? -19.707 -4.288  1.108   1.00 29.21 ?  1903 LYS A C   1 
ATOM   372  O O   . LYS A 1 51  ? -19.834 -3.383  1.944   1.00 31.61 ?  1903 LYS A O   1 
ATOM   373  C CB  . LYS A 1 51  ? -21.759 -5.234  0.008   1.00 29.05 ?  1903 LYS A CB  1 
ATOM   374  C CG  . LYS A 1 51  ? -22.657 -4.897  1.201   1.00 28.99 ?  1903 LYS A CG  1 
ATOM   375  C CD  . LYS A 1 51  ? -23.255 -3.495  1.094   1.00 29.59 ?  1903 LYS A CD  1 
ATOM   376  C CE  . LYS A 1 51  ? -24.190 -3.202  2.256   1.00 32.90 ?  1903 LYS A CE  1 
ATOM   377  N NZ  . LYS A 1 51  ? -25.511 -3.850  2.078   1.00 28.67 ?  1903 LYS A NZ  1 
ATOM   378  N N   . VAL A 1 52  ? -18.856 -5.299  1.266   1.00 27.23 ?  1904 VAL A N   1 
ATOM   379  C CA  . VAL A 1 52  ? -18.087 -5.471  2.508   1.00 28.11 ?  1904 VAL A CA  1 
ATOM   380  C C   . VAL A 1 52  ? -16.880 -4.532  2.601   1.00 31.32 ?  1904 VAL A C   1 
ATOM   381  O O   . VAL A 1 52  ? -16.602 -3.953  3.651   1.00 31.03 ?  1904 VAL A O   1 
ATOM   382  C CB  . VAL A 1 52  ? -17.601 -6.938  2.658   1.00 30.72 ?  1904 VAL A CB  1 
ATOM   383  C CG1 . VAL A 1 52  ? -16.644 -7.095  3.849   1.00 26.22 ?  1904 VAL A CG1 1 
ATOM   384  C CG2 . VAL A 1 52  ? -18.793 -7.878  2.819   1.00 30.54 ?  1904 VAL A CG2 1 
ATOM   385  N N   . ILE A 1 53  ? -16.164 -4.368  1.500   1.00 27.20 ?  1905 ILE A N   1 
ATOM   386  C CA  . ILE A 1 53  ? -14.924 -3.585  1.532   1.00 27.22 ?  1905 ILE A CA  1 
ATOM   387  C C   . ILE A 1 53  ? -15.202 -2.149  1.109   1.00 26.61 ?  1905 ILE A C   1 
ATOM   388  O O   . ILE A 1 53  ? -15.394 -1.863  -0.063  1.00 26.88 ?  1905 ILE A O   1 
ATOM   389  C CB  . ILE A 1 53  ? -13.849 -4.213  0.630   1.00 25.57 ?  1905 ILE A CB  1 
ATOM   390  C CG1 . ILE A 1 53  ? -13.575 -5.655  1.073   1.00 25.95 ?  1905 ILE A CG1 1 
ATOM   391  C CG2 . ILE A 1 53  ? -12.566 -3.372  0.639   1.00 24.58 ?  1905 ILE A CG2 1 
ATOM   392  C CD1 . ILE A 1 53  ? -13.004 -5.760  2.492   1.00 24.01 ?  1905 ILE A CD1 1 
ATOM   393  N N   . LYS A 1 54  ? -15.241 -1.242  2.075   1.00 26.93 ?  1906 LYS A N   1 
ATOM   394  C CA  . LYS A 1 54  ? -15.728 0.105   1.795   1.00 29.55 ?  1906 LYS A CA  1 
ATOM   395  C C   . LYS A 1 54  ? -14.754 0.906   0.940   1.00 29.63 ?  1906 LYS A C   1 
ATOM   396  O O   . LYS A 1 54  ? -15.165 1.778   0.188   1.00 27.84 ?  1906 LYS A O   1 
ATOM   397  C CB  . LYS A 1 54  ? -16.020 0.842   3.102   1.00 30.72 ?  1906 LYS A CB  1 
ATOM   398  C CG  . LYS A 1 54  ? -17.058 0.125   3.964   1.00 37.73 ?  1906 LYS A CG  1 
ATOM   399  C CD  . LYS A 1 54  ? -18.303 -0.203  3.147   1.00 37.88 ?  1906 LYS A CD  1 
ATOM   400  C CE  . LYS A 1 54  ? -19.414 -0.810  4.004   1.00 45.27 ?  1906 LYS A CE  1 
ATOM   401  N NZ  . LYS A 1 54  ? -20.744 -0.759  3.300   1.00 41.14 ?  1906 LYS A NZ  1 
ATOM   402  N N   . LYS A 1 55  ? -13.466 0.604   1.051   1.00 28.34 ?  1907 LYS A N   1 
ATOM   403  C CA  . LYS A 1 55  ? -12.440 1.316   0.293   1.00 27.80 ?  1907 LYS A CA  1 
ATOM   404  C C   . LYS A 1 55  ? -11.446 0.361   -0.335  1.00 23.44 ?  1907 LYS A C   1 
ATOM   405  O O   . LYS A 1 55  ? -10.424 0.050   0.257   1.00 25.75 ?  1907 LYS A O   1 
ATOM   406  C CB  . LYS A 1 55  ? -11.691 2.294   1.189   1.00 31.06 ?  1907 LYS A CB  1 
ATOM   407  C CG  . LYS A 1 55  ? -12.550 3.415   1.739   1.00 36.99 ?  1907 LYS A CG  1 
ATOM   408  C CD  . LYS A 1 55  ? -11.834 4.099   2.880   1.00 41.34 ?  1907 LYS A CD  1 
ATOM   409  C CE  . LYS A 1 55  ? -12.574 5.338   3.352   1.00 55.15 ?  1907 LYS A CE  1 
ATOM   410  N NZ  . LYS A 1 55  ? -11.743 6.100   4.336   1.00 56.68 ?  1907 LYS A NZ  1 
ATOM   411  N N   . PRO A 1 56  ? -11.766 -0.137  -1.523  1.00 24.83 ?  1908 PRO A N   1 
ATOM   412  C CA  . PRO A 1 56  ? -10.841 -1.018  -2.237  1.00 24.89 ?  1908 PRO A CA  1 
ATOM   413  C C   . PRO A 1 56  ? -9.550  -0.299  -2.597  1.00 23.89 ?  1908 PRO A C   1 
ATOM   414  O O   . PRO A 1 56  ? -9.578  0.883   -2.957  1.00 22.42 ?  1908 PRO A O   1 
ATOM   415  C CB  . PRO A 1 56  ? -11.624 -1.397  -3.503  1.00 24.98 ?  1908 PRO A CB  1 
ATOM   416  C CG  . PRO A 1 56  ? -13.056 -1.251  -3.096  1.00 30.78 ?  1908 PRO A CG  1 
ATOM   417  C CD  . PRO A 1 56  ? -13.073 -0.046  -2.194  1.00 26.10 ?  1908 PRO A CD  1 
ATOM   418  N N   . MET A 1 57  ? -8.431  -1.001  -2.490  1.00 21.00 ?  1909 MET A N   1 
ATOM   419  C CA  . MET A 1 57  ? -7.148  -0.453  -2.902  1.00 21.24 ?  1909 MET A CA  1 
ATOM   420  C C   . MET A 1 57  ? -6.254  -1.582  -3.414  1.00 22.20 ?  1909 MET A C   1 
ATOM   421  O O   . MET A 1 57  ? -6.379  -2.736  -2.980  1.00 22.80 ?  1909 MET A O   1 
ATOM   422  C CB  . MET A 1 57  ? -6.474  0.307   -1.750  1.00 20.02 ?  1909 MET A CB  1 
ATOM   423  C CG  . MET A 1 57  ? -5.200  1.075   -2.163  1.00 20.29 ?  1909 MET A CG  1 
ATOM   424  S SD  . MET A 1 57  ? -5.471  2.191   -3.558  1.00 24.34 ?  1909 MET A SD  1 
ATOM   425  C CE  . MET A 1 57  ? -6.822  3.188   -2.906  1.00 21.20 ?  1909 MET A CE  1 
ATOM   426  N N   . ASP A 1 58  ? -5.368  -1.243  -4.347  1.00 19.29 ?  1910 ASP A N   1 
ATOM   427  C CA  . ASP A 1 58  ? -4.478  -2.235  -4.955  1.00 22.63 ?  1910 ASP A CA  1 
ATOM   428  C C   . ASP A 1 58  ? -3.244  -1.531  -5.509  1.00 22.82 ?  1910 ASP A C   1 
ATOM   429  O O   . ASP A 1 58  ? -3.237  -0.303  -5.612  1.00 23.51 ?  1910 ASP A O   1 
ATOM   430  C CB  . ASP A 1 58  ? -5.204  -2.986  -6.059  1.00 21.81 ?  1910 ASP A CB  1 
ATOM   431  C CG  . ASP A 1 58  ? -5.429  -2.114  -7.267  1.00 26.28 ?  1910 ASP A CG  1 
ATOM   432  O OD1 . ASP A 1 58  ? -6.356  -1.264  -7.220  1.00 26.04 ?  1910 ASP A OD1 1 
ATOM   433  O OD2 . ASP A 1 58  ? -4.643  -2.259  -8.233  1.00 24.34 ?  1910 ASP A OD2 1 
ATOM   434  N N   . PHE A 1 59  ? -2.214  -2.295  -5.881  1.00 20.07 ?  1911 PHE A N   1 
ATOM   435  C CA  . PHE A 1 59  ? -0.927  -1.703  -6.251  1.00 22.12 ?  1911 PHE A CA  1 
ATOM   436  C C   . PHE A 1 59  ? -1.033  -0.828  -7.500  1.00 23.63 ?  1911 PHE A C   1 
ATOM   437  O O   . PHE A 1 59  ? -0.363  0.200   -7.591  1.00 23.25 ?  1911 PHE A O   1 
ATOM   438  C CB  . PHE A 1 59  ? 0.141   -2.784  -6.472  1.00 21.01 ?  1911 PHE A CB  1 
ATOM   439  C CG  . PHE A 1 59  ? 0.539   -3.533  -5.207  1.00 24.67 ?  1911 PHE A CG  1 
ATOM   440  C CD1 . PHE A 1 59  ? 0.230   -3.039  -3.938  1.00 20.40 ?  1911 PHE A CD1 1 
ATOM   441  C CD2 . PHE A 1 59  ? 1.225   -4.736  -5.290  1.00 21.84 ?  1911 PHE A CD2 1 
ATOM   442  C CE1 . PHE A 1 59  ? 0.604   -3.761  -2.778  1.00 21.20 ?  1911 PHE A CE1 1 
ATOM   443  C CE2 . PHE A 1 59  ? 1.602   -5.441  -4.140  1.00 23.34 ?  1911 PHE A CE2 1 
ATOM   444  C CZ  . PHE A 1 59  ? 1.286   -4.942  -2.886  1.00 21.36 ?  1911 PHE A CZ  1 
ATOM   445  N N   . SER A 1 60  ? -1.855  -1.224  -8.469  1.00 24.36 ?  1912 SER A N   1 
ATOM   446  C CA  . SER A 1 60  ? -1.936  -0.447  -9.710  1.00 26.62 ?  1912 SER A CA  1 
ATOM   447  C C   . SER A 1 60  ? -2.628  0.896   -9.445  1.00 25.39 ?  1912 SER A C   1 
ATOM   448  O O   . SER A 1 60  ? -2.268  1.915   -10.039 1.00 26.23 ?  1912 SER A O   1 
ATOM   449  C CB  . SER A 1 60  ? -2.650  -1.232  -10.829 1.00 26.84 ?  1912 SER A CB  1 
ATOM   450  O OG  . SER A 1 60  ? -4.055  -1.292  -10.642 1.00 28.16 ?  1912 SER A OG  1 
ATOM   451  N N   . THR A 1 61  ? -3.593  0.908   -8.532  1.00 23.21 ?  1913 THR A N   1 
ATOM   452  C CA  . THR A 1 61  ? -4.285  2.140   -8.200  1.00 23.40 ?  1913 THR A CA  1 
ATOM   453  C C   . THR A 1 61  ? -3.332  3.052   -7.427  1.00 24.16 ?  1913 THR A C   1 
ATOM   454  O O   . THR A 1 61  ? -3.282  4.262   -7.668  1.00 25.13 ?  1913 THR A O   1 
ATOM   455  C CB  . THR A 1 61  ? -5.573  1.866   -7.402  1.00 25.19 ?  1913 THR A CB  1 
ATOM   456  O OG1 . THR A 1 61  ? -6.499  1.171   -8.240  1.00 21.32 ?  1913 THR A OG1 1 
ATOM   457  C CG2 . THR A 1 61  ? -6.245  3.164   -6.951  1.00 21.36 ?  1913 THR A CG2 1 
ATOM   458  N N   . ILE A 1 62  ? -2.540  2.466   -6.537  1.00 20.49 ?  1914 ILE A N   1 
ATOM   459  C CA  . ILE A 1 62  ? -1.534  3.230   -5.805  1.00 22.21 ?  1914 ILE A CA  1 
ATOM   460  C C   . ILE A 1 62  ? -0.511  3.846   -6.763  1.00 24.38 ?  1914 ILE A C   1 
ATOM   461  O O   . ILE A 1 62  ? -0.126  5.002   -6.599  1.00 21.60 ?  1914 ILE A O   1 
ATOM   462  C CB  . ILE A 1 62  ? -0.815  2.349   -4.759  1.00 23.02 ?  1914 ILE A CB  1 
ATOM   463  C CG1 . ILE A 1 62  ? -1.812  1.883   -3.700  1.00 19.96 ?  1914 ILE A CG1 1 
ATOM   464  C CG2 . ILE A 1 62  ? 0.328   3.107   -4.090  1.00 24.03 ?  1914 ILE A CG2 1 
ATOM   465  C CD1 . ILE A 1 62  ? -1.198  0.941   -2.656  1.00 19.42 ?  1914 ILE A CD1 1 
ATOM   466  N N   . ARG A 1 63  ? -0.082  3.078   -7.769  1.00 20.02 ?  1915 ARG A N   1 
ATOM   467  C CA  . ARG A 1 63  ? 0.832   3.592   -8.787  1.00 22.04 ?  1915 ARG A CA  1 
ATOM   468  C C   . ARG A 1 63  ? 0.249   4.788   -9.536  1.00 24.90 ?  1915 ARG A C   1 
ATOM   469  O O   . ARG A 1 63  ? 0.959   5.760   -9.817  1.00 27.38 ?  1915 ARG A O   1 
ATOM   470  C CB  . ARG A 1 63  ? 1.203   2.498   -9.793  1.00 23.52 ?  1915 ARG A CB  1 
ATOM   471  C CG  . ARG A 1 63  ? 2.000   3.015   -10.994 1.00 26.63 ?  1915 ARG A CG  1 
ATOM   472  C CD  . ARG A 1 63  ? 3.450   3.289   -10.608 1.00 28.54 ?  1915 ARG A CD  1 
ATOM   473  N NE  . ARG A 1 63  ? 4.166   2.044   -10.338 1.00 28.24 ?  1915 ARG A NE  1 
ATOM   474  C CZ  . ARG A 1 63  ? 5.317   1.967   -9.676  1.00 29.15 ?  1915 ARG A CZ  1 
ATOM   475  N NH1 . ARG A 1 63  ? 5.879   3.066   -9.183  1.00 29.37 ?  1915 ARG A NH1 1 
ATOM   476  N NH2 . ARG A 1 63  ? 5.893   0.787   -9.482  1.00 27.78 ?  1915 ARG A NH2 1 
ATOM   477  N N   . GLU A 1 64  ? -1.038  4.713   -9.864  1.00 28.07 ?  1916 GLU A N   1 
ATOM   478  C CA  . GLU A 1 64  ? -1.713  5.797   -10.578 1.00 26.53 ?  1916 GLU A CA  1 
ATOM   479  C C   . GLU A 1 64  ? -1.768  7.055   -9.735  1.00 26.83 ?  1916 GLU A C   1 
ATOM   480  O O   . GLU A 1 64  ? -1.532  8.159   -10.224 1.00 24.34 ?  1916 GLU A O   1 
ATOM   481  C CB  . GLU A 1 64  ? -3.137  5.391   -10.968 1.00 29.73 ?  1916 GLU A CB  1 
ATOM   482  C CG  . GLU A 1 64  ? -3.912  6.482   -11.691 1.00 36.15 ?  1916 GLU A CG  1 
ATOM   483  C CD  . GLU A 1 64  ? -3.245  6.896   -12.998 1.00 49.33 ?  1916 GLU A CD  1 
ATOM   484  O OE1 . GLU A 1 64  ? -2.584  6.035   -13.637 1.00 48.28 ?  1916 GLU A OE1 1 
ATOM   485  O OE2 . GLU A 1 64  ? -3.376  8.089   -13.388 1.00 51.14 ?  1916 GLU A OE2 1 
ATOM   486  N N   . LYS A 1 65  ? -2.114  6.888   -8.465  1.00 24.96 ?  1917 LYS A N   1 
ATOM   487  C CA  . LYS A 1 65  ? -2.199  8.024   -7.563  1.00 22.97 ?  1917 LYS A CA  1 
ATOM   488  C C   . LYS A 1 65  ? -0.822  8.658   -7.392  1.00 25.28 ?  1917 LYS A C   1 
ATOM   489  O O   . LYS A 1 65  ? -0.676  9.885   -7.465  1.00 24.64 ?  1917 LYS A O   1 
ATOM   490  C CB  . LYS A 1 65  ? -2.781  7.590   -6.212  1.00 24.63 ?  1917 LYS A CB  1 
ATOM   491  C CG  . LYS A 1 65  ? -4.303  7.317   -6.245  1.00 24.31 ?  1917 LYS A CG  1 
ATOM   492  C CD  . LYS A 1 65  ? -4.835  6.771   -4.915  1.00 25.19 ?  1917 LYS A CD  1 
ATOM   493  C CE  . LYS A 1 65  ? -4.854  7.856   -3.862  1.00 27.69 ?  1917 LYS A CE  1 
ATOM   494  N NZ  . LYS A 1 65  ? -5.689  7.451   -2.687  1.00 27.17 ?  1917 LYS A NZ  1 
ATOM   495  N N   . LEU A 1 66  ? 0.182   7.813   -7.179  1.00 24.97 ?  1918 LEU A N   1 
ATOM   496  C CA  . LEU A 1 66  ? 1.549   8.267   -6.943  1.00 26.60 ?  1918 LEU A CA  1 
ATOM   497  C C   . LEU A 1 66  ? 2.063   9.096   -8.115  1.00 26.44 ?  1918 LEU A C   1 
ATOM   498  O O   . LEU A 1 66  ? 2.573   10.190  -7.925  1.00 29.94 ?  1918 LEU A O   1 
ATOM   499  C CB  . LEU A 1 66  ? 2.474   7.066   -6.696  1.00 24.65 ?  1918 LEU A CB  1 
ATOM   500  C CG  . LEU A 1 66  ? 3.835   7.369   -6.067  1.00 30.04 ?  1918 LEU A CG  1 
ATOM   501  C CD1 . LEU A 1 66  ? 3.641   8.081   -4.753  1.00 24.23 ?  1918 LEU A CD1 1 
ATOM   502  C CD2 . LEU A 1 66  ? 4.657   6.095   -5.870  1.00 29.02 ?  1918 LEU A CD2 1 
ATOM   503  N N   . SER A 1 67  ? 1.895   8.568   -9.324  1.00 26.41 ?  1919 SER A N   1 
ATOM   504  C CA  . SER A 1 67  ? 2.386   9.177   -10.549 1.00 25.11 ?  1919 SER A CA  1 
ATOM   505  C C   . SER A 1 67  ? 1.585   10.414  -10.994 1.00 24.97 ?  1919 SER A C   1 
ATOM   506  O O   . SER A 1 67  ? 1.995   11.123  -11.900 1.00 28.31 ?  1919 SER A O   1 
ATOM   507  C CB  . SER A 1 67  ? 2.367   8.145   -11.680 1.00 27.35 ?  1919 SER A CB  1 
ATOM   508  O OG  . SER A 1 67  ? 3.383   7.171   -11.497 1.00 40.44 ?  1919 SER A OG  1 
ATOM   509  N N   . SER A 1 68  ? 0.432   10.649  -10.391 1.00 23.51 ?  1920 SER A N   1 
ATOM   510  C CA  . SER A 1 68  ? -0.365  11.807  -10.774 1.00 22.94 ?  1920 SER A CA  1 
ATOM   511  C C   . SER A 1 68  ? -0.455  12.805  -9.627  1.00 22.15 ?  1920 SER A C   1 
ATOM   512  O O   . SER A 1 68  ? -1.323  13.671  -9.616  1.00 24.82 ?  1920 SER A O   1 
ATOM   513  C CB  . SER A 1 68  ? -1.757  11.382  -11.226 1.00 25.30 ?  1920 SER A CB  1 
ATOM   514  O OG  . SER A 1 68  ? -2.425  10.647  -10.225 1.00 25.44 ?  1920 SER A OG  1 
ATOM   515  N N   . GLY A 1 69  ? 0.456   12.682  -8.666  1.00 24.52 ?  1921 GLY A N   1 
ATOM   516  C CA  . GLY A 1 69  ? 0.551   13.631  -7.563  1.00 22.07 ?  1921 GLY A CA  1 
ATOM   517  C C   . GLY A 1 69  ? -0.591  13.628  -6.560  1.00 24.09 ?  1921 GLY A C   1 
ATOM   518  O O   . GLY A 1 69  ? -0.901  14.670  -5.954  1.00 25.03 ?  1921 GLY A O   1 
ATOM   519  N N   . GLN A 1 70  ? -1.208  12.470  -6.330  1.00 22.12 ?  1922 GLN A N   1 
ATOM   520  C CA  . GLN A 1 70  ? -2.364  12.435  -5.430  1.00 28.48 ?  1922 GLN A CA  1 
ATOM   521  C C   . GLN A 1 70  ? -2.036  12.083  -3.972  1.00 25.81 ?  1922 GLN A C   1 
ATOM   522  O O   . GLN A 1 70  ? -2.947  11.994  -3.143  1.00 29.05 ?  1922 GLN A O   1 
ATOM   523  C CB  . GLN A 1 70  ? -3.419  11.468  -5.959  1.00 27.09 ?  1922 GLN A CB  1 
ATOM   524  C CG  . GLN A 1 70  ? -4.010  11.899  -7.296  1.00 31.07 ?  1922 GLN A CG  1 
ATOM   525  C CD  . GLN A 1 70  ? -5.150  11.000  -7.725  1.00 37.41 ?  1922 GLN A CD  1 
ATOM   526  O OE1 . GLN A 1 70  ? -6.084  10.753  -6.959  1.00 37.43 ?  1922 GLN A OE1 1 
ATOM   527  N NE2 . GLN A 1 70  ? -5.064  10.478  -8.944  1.00 32.66 ?  1922 GLN A NE2 1 
ATOM   528  N N   . TYR A 1 71  ? -0.759  11.886  -3.657  1.00 23.07 ?  1923 TYR A N   1 
ATOM   529  C CA  . TYR A 1 71  ? -0.342  11.723  -2.262  1.00 22.75 ?  1923 TYR A CA  1 
ATOM   530  C C   . TYR A 1 71  ? 0.361   12.991  -1.835  1.00 27.67 ?  1923 TYR A C   1 
ATOM   531  O O   . TYR A 1 71  ? 1.397   13.350  -2.394  1.00 27.90 ?  1923 TYR A O   1 
ATOM   532  C CB  . TYR A 1 71  ? 0.580   10.500  -2.056  1.00 23.90 ?  1923 TYR A CB  1 
ATOM   533  C CG  . TYR A 1 71  ? -0.113  9.175   -2.328  1.00 24.46 ?  1923 TYR A CG  1 
ATOM   534  C CD1 . TYR A 1 71  ? -1.213  8.776   -1.577  1.00 23.96 ?  1923 TYR A CD1 1 
ATOM   535  C CD2 . TYR A 1 71  ? 0.321   8.339   -3.344  1.00 23.43 ?  1923 TYR A CD2 1 
ATOM   536  C CE1 . TYR A 1 71  ? -1.868  7.584   -1.830  1.00 23.55 ?  1923 TYR A CE1 1 
ATOM   537  C CE2 . TYR A 1 71  ? -0.319  7.143   -3.602  1.00 22.67 ?  1923 TYR A CE2 1 
ATOM   538  C CZ  . TYR A 1 71  ? -1.412  6.769   -2.846  1.00 23.99 ?  1923 TYR A CZ  1 
ATOM   539  O OH  . TYR A 1 71  ? -2.053  5.585   -3.123  1.00 21.38 ?  1923 TYR A OH  1 
ATOM   540  N N   . PRO A 1 72  ? -0.219  13.694  -0.860  1.00 25.89 ?  1924 PRO A N   1 
ATOM   541  C CA  . PRO A 1 72  ? 0.397   14.922  -0.363  1.00 30.80 ?  1924 PRO A CA  1 
ATOM   542  C C   . PRO A 1 72  ? 1.687   14.661  0.397   1.00 32.42 ?  1924 PRO A C   1 
ATOM   543  O O   . PRO A 1 72  ? 2.511   15.569  0.494   1.00 31.95 ?  1924 PRO A O   1 
ATOM   544  C CB  . PRO A 1 72  ? -0.679  15.515  0.557   1.00 33.00 ?  1924 PRO A CB  1 
ATOM   545  C CG  . PRO A 1 72  ? -1.629  14.407  0.840   1.00 33.55 ?  1924 PRO A CG  1 
ATOM   546  C CD  . PRO A 1 72  ? -1.591  13.510  -0.355  1.00 28.49 ?  1924 PRO A CD  1 
ATOM   547  N N   . ASN A 1 73  ? 1.873   13.450  0.921   1.00 29.06 ?  1925 ASN A N   1 
ATOM   548  C CA  . ASN A 1 73  ? 3.096   13.136  1.646   1.00 30.31 ?  1925 ASN A CA  1 
ATOM   549  C C   . ASN A 1 73  ? 3.337   11.633  1.789   1.00 29.58 ?  1925 ASN A C   1 
ATOM   550  O O   . ASN A 1 73  ? 2.480   10.823  1.429   1.00 25.51 ?  1925 ASN A O   1 
ATOM   551  C CB  . ASN A 1 73  ? 3.054   13.772  3.031   1.00 33.00 ?  1925 ASN A CB  1 
ATOM   552  C CG  . ASN A 1 73  ? 1.850   13.326  3.824   1.00 33.48 ?  1925 ASN A CG  1 
ATOM   553  O OD1 . ASN A 1 73  ? 1.635   12.129  4.024   1.00 33.35 ?  1925 ASN A OD1 1 
ATOM   554  N ND2 . ASN A 1 73  ? 1.056   14.279  4.282   1.00 30.48 ?  1925 ASN A ND2 1 
ATOM   555  N N   . LEU A 1 74  ? 4.513   11.294  2.320   1.00 31.03 ?  1926 LEU A N   1 
ATOM   556  C CA  . LEU A 1 74  ? 4.913   9.936   2.712   1.00 31.05 ?  1926 LEU A CA  1 
ATOM   557  C C   . LEU A 1 74  ? 3.828   9.103   3.366   1.00 30.99 ?  1926 LEU A C   1 
ATOM   558  O O   . LEU A 1 74  ? 3.601   7.948   3.014   1.00 29.66 ?  1926 LEU A O   1 
ATOM   559  C CB  . LEU A 1 74  ? 6.073   10.006  3.715   1.00 36.54 ?  1926 LEU A CB  1 
ATOM   560  C CG  . LEU A 1 74  ? 7.484   9.951   3.178   1.00 37.83 ?  1926 LEU A CG  1 
ATOM   561  C CD1 . LEU A 1 74  ? 8.459   9.654   4.310   1.00 36.05 ?  1926 LEU A CD1 1 
ATOM   562  C CD2 . LEU A 1 74  ? 7.542   8.883   2.120   1.00 41.32 ?  1926 LEU A CD2 1 
ATOM   563  N N   . GLU A 1 75  ? 3.207   9.691   4.375   1.00 29.47 ?  1927 GLU A N   1 
ATOM   564  C CA  . GLU A 1 75  ? 2.321   8.955   5.249   1.00 31.84 ?  1927 GLU A CA  1 
ATOM   565  C C   . GLU A 1 75  ? 1.038   8.548   4.541   1.00 30.09 ?  1927 GLU A C   1 
ATOM   566  O O   . GLU A 1 75  ? 0.469   7.504   4.846   1.00 29.50 ?  1927 GLU A O   1 
ATOM   567  C CB  . GLU A 1 75  ? 2.006   9.788   6.496   1.00 34.71 ?  1927 GLU A CB  1 
ATOM   568  C CG  . GLU A 1 75  ? 0.969   9.172   7.443   1.00 41.13 ?  1927 GLU A CG  1 
ATOM   569  C CD  . GLU A 1 75  ? 1.468   7.923   8.174   1.00 46.92 ?  1927 GLU A CD  1 
ATOM   570  O OE1 . GLU A 1 75  ? 2.659   7.541   8.013   1.00 51.96 ?  1927 GLU A OE1 1 
ATOM   571  O OE2 . GLU A 1 75  ? 0.653   7.314   8.907   1.00 48.64 ?  1927 GLU A OE2 1 
ATOM   572  N N   . THR A 1 76  ? 0.586   9.361   3.588   1.00 26.94 ?  1928 THR A N   1 
ATOM   573  C CA  . THR A 1 76  ? -0.663  9.055   2.910   1.00 24.60 ?  1928 THR A CA  1 
ATOM   574  C C   . THR A 1 76  ? -0.417  7.889   1.959   1.00 22.71 ?  1928 THR A C   1 
ATOM   575  O O   . THR A 1 76  ? -1.316  7.086   1.739   1.00 22.97 ?  1928 THR A O   1 
ATOM   576  C CB  . THR A 1 76  ? -1.243  10.275  2.150   1.00 27.80 ?  1928 THR A CB  1 
ATOM   577  O OG1 . THR A 1 76  ? -0.317  10.720  1.153   1.00 28.87 ?  1928 THR A OG1 1 
ATOM   578  C CG2 . THR A 1 76  ? -1.524  11.417  3.105   1.00 27.04 ?  1928 THR A CG2 1 
ATOM   579  N N   . PHE A 1 77  ? 0.795   7.791   1.420   1.00 19.77 ?  1929 PHE A N   1 
ATOM   580  C CA  . PHE A 1 77  ? 1.194   6.611   0.618   1.00 22.73 ?  1929 PHE A CA  1 
ATOM   581  C C   . PHE A 1 77  ? 1.172   5.343   1.483   1.00 22.88 ?  1929 PHE A C   1 
ATOM   582  O O   . PHE A 1 77  ? 0.541   4.351   1.143   1.00 26.63 ?  1929 PHE A O   1 
ATOM   583  C CB  . PHE A 1 77  ? 2.589   6.825   0.010   1.00 22.75 ?  1929 PHE A CB  1 
ATOM   584  C CG  . PHE A 1 77  ? 3.166   5.601   -0.673  1.00 21.68 ?  1929 PHE A CG  1 
ATOM   585  C CD1 . PHE A 1 77  ? 2.777   5.259   -1.962  1.00 23.59 ?  1929 PHE A CD1 1 
ATOM   586  C CD2 . PHE A 1 77  ? 4.120   4.821   -0.032  1.00 20.63 ?  1929 PHE A CD2 1 
ATOM   587  C CE1 . PHE A 1 77  ? 3.314   4.145   -2.584  1.00 19.97 ?  1929 PHE A CE1 1 
ATOM   588  C CE2 . PHE A 1 77  ? 4.672   3.709   -0.650  1.00 25.37 ?  1929 PHE A CE2 1 
ATOM   589  C CZ  . PHE A 1 77  ? 4.265   3.370   -1.928  1.00 22.61 ?  1929 PHE A CZ  1 
ATOM   590  N N   . ALA A 1 78  ? 1.861   5.388   2.613   1.00 24.66 ?  1930 ALA A N   1 
ATOM   591  C CA  . ALA A 1 78  ? 1.850   4.284   3.573   1.00 26.62 ?  1930 ALA A CA  1 
ATOM   592  C C   . ALA A 1 78  ? 0.434   3.836   3.984   1.00 24.65 ?  1930 ALA A C   1 
ATOM   593  O O   . ALA A 1 78  ? 0.178   2.639   4.098   1.00 25.11 ?  1930 ALA A O   1 
ATOM   594  C CB  . ALA A 1 78  ? 2.659   4.669   4.804   1.00 27.00 ?  1930 ALA A CB  1 
ATOM   595  N N   . LEU A 1 79  ? -0.485  4.775   4.189   1.00 25.00 ?  1931 LEU A N   1 
ATOM   596  C CA  . LEU A 1 79  ? -1.855  4.423   4.560   1.00 24.56 ?  1931 LEU A CA  1 
ATOM   597  C C   . LEU A 1 79  ? -2.550  3.608   3.469   1.00 26.16 ?  1931 LEU A C   1 
ATOM   598  O O   . LEU A 1 79  ? -3.281  2.668   3.764   1.00 24.50 ?  1931 LEU A O   1 
ATOM   599  C CB  . LEU A 1 79  ? -2.684  5.674   4.861   1.00 28.27 ?  1931 LEU A CB  1 
ATOM   600  C CG  . LEU A 1 79  ? -2.323  6.487   6.111   1.00 36.19 ?  1931 LEU A CG  1 
ATOM   601  C CD1 . LEU A 1 79  ? -3.242  7.710   6.227   1.00 33.70 ?  1931 LEU A CD1 1 
ATOM   602  C CD2 . LEU A 1 79  ? -2.396  5.625   7.365   1.00 36.31 ?  1931 LEU A CD2 1 
ATOM   603  N N   . ASP A 1 80  ? -2.328  3.968   2.209   1.00 23.63 ?  1932 ASP A N   1 
ATOM   604  C CA  . ASP A 1 80  ? -2.964  3.235   1.116   1.00 23.43 ?  1932 ASP A CA  1 
ATOM   605  C C   . ASP A 1 80  ? -2.377  1.840   0.996   1.00 21.72 ?  1932 ASP A C   1 
ATOM   606  O O   . ASP A 1 80  ? -3.093  0.885   0.719   1.00 21.42 ?  1932 ASP A O   1 
ATOM   607  C CB  . ASP A 1 80  ? -2.824  3.996   -0.208  1.00 20.76 ?  1932 ASP A CB  1 
ATOM   608  C CG  . ASP A 1 80  ? -4.103  4.708   -0.607  1.00 23.49 ?  1932 ASP A CG  1 
ATOM   609  O OD1 . ASP A 1 80  ? -5.090  4.640   0.159   1.00 26.63 ?  1932 ASP A OD1 1 
ATOM   610  O OD2 . ASP A 1 80  ? -4.123  5.355   -1.678  1.00 24.26 ?  1932 ASP A OD2 1 
ATOM   611  N N   . VAL A 1 81  ? -1.069  1.724   1.200   1.00 21.73 ?  1933 VAL A N   1 
ATOM   612  C CA  . VAL A 1 81  ? -0.424  0.425   1.147   1.00 23.37 ?  1933 VAL A CA  1 
ATOM   613  C C   . VAL A 1 81  ? -0.984  -0.464  2.252   1.00 23.88 ?  1933 VAL A C   1 
ATOM   614  O O   . VAL A 1 81  ? -1.345  -1.603  2.011   1.00 22.95 ?  1933 VAL A O   1 
ATOM   615  C CB  . VAL A 1 81  ? 1.116   0.539   1.269   1.00 20.59 ?  1933 VAL A CB  1 
ATOM   616  C CG1 . VAL A 1 81  ? 1.741   -0.845  1.405   1.00 20.95 ?  1933 VAL A CG1 1 
ATOM   617  C CG2 . VAL A 1 81  ? 1.695   1.263   0.042   1.00 22.97 ?  1933 VAL A CG2 1 
ATOM   618  N N   . ARG A 1 82  ? -1.079  0.063   3.466   1.00 21.87 ?  1934 ARG A N   1 
ATOM   619  C CA  . ARG A 1 82  ? -1.627  -0.719  4.577   1.00 23.86 ?  1934 ARG A CA  1 
ATOM   620  C C   . ARG A 1 82  ? -3.109  -1.070  4.352   1.00 24.15 ?  1934 ARG A C   1 
ATOM   621  O O   . ARG A 1 82  ? -3.565  -2.143  4.741   1.00 24.04 ?  1934 ARG A O   1 
ATOM   622  C CB  . ARG A 1 82  ? -1.434  0.042   5.896   1.00 25.52 ?  1934 ARG A CB  1 
ATOM   623  C CG  . ARG A 1 82  ? 0.041   0.078   6.334   1.00 28.56 ?  1934 ARG A CG  1 
ATOM   624  C CD  . ARG A 1 82  ? 0.372   1.087   7.450   1.00 32.74 ?  1934 ARG A CD  1 
ATOM   625  N NE  . ARG A 1 82  ? 1.825   1.145   7.620   1.00 34.18 ?  1934 ARG A NE  1 
ATOM   626  C CZ  . ARG A 1 82  ? 2.502   2.200   8.065   1.00 39.39 ?  1934 ARG A CZ  1 
ATOM   627  N NH1 . ARG A 1 82  ? 1.861   3.324   8.404   1.00 35.07 ?  1934 ARG A NH1 1 
ATOM   628  N NH2 . ARG A 1 82  ? 3.831   2.131   8.149   1.00 37.38 ?  1934 ARG A NH2 1 
ATOM   629  N N   . LEU A 1 83  ? -3.840  -0.175  3.698   1.00 20.67 ?  1935 LEU A N   1 
ATOM   630  C CA  . LEU A 1 83  ? -5.237  -0.416  3.361   1.00 22.49 ?  1935 LEU A CA  1 
ATOM   631  C C   . LEU A 1 83  ? -5.381  -1.689  2.510   1.00 22.34 ?  1935 LEU A C   1 
ATOM   632  O O   . LEU A 1 83  ? -6.329  -2.461  2.684   1.00 20.67 ?  1935 LEU A O   1 
ATOM   633  C CB  . LEU A 1 83  ? -5.825  0.793   2.621   1.00 23.70 ?  1935 LEU A CB  1 
ATOM   634  C CG  . LEU A 1 83  ? -7.256  0.674   2.073   1.00 23.88 ?  1935 LEU A CG  1 
ATOM   635  C CD1 . LEU A 1 83  ? -8.274  0.373   3.194   1.00 23.31 ?  1935 LEU A CD1 1 
ATOM   636  C CD2 . LEU A 1 83  ? -7.668  1.936   1.287   1.00 21.88 ?  1935 LEU A CD2 1 
ATOM   637  N N   . VAL A 1 84  ? -4.439  -1.906  1.597   1.00 20.31 ?  1936 VAL A N   1 
ATOM   638  C CA  . VAL A 1 84  ? -4.477  -3.116  0.761   1.00 21.83 ?  1936 VAL A CA  1 
ATOM   639  C C   . VAL A 1 84  ? -4.469  -4.350  1.662   1.00 23.39 ?  1936 VAL A C   1 
ATOM   640  O O   . VAL A 1 84  ? -5.228  -5.303  1.450   1.00 22.28 ?  1936 VAL A O   1 
ATOM   641  C CB  . VAL A 1 84  ? -3.287  -3.177  -0.224  1.00 23.19 ?  1936 VAL A CB  1 
ATOM   642  C CG1 . VAL A 1 84  ? -3.242  -4.528  -0.950  1.00 20.42 ?  1936 VAL A CG1 1 
ATOM   643  C CG2 . VAL A 1 84  ? -3.341  -2.040  -1.223  1.00 18.55 ?  1936 VAL A CG2 1 
ATOM   644  N N   . PHE A 1 85  ? -3.632  -4.318  2.695   1.00 21.47 ?  1937 PHE A N   1 
ATOM   645  C CA  . PHE A 1 85  ? -3.452  -5.506  3.521   1.00 23.61 ?  1937 PHE A CA  1 
ATOM   646  C C   . PHE A 1 85  ? -4.543  -5.646  4.576   1.00 24.21 ?  1937 PHE A C   1 
ATOM   647  O O   . PHE A 1 85  ? -4.927  -6.764  4.931   1.00 22.95 ?  1937 PHE A O   1 
ATOM   648  C CB  . PHE A 1 85  ? -2.044  -5.491  4.134   1.00 21.79 ?  1937 PHE A CB  1 
ATOM   649  C CG  . PHE A 1 85  ? -0.962  -5.407  3.081   1.00 24.11 ?  1937 PHE A CG  1 
ATOM   650  C CD1 . PHE A 1 85  ? -1.056  -6.187  1.925   1.00 22.13 ?  1937 PHE A CD1 1 
ATOM   651  C CD2 . PHE A 1 85  ? 0.082   -4.527  3.196   1.00 21.50 ?  1937 PHE A CD2 1 
ATOM   652  C CE1 . PHE A 1 85  ? -0.115  -6.096  0.928   1.00 22.47 ?  1937 PHE A CE1 1 
ATOM   653  C CE2 . PHE A 1 85  ? 1.058   -4.430  2.184   1.00 24.83 ?  1937 PHE A CE2 1 
ATOM   654  C CZ  . PHE A 1 85  ? 0.951   -5.213  1.050   1.00 21.87 ?  1937 PHE A CZ  1 
ATOM   655  N N   . ASP A 1 86  ? -5.071  -4.517  5.038   1.00 23.92 ?  1938 ASP A N   1 
ATOM   656  C CA  . ASP A 1 86  ? -6.229  -4.539  5.922   1.00 27.07 ?  1938 ASP A CA  1 
ATOM   657  C C   . ASP A 1 86  ? -7.459  -5.076  5.199   1.00 24.99 ?  1938 ASP A C   1 
ATOM   658  O O   . ASP A 1 86  ? -8.209  -5.876  5.761   1.00 25.08 ?  1938 ASP A O   1 
ATOM   659  C CB  . ASP A 1 86  ? -6.514  -3.145  6.479   1.00 25.56 ?  1938 ASP A CB  1 
ATOM   660  C CG  . ASP A 1 86  ? -5.445  -2.683  7.451   1.00 30.96 ?  1938 ASP A CG  1 
ATOM   661  O OD1 . ASP A 1 86  ? -4.649  -3.538  7.891   1.00 26.54 ?  1938 ASP A OD1 1 
ATOM   662  O OD2 . ASP A 1 86  ? -5.403  -1.476  7.777   1.00 30.92 ?  1938 ASP A OD2 1 
ATOM   663  N N   . ASN A 1 87  ? -7.669  -4.652  3.953   1.00 23.16 ?  1939 ASN A N   1 
ATOM   664  C CA  . ASN A 1 87  ? -8.758  -5.228  3.166   1.00 24.17 ?  1939 ASN A CA  1 
ATOM   665  C C   . ASN A 1 87  ? -8.586  -6.734  3.004   1.00 23.28 ?  1939 ASN A C   1 
ATOM   666  O O   . ASN A 1 87  ? -9.554  -7.489  3.071   1.00 25.05 ?  1939 ASN A O   1 
ATOM   667  C CB  . ASN A 1 87  ? -8.864  -4.565  1.791   1.00 22.58 ?  1939 ASN A CB  1 
ATOM   668  C CG  . ASN A 1 87  ? -9.416  -3.139  1.861   1.00 24.36 ?  1939 ASN A CG  1 
ATOM   669  O OD1 . ASN A 1 87  ? -9.980  -2.719  2.879   1.00 22.76 ?  1939 ASN A OD1 1 
ATOM   670  N ND2 . ASN A 1 87  ? -9.269  -2.396  0.766   1.00 21.48 ?  1939 ASN A ND2 1 
ATOM   671  N N   . CYS A 1 88  ? -7.352  -7.164  2.781   1.00 22.81 ?  1940 CYS A N   1 
ATOM   672  C CA  . CYS A 1 88  ? -7.058  -8.577  2.563   1.00 23.81 ?  1940 CYS A CA  1 
ATOM   673  C C   . CYS A 1 88  ? -7.459  -9.395  3.788   1.00 27.39 ?  1940 CYS A C   1 
ATOM   674  O O   . CYS A 1 88  ? -8.086  -10.467 3.684   1.00 25.77 ?  1940 CYS A O   1 
ATOM   675  C CB  . CYS A 1 88  ? -5.567  -8.769  2.267   1.00 23.63 ?  1940 CYS A CB  1 
ATOM   676  S SG  . CYS A 1 88  ? -5.097  -10.490 1.879   1.00 23.23 ?  1940 CYS A SG  1 
ATOM   677  N N   . GLU A 1 89  ? -7.099  -8.856  4.947   1.00 23.59 ?  1941 GLU A N   1 
ATOM   678  C CA  . GLU A 1 89  ? -7.352  -9.494  6.230   1.00 26.11 ?  1941 GLU A CA  1 
ATOM   679  C C   . GLU A 1 89  ? -8.860  -9.584  6.522   1.00 27.00 ?  1941 GLU A C   1 
ATOM   680  O O   . GLU A 1 89  ? -9.342  -10.591 7.047   1.00 26.93 ?  1941 GLU A O   1 
ATOM   681  C CB  . GLU A 1 89  ? -6.634  -8.716  7.342   1.00 23.10 ?  1941 GLU A CB  1 
ATOM   682  C CG  . GLU A 1 89  ? -6.810  -9.279  8.743   1.00 28.46 ?  1941 GLU A CG  1 
ATOM   683  C CD  . GLU A 1 89  ? -6.128  -10.632 8.920   1.00 30.65 ?  1941 GLU A CD  1 
ATOM   684  O OE1 . GLU A 1 89  ? -6.771  -11.561 9.459   1.00 30.49 ?  1941 GLU A OE1 1 
ATOM   685  O OE2 . GLU A 1 89  ? -4.945  -10.758 8.529   1.00 28.94 ?  1941 GLU A OE2 1 
ATOM   686  N N   . THR A 1 90  ? -9.596  -8.532  6.176   1.00 24.34 ?  1942 THR A N   1 
ATOM   687  C CA  . THR A 1 90  ? -11.046 -8.501  6.368   1.00 23.58 ?  1942 THR A CA  1 
ATOM   688  C C   . THR A 1 90  ? -11.760 -9.579  5.545   1.00 27.27 ?  1942 THR A C   1 
ATOM   689  O O   . THR A 1 90  ? -12.715 -10.215 6.025   1.00 27.32 ?  1942 THR A O   1 
ATOM   690  C CB  . THR A 1 90  ? -11.633 -7.115  5.992   1.00 27.01 ?  1942 THR A CB  1 
ATOM   691  O OG1 . THR A 1 90  ? -11.096 -6.114  6.868   1.00 29.06 ?  1942 THR A OG1 1 
ATOM   692  C CG2 . THR A 1 90  ? -13.162 -7.108  6.100   1.00 28.81 ?  1942 THR A CG2 1 
ATOM   693  N N   . PHE A 1 91  ? -11.297 -9.798  4.318   1.00 24.10 ?  1943 PHE A N   1 
ATOM   694  C CA  . PHE A 1 91  ? -12.045 -10.639 3.381   1.00 25.59 ?  1943 PHE A CA  1 
ATOM   695  C C   . PHE A 1 91  ? -11.534 -12.084 3.279   1.00 28.02 ?  1943 PHE A C   1 
ATOM   696  O O   . PHE A 1 91  ? -12.223 -12.967 2.735   1.00 27.31 ?  1943 PHE A O   1 
ATOM   697  C CB  . PHE A 1 91  ? -12.040 -9.992  1.987   1.00 25.90 ?  1943 PHE A CB  1 
ATOM   698  C CG  . PHE A 1 91  ? -13.204 -10.400 1.115   1.00 24.63 ?  1943 PHE A CG  1 
ATOM   699  C CD1 . PHE A 1 91  ? -14.438 -9.776  1.249   1.00 26.48 ?  1943 PHE A CD1 1 
ATOM   700  C CD2 . PHE A 1 91  ? -13.065 -11.392 0.163   1.00 24.79 ?  1943 PHE A CD2 1 
ATOM   701  C CE1 . PHE A 1 91  ? -15.525 -10.129 0.441   1.00 28.07 ?  1943 PHE A CE1 1 
ATOM   702  C CE2 . PHE A 1 91  ? -14.136 -11.761 -0.639  1.00 27.72 ?  1943 PHE A CE2 1 
ATOM   703  C CZ  . PHE A 1 91  ? -15.370 -11.127 -0.501  1.00 26.98 ?  1943 PHE A CZ  1 
ATOM   704  N N   . ASN A 1 92  ? -10.337 -12.341 3.790   1.00 26.46 ?  1944 ASN A N   1 
ATOM   705  C CA  . ASN A 1 92  ? -9.727  -13.662 3.612   1.00 28.53 ?  1944 ASN A CA  1 
ATOM   706  C C   . ASN A 1 92  ? -9.392  -14.322 4.939   1.00 28.94 ?  1944 ASN A C   1 
ATOM   707  O O   . ASN A 1 92  ? -8.976  -13.649 5.885   1.00 26.03 ?  1944 ASN A O   1 
ATOM   708  C CB  . ASN A 1 92  ? -8.456  -13.563 2.762   1.00 27.67 ?  1944 ASN A CB  1 
ATOM   709  C CG  . ASN A 1 92  ? -8.718  -13.023 1.375   1.00 28.68 ?  1944 ASN A CG  1 
ATOM   710  O OD1 . ASN A 1 92  ? -8.673  -11.813 1.148   1.00 27.66 ?  1944 ASN A OD1 1 
ATOM   711  N ND2 . ASN A 1 92  ? -8.953  -13.918 0.427   1.00 24.89 ?  1944 ASN A ND2 1 
ATOM   712  N N   . GLU A 1 93  ? -9.581  -15.638 4.997   1.00 28.11 ?  1945 GLU A N   1 
ATOM   713  C CA  . GLU A 1 93  ? -9.125  -16.432 6.133   1.00 28.70 ?  1945 GLU A CA  1 
ATOM   714  C C   . GLU A 1 93  ? -7.608  -16.374 6.233   1.00 26.97 ?  1945 GLU A C   1 
ATOM   715  O O   . GLU A 1 93  ? -6.918  -16.443 5.211   1.00 24.28 ?  1945 GLU A O   1 
ATOM   716  C CB  . GLU A 1 93  ? -9.569  -17.897 5.992   1.00 29.71 ?  1945 GLU A CB  1 
ATOM   717  C CG  . GLU A 1 93  ? -11.065 -18.148 6.149   1.00 30.52 ?  1945 GLU A CG  1 
ATOM   718  C CD  . GLU A 1 93  ? -11.538 -17.953 7.577   1.00 34.07 ?  1945 GLU A CD  1 
ATOM   719  O OE1 . GLU A 1 93  ? -10.690 -17.931 8.491   1.00 40.53 ?  1945 GLU A OE1 1 
ATOM   720  O OE2 . GLU A 1 93  ? -12.755 -17.799 7.790   1.00 37.51 ?  1945 GLU A OE2 1 
ATOM   721  N N   . ASP A 1 94  ? -7.093  -16.267 7.456   1.00 25.70 ?  1946 ASP A N   1 
ATOM   722  C CA  . ASP A 1 94  ? -5.653  -16.305 7.682   1.00 28.97 ?  1946 ASP A CA  1 
ATOM   723  C C   . ASP A 1 94  ? -5.076  -17.576 7.087   1.00 29.40 ?  1946 ASP A C   1 
ATOM   724  O O   . ASP A 1 94  ? -3.994  -17.566 6.506   1.00 29.82 ?  1946 ASP A O   1 
ATOM   725  C CB  . ASP A 1 94  ? -5.311  -16.228 9.171   1.00 29.20 ?  1946 ASP A CB  1 
ATOM   726  C CG  . ASP A 1 94  ? -5.508  -14.849 9.738   1.00 32.68 ?  1946 ASP A CG  1 
ATOM   727  O OD1 . ASP A 1 94  ? -5.647  -13.900 8.938   1.00 29.10 ?  1946 ASP A OD1 1 
ATOM   728  O OD2 . ASP A 1 94  ? -5.501  -14.709 10.978  1.00 33.54 ?  1946 ASP A OD2 1 
ATOM   729  N N   . ASP A 1 95  ? -5.831  -18.661 7.220   1.00 26.90 ?  1947 ASP A N   1 
ATOM   730  C CA  . ASP A 1 95  ? -5.414  -19.969 6.745   1.00 29.88 ?  1947 ASP A CA  1 
ATOM   731  C C   . ASP A 1 95  ? -5.896  -20.154 5.318   1.00 32.17 ?  1947 ASP A C   1 
ATOM   732  O O   . ASP A 1 95  ? -6.802  -20.942 5.061   1.00 34.95 ?  1947 ASP A O   1 
ATOM   733  C CB  . ASP A 1 95  ? -5.959  -21.075 7.651   1.00 31.69 ?  1947 ASP A CB  1 
ATOM   734  C CG  . ASP A 1 95  ? -5.409  -22.445 7.297   1.00 41.57 ?  1947 ASP A CG  1 
ATOM   735  O OD1 . ASP A 1 95  ? -4.426  -22.521 6.524   1.00 41.28 ?  1947 ASP A OD1 1 
ATOM   736  O OD2 . ASP A 1 95  ? -5.958  -23.451 7.796   1.00 47.31 ?  1947 ASP A OD2 1 
ATOM   737  N N   . SER A 1 96  ? -5.294  -19.394 4.411   1.00 29.67 ?  1948 SER A N   1 
ATOM   738  C CA  . SER A 1 96  ? -5.556  -19.478 2.981   1.00 29.59 ?  1948 SER A CA  1 
ATOM   739  C C   . SER A 1 96  ? -4.363  -18.868 2.259   1.00 26.77 ?  1948 SER A C   1 
ATOM   740  O O   . SER A 1 96  ? -3.602  -18.118 2.865   1.00 26.51 ?  1948 SER A O   1 
ATOM   741  C CB  . SER A 1 96  ? -6.856  -18.748 2.611   1.00 28.70 ?  1948 SER A CB  1 
ATOM   742  O OG  . SER A 1 96  ? -6.683  -17.348 2.717   1.00 25.18 ?  1948 SER A OG  1 
ATOM   743  N N   . ASP A 1 97  ? -4.189  -19.191 0.980   1.00 27.47 ?  1949 ASP A N   1 
ATOM   744  C CA  . ASP A 1 97  ? -3.070  -18.656 0.200   1.00 27.72 ?  1949 ASP A CA  1 
ATOM   745  C C   . ASP A 1 97  ? -3.059  -17.130 0.142   1.00 27.39 ?  1949 ASP A C   1 
ATOM   746  O O   . ASP A 1 97  ? -2.006  -16.497 0.317   1.00 27.28 ?  1949 ASP A O   1 
ATOM   747  C CB  . ASP A 1 97  ? -3.097  -19.210 -1.219  1.00 29.39 ?  1949 ASP A CB  1 
ATOM   748  C CG  . ASP A 1 97  ? -2.823  -20.684 -1.260  1.00 32.05 ?  1949 ASP A CG  1 
ATOM   749  O OD1 . ASP A 1 97  ? -1.629  -21.064 -1.236  1.00 30.70 ?  1949 ASP A OD1 1 
ATOM   750  O OD2 . ASP A 1 97  ? -3.808  -21.452 -1.331  1.00 34.30 ?  1949 ASP A OD2 1 
ATOM   751  N N   . ILE A 1 98  ? -4.229  -16.545 -0.105  1.00 26.35 ?  1950 ILE A N   1 
ATOM   752  C CA  . ILE A 1 98  ? -4.328  -15.095 -0.208  1.00 27.41 ?  1950 ILE A CA  1 
ATOM   753  C C   . ILE A 1 98  ? -4.122  -14.471 1.168   1.00 22.95 ?  1950 ILE A C   1 
ATOM   754  O O   . ILE A 1 98  ? -3.445  -13.451 1.301   1.00 25.02 ?  1950 ILE A O   1 
ATOM   755  C CB  . ILE A 1 98  ? -5.675  -14.668 -0.817  1.00 25.52 ?  1950 ILE A CB  1 
ATOM   756  C CG1 . ILE A 1 98  ? -5.701  -15.056 -2.301  1.00 29.01 ?  1950 ILE A CG1 1 
ATOM   757  C CG2 . ILE A 1 98  ? -5.913  -13.171 -0.648  1.00 24.91 ?  1950 ILE A CG2 1 
ATOM   758  C CD1 . ILE A 1 98  ? -7.077  -14.955 -2.930  1.00 32.43 ?  1950 ILE A CD1 1 
ATOM   759  N N   . GLY A 1 99  ? -4.687  -15.101 2.192   1.00 25.61 ?  1951 GLY A N   1 
ATOM   760  C CA  . GLY A 1 99  ? -4.490  -14.661 3.562   1.00 24.39 ?  1951 GLY A CA  1 
ATOM   761  C C   . GLY A 1 99  ? -3.018  -14.648 3.934   1.00 25.79 ?  1951 GLY A C   1 
ATOM   762  O O   . GLY A 1 99  ? -2.529  -13.696 4.535   1.00 23.19 ?  1951 GLY A O   1 
ATOM   763  N N   . ARG A 1 100 ? -2.298  -15.703 3.574   1.00 23.82 ?  1952 ARG A N   1 
ATOM   764  C CA  . ARG A 1 100 ? -0.877  -15.754 3.898   1.00 24.64 ?  1952 ARG A CA  1 
ATOM   765  C C   . ARG A 1 100 ? -0.082  -14.781 3.017   1.00 24.29 ?  1952 ARG A C   1 
ATOM   766  O O   . ARG A 1 100 ? 0.900   -14.192 3.468   1.00 26.36 ?  1952 ARG A O   1 
ATOM   767  C CB  . ARG A 1 100 ? -0.347  -17.188 3.773   1.00 26.19 ?  1952 ARG A CB  1 
ATOM   768  C CG  . ARG A 1 100 ? -0.750  -18.104 4.936   1.00 29.62 ?  1952 ARG A CG  1 
ATOM   769  C CD  . ARG A 1 100 ? -0.102  -19.498 4.828   1.00 27.87 ?  1952 ARG A CD  1 
ATOM   770  N NE  . ARG A 1 100 ? -0.635  -20.236 3.693   1.00 30.80 ?  1952 ARG A NE  1 
ATOM   771  C CZ  . ARG A 1 100 ? -1.715  -21.005 3.742   1.00 27.71 ?  1952 ARG A CZ  1 
ATOM   772  N NH1 . ARG A 1 100 ? -2.131  -21.619 2.648   1.00 28.91 ?  1952 ARG A NH1 1 
ATOM   773  N NH2 . ARG A 1 100 ? -2.374  -21.162 4.881   1.00 29.09 ?  1952 ARG A NH2 1 
ATOM   774  N N   . ALA A 1 101 ? -0.512  -14.598 1.771   1.00 21.90 ?  1953 ALA A N   1 
ATOM   775  C CA  . ALA A 1 101 ? 0.091   -13.588 0.909   1.00 24.42 ?  1953 ALA A CA  1 
ATOM   776  C C   . ALA A 1 101 ? 0.063   -12.201 1.564   1.00 24.20 ?  1953 ALA A C   1 
ATOM   777  O O   . ALA A 1 101 ? 1.065   -11.487 1.561   1.00 24.68 ?  1953 ALA A O   1 
ATOM   778  C CB  . ALA A 1 101 ? -0.618  -13.550 -0.441  1.00 24.58 ?  1953 ALA A CB  1 
ATOM   779  N N   . GLY A 1 102 ? -1.083  -11.832 2.124   1.00 20.81 ?  1954 GLY A N   1 
ATOM   780  C CA  . GLY A 1 102 ? -1.239  -10.519 2.723   1.00 25.93 ?  1954 GLY A CA  1 
ATOM   781  C C   . GLY A 1 102 ? -0.297  -10.307 3.891   1.00 23.28 ?  1954 GLY A C   1 
ATOM   782  O O   . GLY A 1 102 ? 0.316   -9.247  4.016   1.00 23.50 ?  1954 GLY A O   1 
ATOM   783  N N   . HIS A 1 103 ? -0.187  -11.315 4.750   1.00 22.53 ?  1955 HIS A N   1 
ATOM   784  C CA  . HIS A 1 103 ? 0.723   -11.259 5.887   1.00 25.73 ?  1955 HIS A CA  1 
ATOM   785  C C   . HIS A 1 103 ? 2.157   -11.072 5.435   1.00 23.78 ?  1955 HIS A C   1 
ATOM   786  O O   . HIS A 1 103 ? 2.871   -10.234 5.967   1.00 24.31 ?  1955 HIS A O   1 
ATOM   787  C CB  . HIS A 1 103 ? 0.613   -12.534 6.720   1.00 26.07 ?  1955 HIS A CB  1 
ATOM   788  C CG  . HIS A 1 103 ? -0.740  -12.740 7.310   1.00 27.99 ?  1955 HIS A CG  1 
ATOM   789  N ND1 . HIS A 1 103 ? -1.194  -13.974 7.716   1.00 30.13 ?  1955 HIS A ND1 1 
ATOM   790  C CD2 . HIS A 1 103 ? -1.738  -11.864 7.571   1.00 28.27 ?  1955 HIS A CD2 1 
ATOM   791  C CE1 . HIS A 1 103 ? -2.423  -13.853 8.188   1.00 33.32 ?  1955 HIS A CE1 1 
ATOM   792  N NE2 . HIS A 1 103 ? -2.774  -12.580 8.117   1.00 30.74 ?  1955 HIS A NE2 1 
ATOM   793  N N   . ASN A 1 104 ? 2.582   -11.880 4.465   1.00 24.22 ?  1956 ASN A N   1 
ATOM   794  C CA  . ASN A 1 104 ? 3.928   -11.784 3.905   1.00 21.30 ?  1956 ASN A CA  1 
ATOM   795  C C   . ASN A 1 104 ? 4.225   -10.387 3.330   1.00 23.85 ?  1956 ASN A C   1 
ATOM   796  O O   . ASN A 1 104 ? 5.278   -9.796  3.598   1.00 25.01 ?  1956 ASN A O   1 
ATOM   797  C CB  . ASN A 1 104 ? 4.121   -12.845 2.813   1.00 23.66 ?  1956 ASN A CB  1 
ATOM   798  C CG  . ASN A 1 104 ? 4.310   -14.254 3.378   1.00 25.45 ?  1956 ASN A CG  1 
ATOM   799  O OD1 . ASN A 1 104 ? 4.349   -14.450 4.590   1.00 24.82 ?  1956 ASN A OD1 1 
ATOM   800  N ND2 . ASN A 1 104 ? 4.375   -15.244 2.492   1.00 24.46 ?  1956 ASN A ND2 1 
ATOM   801  N N   . MET A 1 105 ? 3.292   -9.858  2.543   1.00 20.73 ?  1957 MET A N   1 
ATOM   802  C CA  . MET A 1 105 ? 3.513   -8.584  1.868   1.00 19.76 ?  1957 MET A CA  1 
ATOM   803  C C   . MET A 1 105 ? 3.560   -7.421  2.851   1.00 24.65 ?  1957 MET A C   1 
ATOM   804  O O   . MET A 1 105 ? 4.334   -6.477  2.667   1.00 24.44 ?  1957 MET A O   1 
ATOM   805  C CB  . MET A 1 105 ? 2.423   -8.344  0.832   1.00 21.66 ?  1957 MET A CB  1 
ATOM   806  C CG  . MET A 1 105 ? 2.483   -9.302  -0.364  1.00 23.94 ?  1957 MET A CG  1 
ATOM   807  S SD  . MET A 1 105 ? 4.067   -9.289  -1.227  1.00 32.62 ?  1957 MET A SD  1 
ATOM   808  C CE  . MET A 1 105 ? 4.129   -7.613  -1.820  1.00 27.23 ?  1957 MET A CE  1 
ATOM   809  N N   . ARG A 1 106 ? 2.728   -7.484  3.885   1.00 21.59 ?  1958 ARG A N   1 
ATOM   810  C CA  . ARG A 1 106 ? 2.744   -6.441  4.920   1.00 24.17 ?  1958 ARG A CA  1 
ATOM   811  C C   . ARG A 1 106 ? 4.107   -6.384  5.619   1.00 23.19 ?  1958 ARG A C   1 
ATOM   812  O O   . ARG A 1 106 ? 4.700   -5.326  5.778   1.00 24.98 ?  1958 ARG A O   1 
ATOM   813  C CB  . ARG A 1 106 ? 1.644   -6.674  5.962   1.00 22.68 ?  1958 ARG A CB  1 
ATOM   814  C CG  . ARG A 1 106 ? 1.563   -5.532  6.983   1.00 26.45 ?  1958 ARG A CG  1 
ATOM   815  C CD  . ARG A 1 106 ? 0.708   -5.852  8.199   1.00 28.47 ?  1958 ARG A CD  1 
ATOM   816  N NE  . ARG A 1 106 ? -0.683  -6.135  7.869   1.00 30.34 ?  1958 ARG A NE  1 
ATOM   817  C CZ  . ARG A 1 106 ? -1.641  -5.221  7.715   1.00 29.80 ?  1958 ARG A CZ  1 
ATOM   818  N NH1 . ARG A 1 106 ? -1.379  -3.922  7.836   1.00 32.22 ?  1958 ARG A NH1 1 
ATOM   819  N NH2 . ARG A 1 106 ? -2.876  -5.615  7.429   1.00 27.71 ?  1958 ARG A NH2 1 
ATOM   820  N N   . LYS A 1 107 ? 4.592   -7.543  6.049   1.00 23.53 ?  1959 LYS A N   1 
ATOM   821  C CA  . LYS A 1 107 ? 5.900   -7.642  6.678   1.00 25.38 ?  1959 LYS A CA  1 
ATOM   822  C C   . LYS A 1 107 ? 7.002   -7.160  5.716   1.00 26.54 ?  1959 LYS A C   1 
ATOM   823  O O   . LYS A 1 107 ? 7.884   -6.389  6.082   1.00 24.89 ?  1959 LYS A O   1 
ATOM   824  C CB  . LYS A 1 107 ? 6.147   -9.090  7.117   1.00 27.85 ?  1959 LYS A CB  1 
ATOM   825  C CG  . LYS A 1 107 ? 7.113   -9.244  8.262   1.00 40.37 ?  1959 LYS A CG  1 
ATOM   826  C CD  . LYS A 1 107 ? 6.470   -8.859  9.597   1.00 42.34 ?  1959 LYS A CD  1 
ATOM   827  C CE  . LYS A 1 107 ? 7.451   -9.096  10.753  1.00 53.72 ?  1959 LYS A CE  1 
ATOM   828  N NZ  . LYS A 1 107 ? 6.817   -8.964  12.102  1.00 57.78 ?  1959 LYS A NZ  1 
ATOM   829  N N   . TYR A 1 108 ? 6.938   -7.614  4.475   1.00 24.62 ?  1960 TYR A N   1 
ATOM   830  C CA  . TYR A 1 108 ? 7.885   -7.173  3.464   1.00 24.40 ?  1960 TYR A CA  1 
ATOM   831  C C   . TYR A 1 108 ? 7.887   -5.652  3.328   1.00 27.17 ?  1960 TYR A C   1 
ATOM   832  O O   . TYR A 1 108 ? 8.949   -5.024  3.270   1.00 26.68 ?  1960 TYR A O   1 
ATOM   833  C CB  . TYR A 1 108 ? 7.551   -7.826  2.123   1.00 22.45 ?  1960 TYR A CB  1 
ATOM   834  C CG  . TYR A 1 108 ? 8.565   -7.599  1.038   1.00 27.00 ?  1960 TYR A CG  1 
ATOM   835  C CD1 . TYR A 1 108 ? 9.815   -8.223  1.076   1.00 30.92 ?  1960 TYR A CD1 1 
ATOM   836  C CD2 . TYR A 1 108 ? 8.272   -6.782  -0.046  1.00 26.95 ?  1960 TYR A CD2 1 
ATOM   837  C CE1 . TYR A 1 108 ? 10.741  -8.020  0.080   1.00 25.10 ?  1960 TYR A CE1 1 
ATOM   838  C CE2 . TYR A 1 108 ? 9.193   -6.587  -1.042  1.00 29.77 ?  1960 TYR A CE2 1 
ATOM   839  C CZ  . TYR A 1 108 ? 10.426  -7.198  -0.973  1.00 30.49 ?  1960 TYR A CZ  1 
ATOM   840  O OH  . TYR A 1 108 ? 11.337  -6.989  -1.988  1.00 38.89 ?  1960 TYR A OH  1 
ATOM   841  N N   . PHE A 1 109 ? 6.693   -5.064  3.283   1.00 26.22 ?  1961 PHE A N   1 
ATOM   842  C CA  . PHE A 1 109 ? 6.559   -3.617  3.144   1.00 26.90 ?  1961 PHE A CA  1 
ATOM   843  C C   . PHE A 1 109 ? 7.146   -2.888  4.343   1.00 28.44 ?  1961 PHE A C   1 
ATOM   844  O O   . PHE A 1 109 ? 7.936   -1.961  4.184   1.00 26.89 ?  1961 PHE A O   1 
ATOM   845  C CB  . PHE A 1 109 ? 5.100   -3.207  2.974   1.00 24.54 ?  1961 PHE A CB  1 
ATOM   846  C CG  . PHE A 1 109 ? 4.883   -1.715  3.048   1.00 27.20 ?  1961 PHE A CG  1 
ATOM   847  C CD1 . PHE A 1 109 ? 5.369   -0.881  2.053   1.00 24.13 ?  1961 PHE A CD1 1 
ATOM   848  C CD2 . PHE A 1 109 ? 4.193   -1.150  4.113   1.00 24.99 ?  1961 PHE A CD2 1 
ATOM   849  C CE1 . PHE A 1 109 ? 5.169   0.497   2.118   1.00 25.46 ?  1961 PHE A CE1 1 
ATOM   850  C CE2 . PHE A 1 109 ? 3.995   0.228   4.185   1.00 30.71 ?  1961 PHE A CE2 1 
ATOM   851  C CZ  . PHE A 1 109 ? 4.480   1.048   3.185   1.00 24.78 ?  1961 PHE A CZ  1 
ATOM   852  N N   . GLU A 1 110 ? 6.765   -3.312  5.543   1.00 28.65 ?  1962 GLU A N   1 
ATOM   853  C CA  . GLU A 1 110 ? 7.153   -2.574  6.742   1.00 33.10 ?  1962 GLU A CA  1 
ATOM   854  C C   . GLU A 1 110 ? 8.673   -2.570  6.936   1.00 34.26 ?  1962 GLU A C   1 
ATOM   855  O O   . GLU A 1 110 ? 9.227   -1.625  7.503   1.00 36.64 ?  1962 GLU A O   1 
ATOM   856  C CB  . GLU A 1 110 ? 6.451   -3.132  7.986   1.00 29.46 ?  1962 GLU A CB  1 
ATOM   857  C CG  . GLU A 1 110 ? 4.919   -3.007  7.982   1.00 31.31 ?  1962 GLU A CG  1 
ATOM   858  C CD  . GLU A 1 110 ? 4.379   -1.562  7.924   1.00 42.51 ?  1962 GLU A CD  1 
ATOM   859  O OE1 . GLU A 1 110 ? 5.167   -0.581  8.023   1.00 40.79 ?  1962 GLU A OE1 1 
ATOM   860  O OE2 . GLU A 1 110 ? 3.136   -1.405  7.783   1.00 41.05 ?  1962 GLU A OE2 1 
ATOM   861  N N   . LYS A 1 111 ? 9.343   -3.602  6.438   1.00 31.52 ?  1963 LYS A N   1 
ATOM   862  C CA  . LYS A 1 111 ? 10.803  -3.657  6.484   1.00 37.92 ?  1963 LYS A CA  1 
ATOM   863  C C   . LYS A 1 111 ? 11.425  -2.660  5.507   1.00 37.81 ?  1963 LYS A C   1 
ATOM   864  O O   . LYS A 1 111 ? 12.282  -1.864  5.895   1.00 40.22 ?  1963 LYS A O   1 
ATOM   865  C CB  . LYS A 1 111 ? 11.299  -5.077  6.179   1.00 35.59 ?  1963 LYS A CB  1 
ATOM   866  C CG  . LYS A 1 111 ? 12.823  -5.248  6.106   1.00 42.69 ?  1963 LYS A CG  1 
ATOM   867  C CD  . LYS A 1 111 ? 13.422  -5.430  7.488   1.00 44.38 ?  1963 LYS A CD  1 
ATOM   868  C CE  . LYS A 1 111 ? 14.810  -6.080  7.428   1.00 50.62 ?  1963 LYS A CE  1 
ATOM   869  N NZ  . LYS A 1 111 ? 15.850  -5.192  6.842   1.00 42.64 ?  1963 LYS A NZ  1 
ATOM   870  N N   . LYS A 1 112 ? 11.010  -2.717  4.239   1.00 35.18 ?  1964 LYS A N   1 
ATOM   871  C CA  . LYS A 1 112 ? 11.432  -1.724  3.251   1.00 36.78 ?  1964 LYS A CA  1 
ATOM   872  C C   . LYS A 1 112 ? 11.190  -0.312  3.765   1.00 35.26 ?  1964 LYS A C   1 
ATOM   873  O O   . LYS A 1 112 ? 12.019  0.568   3.588   1.00 36.57 ?  1964 LYS A O   1 
ATOM   874  C CB  . LYS A 1 112 ? 10.690  -1.906  1.928   1.00 35.87 ?  1964 LYS A CB  1 
ATOM   875  C CG  . LYS A 1 112 ? 10.958  -3.214  1.222   1.00 33.87 ?  1964 LYS A CG  1 
ATOM   876  C CD  . LYS A 1 112 ? 12.386  -3.275  0.717   1.00 41.78 ?  1964 LYS A CD  1 
ATOM   877  C CE  . LYS A 1 112 ? 12.645  -4.587  0.008   1.00 39.49 ?  1964 LYS A CE  1 
ATOM   878  N NZ  . LYS A 1 112 ? 14.097  -4.781  -0.233  1.00 52.18 ?  1964 LYS A NZ  1 
ATOM   879  N N   . TRP A 1 113 ? 10.036  -0.106  4.385   1.00 33.22 ?  1965 TRP A N   1 
ATOM   880  C CA  . TRP A 1 113 ? 9.648   1.215   4.867   1.00 34.42 ?  1965 TRP A CA  1 
ATOM   881  C C   . TRP A 1 113 ? 10.594  1.713   5.963   1.00 42.53 ?  1965 TRP A C   1 
ATOM   882  O O   . TRP A 1 113 ? 11.131  2.823   5.890   1.00 41.66 ?  1965 TRP A O   1 
ATOM   883  C CB  . TRP A 1 113 ? 8.216   1.180   5.387   1.00 32.33 ?  1965 TRP A CB  1 
ATOM   884  C CG  . TRP A 1 113 ? 7.670   2.519   5.666   1.00 36.12 ?  1965 TRP A CG  1 
ATOM   885  C CD1 . TRP A 1 113 ? 7.477   3.080   6.885   1.00 38.71 ?  1965 TRP A CD1 1 
ATOM   886  C CD2 . TRP A 1 113 ? 7.236   3.489   4.701   1.00 33.89 ?  1965 TRP A CD2 1 
ATOM   887  N NE1 . TRP A 1 113 ? 6.947   4.337   6.748   1.00 41.01 ?  1965 TRP A NE1 1 
ATOM   888  C CE2 . TRP A 1 113 ? 6.796   4.617   5.415   1.00 33.54 ?  1965 TRP A CE2 1 
ATOM   889  C CE3 . TRP A 1 113 ? 7.173   3.510   3.305   1.00 29.05 ?  1965 TRP A CE3 1 
ATOM   890  C CZ2 . TRP A 1 113 ? 6.299   5.756   4.785   1.00 31.97 ?  1965 TRP A CZ2 1 
ATOM   891  C CZ3 . TRP A 1 113 ? 6.676   4.643   2.677   1.00 30.59 ?  1965 TRP A CZ3 1 
ATOM   892  C CH2 . TRP A 1 113 ? 6.249   5.750   3.419   1.00 29.16 ?  1965 TRP A CH2 1 
ATOM   893  N N   . THR A 1 114 ? 10.779  0.884   6.983   1.00 39.87 ?  1966 THR A N   1 
ATOM   894  C CA  . THR A 1 114 ? 11.698  1.187   8.069   1.00 41.73 ?  1966 THR A CA  1 
ATOM   895  C C   . THR A 1 114 ? 13.113  1.399   7.544   1.00 43.04 ?  1966 THR A C   1 
ATOM   896  O O   . THR A 1 114 ? 13.744  2.415   7.845   1.00 47.70 ?  1966 THR A O   1 
ATOM   897  C CB  . THR A 1 114 ? 11.694  0.066   9.115   1.00 40.54 ?  1966 THR A CB  1 
ATOM   898  O OG1 . THR A 1 114 ? 10.471  0.131   9.852   1.00 41.80 ?  1966 THR A OG1 1 
ATOM   899  C CG2 . THR A 1 114 ? 12.868  0.215   10.071  1.00 46.34 ?  1966 THR A CG2 1 
ATOM   900  N N   . ASP A 1 115 ? 13.595  0.457   6.737   1.00 40.01 ?  1967 ASP A N   1 
ATOM   901  C CA  . ASP A 1 115 ? 14.934  0.563   6.169   1.00 38.63 ?  1967 ASP A CA  1 
ATOM   902  C C   . ASP A 1 115 ? 15.149  1.796   5.291   1.00 48.51 ?  1967 ASP A C   1 
ATOM   903  O O   . ASP A 1 115 ? 16.291  2.221   5.089   1.00 47.80 ?  1967 ASP A O   1 
ATOM   904  C CB  . ASP A 1 115 ? 15.262  -0.677  5.349   1.00 42.30 ?  1967 ASP A CB  1 
ATOM   905  C CG  . ASP A 1 115 ? 15.434  -1.915  6.209   1.00 47.11 ?  1967 ASP A CG  1 
ATOM   906  O OD1 . ASP A 1 115 ? 15.409  -1.784  7.454   1.00 47.25 ?  1967 ASP A OD1 1 
ATOM   907  O OD2 . ASP A 1 115 ? 15.609  -3.010  5.635   1.00 42.88 ?  1967 ASP A OD2 1 
ATOM   908  N N   . THR A 1 116 ? 14.075  2.363   4.745   1.00 43.23 ?  1968 THR A N   1 
ATOM   909  C CA  . THR A 1 116 ? 14.235  3.463   3.800   1.00 43.59 ?  1968 THR A CA  1 
ATOM   910  C C   . THR A 1 116 ? 14.156  4.816   4.491   1.00 40.40 ?  1968 THR A C   1 
ATOM   911  O O   . THR A 1 116 ? 14.926  5.713   4.180   1.00 43.93 ?  1968 THR A O   1 
ATOM   912  C CB  . THR A 1 116 ? 13.181  3.405   2.676   1.00 40.88 ?  1968 THR A CB  1 
ATOM   913  O OG1 . THR A 1 116 ? 13.330  2.184   1.935   1.00 40.01 ?  1968 THR A OG1 1 
ATOM   914  C CG2 . THR A 1 116 ? 13.340  4.584   1.728   1.00 39.47 ?  1968 THR A CG2 1 
ATOM   915  N N   . PHE A 1 117 ? 13.244  4.953   5.447   1.00 43.71 ?  1969 PHE A N   1 
ATOM   916  C CA  . PHE A 1 117 ? 12.950  6.261   6.026   1.00 46.06 ?  1969 PHE A CA  1 
ATOM   917  C C   . PHE A 1 117 ? 13.305  6.376   7.517   1.00 56.48 ?  1969 PHE A C   1 
ATOM   918  O O   . PHE A 1 117 ? 13.774  7.425   7.967   1.00 61.68 ?  1969 PHE A O   1 
ATOM   919  C CB  . PHE A 1 117 ? 11.467  6.595   5.819   1.00 45.54 ?  1969 PHE A CB  1 
ATOM   920  C CG  . PHE A 1 117 ? 11.054  6.681   4.367   1.00 42.26 ?  1969 PHE A CG  1 
ATOM   921  C CD1 . PHE A 1 117 ? 11.461  7.744   3.576   1.00 41.62 ?  1969 PHE A CD1 1 
ATOM   922  C CD2 . PHE A 1 117 ? 10.247  5.706   3.799   1.00 38.65 ?  1969 PHE A CD2 1 
ATOM   923  C CE1 . PHE A 1 117 ? 11.082  7.827   2.245   1.00 33.99 ?  1969 PHE A CE1 1 
ATOM   924  C CE2 . PHE A 1 117 ? 9.863   5.787   2.473   1.00 32.41 ?  1969 PHE A CE2 1 
ATOM   925  C CZ  . PHE A 1 117 ? 10.281  6.844   1.697   1.00 35.41 ?  1969 PHE A CZ  1 
ATOM   926  N N   . LYS A 1 118 ? 13.085  5.308   8.281   1.00 58.49 ?  1970 LYS A N   1 
ATOM   927  C CA  . LYS A 1 118 ? 13.350  5.339   9.720   1.00 59.74 ?  1970 LYS A CA  1 
ATOM   928  C C   . LYS A 1 118 ? 14.613  4.552   10.082  1.00 59.56 ?  1970 LYS A C   1 
ATOM   929  O O   . LYS A 1 118 ? 15.728  5.087   10.046  1.00 63.08 ?  1970 LYS A O   1 
ATOM   930  C CB  . LYS A 1 118 ? 12.145  4.794   10.494  1.00 57.24 ?  1970 LYS A CB  1 
HETATM 931  C C1  . EDO B 2 .   ? 14.091  0.020   -0.876  1.00 52.99 ?  2001 EDO A C1  1 
HETATM 932  O O1  . EDO B 2 .   ? 15.184  -0.908  -0.991  1.00 59.13 ?  2001 EDO A O1  1 
HETATM 933  C C2  . EDO B 2 .   ? 14.591  1.463   -0.939  1.00 58.88 ?  2001 EDO A C2  1 
HETATM 934  O O2  . EDO B 2 .   ? 15.193  1.843   0.308   1.00 62.02 ?  2001 EDO A O2  1 
HETATM 935  C C1  . EDO C 2 .   ? -10.040 -12.179 -3.107  1.00 37.74 ?  2002 EDO A C1  1 
HETATM 936  O O1  . EDO C 2 .   ? -10.475 -13.001 -2.001  1.00 40.10 ?  2002 EDO A O1  1 
HETATM 937  C C2  . EDO C 2 .   ? -9.850  -10.727 -2.658  1.00 37.45 ?  2002 EDO A C2  1 
HETATM 938  O O2  . EDO C 2 .   ? -8.879  -10.689 -1.601  1.00 25.19 ?  2002 EDO A O2  1 
HETATM 939  N N1  . PDC D 3 .   ? -21.887 -2.482  -8.444  0.74 45.06 ?  2003 PDC A N1  1 
HETATM 940  C C2  . PDC D 3 .   ? -22.950 -3.172  -7.994  0.74 43.34 ?  2003 PDC A C2  1 
HETATM 941  C C3  . PDC D 3 .   ? -23.056 -4.539  -8.204  0.74 43.12 ?  2003 PDC A C3  1 
HETATM 942  C C4  . PDC D 3 .   ? -22.036 -5.186  -8.882  0.74 43.36 ?  2003 PDC A C4  1 
HETATM 943  C C5  . PDC D 3 .   ? -20.949 -4.456  -9.331  0.74 44.37 ?  2003 PDC A C5  1 
HETATM 944  C C6  . PDC D 3 .   ? -20.887 -3.093  -9.102  0.74 43.09 ?  2003 PDC A C6  1 
HETATM 945  C C7  . PDC D 3 .   ? -24.075 -2.482  -7.244  0.74 40.46 ?  2003 PDC A C7  1 
HETATM 946  O O1  . PDC D 3 .   ? -23.921 -1.364  -6.667  0.74 42.44 -1 2003 PDC A O1  1 
HETATM 947  O O2  . PDC D 3 .   ? -25.190 -3.057  -7.183  0.74 43.78 ?  2003 PDC A O2  1 
HETATM 948  C C8  . PDC D 3 .   ? -19.688 -2.310  -9.593  0.74 46.07 ?  2003 PDC A C8  1 
HETATM 949  O O3  . PDC D 3 .   ? -19.498 -1.113  -9.231  0.74 50.45 -1 2003 PDC A O3  1 
HETATM 950  O O4  . PDC D 3 .   ? -18.861 -2.870  -10.359 0.74 49.72 ?  2003 PDC A O4  1 
HETATM 951  N N1  . PDC E 3 .   ? -26.356 -0.855  2.537   0.63 40.86 ?  2004 PDC A N1  1 
HETATM 952  C C2  . PDC E 3 .   ? -26.485 -0.138  1.421   0.63 39.33 ?  2004 PDC A C2  1 
HETATM 953  C C3  . PDC E 3 .   ? -27.074 1.120   1.420   0.63 41.53 ?  2004 PDC A C3  1 
HETATM 954  C C4  . PDC E 3 .   ? -27.539 1.614   2.632   0.63 41.89 ?  2004 PDC A C4  1 
HETATM 955  C C5  . PDC E 3 .   ? -27.395 0.845   3.784   0.63 42.87 ?  2004 PDC A C5  1 
HETATM 956  C C6  . PDC E 3 .   ? -26.793 -0.404  3.711   0.63 36.14 ?  2004 PDC A C6  1 
HETATM 957  C C7  . PDC E 3 .   ? -25.948 -0.746  0.150   0.63 38.01 ?  2004 PDC A C7  1 
HETATM 958  O O1  . PDC E 3 .   ? -25.064 -0.120  -0.498  0.63 42.23 ?  2004 PDC A O1  1 
HETATM 959  O O2  . PDC E 3 .   ? -26.356 -1.882  -0.230  0.63 31.76 -1 2004 PDC A O2  1 
HETATM 960  C C8  . PDC E 3 .   ? -26.607 -1.280  4.935   0.63 40.55 ?  2004 PDC A C8  1 
HETATM 961  O O3  . PDC E 3 .   ? -27.298 -1.086  5.973   0.63 46.53 ?  2004 PDC A O3  1 
HETATM 962  O O4  . PDC E 3 .   ? -25.752 -2.209  4.912   0.63 37.09 -1 2004 PDC A O4  1 
HETATM 963  O O   . HOH F 4 .   ? 15.350  -3.253  3.373   1.00 47.79 ?  2101 HOH A O   1 
HETATM 964  O O   . HOH F 4 .   ? 10.065  -16.452 -1.855  1.00 32.63 ?  2102 HOH A O   1 
HETATM 965  O O   . HOH F 4 .   ? 2.325   -9.629  8.247   1.00 32.71 ?  2103 HOH A O   1 
HETATM 966  O O   . HOH F 4 .   ? 5.889   -18.613 -5.345  1.00 40.65 ?  2104 HOH A O   1 
HETATM 967  O O   . HOH F 4 .   ? 2.869   26.877  10.438  1.00 47.33 ?  2105 HOH A O   1 
HETATM 968  O O   . HOH F 4 .   ? -18.775 -7.551  -5.185  1.00 40.04 ?  2106 HOH A O   1 
HETATM 969  O O   . HOH F 4 .   ? 7.243   0.298   9.204   1.00 43.80 ?  2107 HOH A O   1 
HETATM 970  O O   . HOH F 4 .   ? 8.834   -8.447  13.583  1.00 58.74 ?  2108 HOH A O   1 
HETATM 971  O O   . HOH F 4 .   ? -9.817  -5.920  -11.936 1.00 43.38 ?  2109 HOH A O   1 
HETATM 972  O O   . HOH F 4 .   ? -19.570 -0.898  0.048   1.00 40.49 ?  2110 HOH A O   1 
HETATM 973  O O   . HOH F 4 .   ? -8.741  -16.472 0.565   1.00 34.77 ?  2111 HOH A O   1 
HETATM 974  O O   . HOH F 4 .   ? -10.944 -9.924  -8.963  1.00 37.31 ?  2112 HOH A O   1 
HETATM 975  O O   . HOH F 4 .   ? -13.170 -17.310 10.286  1.00 45.69 ?  2113 HOH A O   1 
HETATM 976  O O   . HOH F 4 .   ? 17.065  0.732   3.128   1.00 53.92 ?  2114 HOH A O   1 
HETATM 977  O O   . HOH F 4 .   ? -6.817  11.558  -4.612  1.00 39.59 ?  2115 HOH A O   1 
HETATM 978  O O   . HOH F 4 .   ? 0.983   -2.378  8.837   1.00 37.52 ?  2116 HOH A O   1 
HETATM 979  O O   . HOH F 4 .   ? 2.521   -0.253  -11.225 1.00 34.51 ?  2117 HOH A O   1 
HETATM 980  O O   . HOH F 4 .   ? -17.347 -14.068 -3.018  0.44 35.72 ?  2118 HOH A O   1 
HETATM 981  O O   . HOH F 4 .   ? 10.749  -7.583  -4.830  1.00 34.81 ?  2119 HOH A O   1 
HETATM 982  O O   . HOH F 4 .   ? -6.098  -21.080 -0.116  1.00 35.53 ?  2120 HOH A O   1 
HETATM 983  O O   . HOH F 4 .   ? -13.868 -9.911  8.363   1.00 34.78 ?  2121 HOH A O   1 
HETATM 984  O O   . HOH F 4 .   ? -1.467  1.989   -12.559 1.00 31.87 ?  2122 HOH A O   1 
HETATM 985  O O   . HOH F 4 .   ? 5.896   16.962  13.760  1.00 54.28 ?  2123 HOH A O   1 
HETATM 986  O O   . HOH F 4 .   ? -5.759  5.244   2.651   1.00 36.77 ?  2124 HOH A O   1 
HETATM 987  O O   . HOH F 4 .   ? -6.639  0.494   6.496   1.00 32.12 ?  2125 HOH A O   1 
HETATM 988  O O   . HOH F 4 .   ? -8.570  -1.313  -5.751  1.00 25.71 ?  2126 HOH A O   1 
HETATM 989  O O   . HOH F 4 .   ? -11.578 -10.234 -13.182 1.00 55.38 ?  2127 HOH A O   1 
HETATM 990  O O   . HOH F 4 .   ? -8.977  1.736   -9.041  1.00 38.02 ?  2128 HOH A O   1 
HETATM 991  O O   . HOH F 4 .   ? -8.920  -3.994  -2.024  1.00 22.12 ?  2129 HOH A O   1 
HETATM 992  O O   . HOH F 4 .   ? 2.204   24.141  12.868  1.00 45.48 ?  2130 HOH A O   1 
HETATM 993  O O   . HOH F 4 .   ? 10.456  2.075   -9.827  1.00 41.79 ?  2131 HOH A O   1 
HETATM 994  O O   . HOH F 4 .   ? 6.824   23.532  16.884  1.00 27.23 ?  2132 HOH A O   1 
HETATM 995  O O   . HOH F 4 .   ? 3.538   -14.844 7.112   1.00 36.82 ?  2133 HOH A O   1 
HETATM 996  O O   . HOH F 4 .   ? 6.585   13.218  2.042   1.00 31.84 ?  2134 HOH A O   1 
HETATM 997  O O   . HOH F 4 .   ? 3.347   30.244  18.143  1.00 24.62 ?  2135 HOH A O   1 
HETATM 998  O O   . HOH F 4 .   ? -0.330  4.576   -13.536 1.00 40.38 ?  2136 HOH A O   1 
HETATM 999  O O   . HOH F 4 .   ? -0.520  -23.434 -0.583  1.00 37.06 ?  2137 HOH A O   1 
HETATM 1000 O O   . HOH F 4 .   ? -8.650  -8.139  -0.509  1.00 29.73 ?  2138 HOH A O   1 
HETATM 1001 O O   . HOH F 4 .   ? -6.355  -6.665  -5.438  1.00 22.36 ?  2139 HOH A O   1 
HETATM 1002 O O   . HOH F 4 .   ? 5.667   18.449  17.560  1.00 45.95 ?  2140 HOH A O   1 
HETATM 1003 O O   . HOH F 4 .   ? -12.007 -3.483  -6.457  1.00 30.97 ?  2141 HOH A O   1 
HETATM 1004 O O   . HOH F 4 .   ? 0.628   -15.978 7.732   1.00 31.89 ?  2142 HOH A O   1 
HETATM 1005 O O   . HOH F 4 .   ? -16.641 -1.197  -2.435  1.00 34.11 ?  2143 HOH A O   1 
HETATM 1006 O O   . HOH F 4 .   ? -10.279 2.354   -5.131  1.00 36.53 ?  2144 HOH A O   1 
HETATM 1007 O O   . HOH F 4 .   ? -10.870 3.131   -2.141  1.00 35.41 ?  2145 HOH A O   1 
HETATM 1008 O O   . HOH F 4 .   ? 5.184   8.512   7.741   1.00 46.97 ?  2146 HOH A O   1 
HETATM 1009 O O   . HOH F 4 .   ? -3.273  -0.318  9.019   1.00 36.85 ?  2147 HOH A O   1 
HETATM 1010 O O   . HOH F 4 .   ? -3.261  -8.905  5.202   1.00 25.18 ?  2148 HOH A O   1 
HETATM 1011 O O   . HOH F 4 .   ? 14.146  24.654  14.038  1.00 36.17 ?  2149 HOH A O   1 
HETATM 1012 O O   . HOH F 4 .   ? -12.088 -15.273 1.277   1.00 33.25 ?  2150 HOH A O   1 
HETATM 1013 O O   . HOH F 4 .   ? 13.512  12.536  0.798   1.00 33.92 ?  2151 HOH A O   1 
HETATM 1014 O O   . HOH F 4 .   ? -4.694  9.954   -11.868 1.00 42.61 ?  2152 HOH A O   1 
HETATM 1015 O O   . HOH F 4 .   ? -4.004  7.577   1.985   1.00 30.19 ?  2153 HOH A O   1 
HETATM 1016 O O   . HOH F 4 .   ? 6.747   15.838  0.601   1.00 32.38 ?  2154 HOH A O   1 
HETATM 1017 O O   . HOH F 4 .   ? 5.300   5.953   -9.938  1.00 39.93 ?  2155 HOH A O   1 
HETATM 1018 O O   . HOH F 4 .   ? -6.411  -6.617  -0.663  1.00 25.75 ?  2156 HOH A O   1 
HETATM 1019 O O   . HOH F 4 .   ? -4.350  -8.766  -8.887  1.00 25.88 ?  2157 HOH A O   1 
HETATM 1020 O O   . HOH F 4 .   ? -4.267  -11.594 4.982   1.00 22.41 ?  2158 HOH A O   1 
HETATM 1021 O O   . HOH F 4 .   ? 11.530  -6.026  3.370   1.00 37.60 ?  2159 HOH A O   1 
HETATM 1022 O O   . HOH F 4 .   ? -7.454  5.898   -0.567  1.00 30.94 ?  2160 HOH A O   1 
HETATM 1023 O O   . HOH F 4 .   ? 12.109  5.620   -8.326  1.00 34.97 ?  2161 HOH A O   1 
HETATM 1024 O O   . HOH F 4 .   ? 17.260  3.690   0.133   1.00 53.87 ?  2162 HOH A O   1 
HETATM 1025 O O   . HOH F 4 .   ? -0.174  -3.886  -11.326 1.00 40.73 ?  2163 HOH A O   1 
HETATM 1026 O O   . HOH F 4 .   ? -5.242  8.709   -0.237  1.00 32.85 ?  2164 HOH A O   1 
HETATM 1027 O O   . HOH F 4 .   ? -11.992 -0.802  3.150   1.00 27.68 ?  2165 HOH A O   1 
HETATM 1028 O O   . HOH F 4 .   ? 4.283   5.360   8.685   1.00 47.35 ?  2166 HOH A O   1 
HETATM 1029 O O   . HOH F 4 .   ? -6.145  -12.900 6.367   1.00 27.20 ?  2167 HOH A O   1 
HETATM 1030 O O   . HOH F 4 .   ? -6.140  -5.513  -3.288  1.00 24.33 ?  2168 HOH A O   1 
HETATM 1031 O O   . HOH F 4 .   ? -3.178  -8.576  8.397   1.00 33.94 ?  2169 HOH A O   1 
HETATM 1032 O O   . HOH F 4 .   ? -9.699  -2.385  5.662   1.00 36.68 ?  2170 HOH A O   1 
HETATM 1033 O O   . HOH F 4 .   ? -9.408  -3.830  -5.168  1.00 23.08 ?  2171 HOH A O   1 
HETATM 1034 O O   . HOH F 4 .   ? -4.744  2.626   6.187   1.00 28.28 ?  2172 HOH A O   1 
HETATM 1035 O O   . HOH F 4 .   ? 16.610  15.033  5.954   1.00 46.81 ?  2173 HOH A O   1 
HETATM 1036 O O   . HOH F 4 .   ? -7.988  -18.825 9.078   1.00 29.78 ?  2174 HOH A O   1 
HETATM 1037 O O   . HOH F 4 .   ? 8.909   -6.643  8.736   1.00 41.94 ?  2175 HOH A O   1 
HETATM 1038 O O   . HOH F 4 .   ? 13.917  9.827   6.413   1.00 53.78 ?  2176 HOH A O   1 
HETATM 1039 O O   . HOH F 4 .   ? -0.846  3.386   9.398   1.00 39.48 ?  2177 HOH A O   1 
HETATM 1040 O O   . HOH F 4 .   ? 11.446  12.344  -5.653  1.00 26.47 ?  2178 HOH A O   1 
HETATM 1041 O O   . HOH F 4 .   ? -10.699 -17.024 2.719   1.00 33.24 ?  2179 HOH A O   1 
HETATM 1042 O O   . HOH F 4 .   ? -22.568 0.441   0.857   1.00 53.63 ?  2180 HOH A O   1 
HETATM 1043 O O   . HOH F 4 .   ? -1.352  -8.603  6.500   1.00 35.53 ?  2181 HOH A O   1 
HETATM 1044 O O   . HOH F 4 .   ? 2.902   5.449   -13.781 1.00 46.88 ?  2182 HOH A O   1 
HETATM 1045 O O   . HOH F 4 .   ? -6.568  -18.003 -1.138  1.00 25.40 ?  2183 HOH A O   1 
HETATM 1046 O O   . HOH F 4 .   ? 4.626   11.015  -13.221 1.00 32.37 ?  2184 HOH A O   1 
HETATM 1047 O O   . HOH F 4 .   ? -6.981  8.659   -10.267 1.00 51.08 ?  2185 HOH A O   1 
HETATM 1048 O O   . HOH F 4 .   ? 4.744   -10.362 -9.036  1.00 37.36 ?  2186 HOH A O   1 
HETATM 1049 O O   . HOH F 4 .   ? -1.562  -16.957 8.094   1.00 40.31 ?  2187 HOH A O   1 
HETATM 1050 O O   . HOH F 4 .   ? -6.096  0.961   -11.185 1.00 44.13 ?  2188 HOH A O   1 
HETATM 1051 O O   . HOH F 4 .   ? -4.184  10.774  -0.721  1.00 37.73 ?  2189 HOH A O   1 
HETATM 1052 O O   . HOH F 4 .   ? -4.751  14.379  -3.024  1.00 44.30 ?  2190 HOH A O   1 
HETATM 1053 O O   . HOH F 4 .   ? 9.711   17.016  5.267   1.00 47.64 ?  2191 HOH A O   1 
HETATM 1054 O O   . HOH F 4 .   ? -20.690 -6.987  -3.066  1.00 36.01 ?  2192 HOH A O   1 
HETATM 1055 O O   . HOH F 4 .   ? -8.467  6.684   -3.579  1.00 37.84 ?  2193 HOH A O   1 
HETATM 1056 O O   . HOH F 4 .   ? -14.406 -3.786  -10.463 1.00 38.94 ?  2194 HOH A O   1 
HETATM 1057 O O   . HOH F 4 .   ? -14.106 -1.633  4.883   1.00 36.92 ?  2195 HOH A O   1 
HETATM 1058 O O   . HOH F 4 .   ? 1.896   11.630  -5.267  1.00 24.04 ?  2196 HOH A O   1 
HETATM 1059 O O   . HOH F 4 .   ? -4.737  -23.253 3.125   1.00 38.43 ?  2197 HOH A O   1 
HETATM 1060 O O   . HOH F 4 .   ? 4.222   -6.920  -11.528 1.00 48.41 ?  2198 HOH A O   1 
HETATM 1061 O O   . HOH F 4 .   ? 9.839   -12.690 -4.194  1.00 32.21 ?  2199 HOH A O   1 
HETATM 1062 O O   . HOH F 4 .   ? 7.329   -0.745  -11.898 1.00 52.32 ?  2200 HOH A O   1 
HETATM 1063 O O   . HOH F 4 .   ? 1.703   17.418  4.242   1.00 50.90 ?  2201 HOH A O   1 
HETATM 1064 O O   . HOH F 4 .   ? -8.457  -5.616  8.974   1.00 37.99 ?  2202 HOH A O   1 
HETATM 1065 O O   . HOH F 4 .   ? -7.060  -8.777  -8.832  1.00 34.15 ?  2203 HOH A O   1 
HETATM 1066 O O   . HOH F 4 .   ? 14.441  -5.500  -3.407  1.00 49.69 ?  2204 HOH A O   1 
HETATM 1067 O O   . HOH F 4 .   ? 3.018   -11.912 -8.734  1.00 37.06 ?  2205 HOH A O   1 
HETATM 1068 O O   . HOH F 4 .   ? 9.685   9.386   -8.908  1.00 40.82 ?  2206 HOH A O   1 
HETATM 1069 O O   . HOH F 4 .   ? 7.034   8.269   -9.073  1.00 46.46 ?  2207 HOH A O   1 
HETATM 1070 O O   . HOH F 4 .   ? -3.487  -9.641  -11.282 1.00 36.75 ?  2208 HOH A O   1 
HETATM 1071 O O   . HOH F 4 .   ? 5.897   9.869   -9.724  1.00 45.64 ?  2209 HOH A O   1 
HETATM 1072 O O   . HOH F 4 .   ? 2.955   0.251   11.420  1.00 51.93 ?  2210 HOH A O   1 
HETATM 1073 O O   . HOH F 4 .   ? 15.196  9.721   3.313   1.00 47.89 ?  2211 HOH A O   1 
HETATM 1074 O O   . HOH F 4 .   ? 12.821  0.712   -8.306  1.00 43.32 ?  2212 HOH A O   1 
HETATM 1075 O O   . HOH F 4 .   ? -10.233 0.578   -6.879  1.00 28.80 ?  2213 HOH A O   1 
HETATM 1076 O O   . HOH F 4 .   ? 16.336  16.814  10.136  1.00 56.23 ?  2214 HOH A O   1 
HETATM 1077 O O   . HOH F 4 .   ? -6.750  4.219   5.101   1.00 37.80 ?  2215 HOH A O   1 
HETATM 1078 O O   . HOH F 4 .   ? 6.275   14.297  4.400   1.00 37.68 ?  2216 HOH A O   1 
HETATM 1079 O O   . HOH F 4 .   ? 17.842  3.881   -2.183  1.00 58.22 ?  2217 HOH A O   1 
HETATM 1080 O O   . HOH F 4 .   ? -3.248  2.118   8.351   1.00 37.25 ?  2218 HOH A O   1 
HETATM 1081 O O   . HOH F 4 .   ? -21.796 -9.622  -6.815  1.00 41.36 ?  2219 HOH A O   1 
HETATM 1082 O O   . HOH F 4 .   ? 0.498   0.093   -12.757 1.00 39.02 ?  2220 HOH A O   1 
HETATM 1083 O O   . HOH F 4 .   ? -9.394  0.028   6.846   1.00 34.51 ?  2221 HOH A O   1 
HETATM 1084 O O   . HOH F 4 .   ? 8.552   15.340  18.456  1.00 45.40 ?  2222 HOH A O   1 
HETATM 1085 O O   . HOH F 4 .   ? 11.533  -11.367 -2.965  1.00 38.65 ?  2223 HOH A O   1 
HETATM 1086 O O   . HOH F 4 .   ? -0.811  -2.185  -13.684 1.00 43.46 ?  2224 HOH A O   1 
HETATM 1087 O O   . HOH F 4 .   ? -6.487  -18.286 -3.789  1.00 38.01 ?  2225 HOH A O   1 
HETATM 1088 O O   . HOH F 4 .   ? -16.323 0.646   -4.225  1.00 37.21 ?  2226 HOH A O   1 
HETATM 1089 O O   . HOH F 4 .   ? -9.087  5.313   -5.231  1.00 39.38 ?  2227 HOH A O   1 
HETATM 1090 O O   . HOH F 4 .   ? -9.746  5.395   -1.288  1.00 41.30 ?  2228 HOH A O   1 
HETATM 1091 O O   . HOH F 4 .   ? -12.521 -0.850  -7.005  1.00 31.88 ?  2229 HOH A O   1 
HETATM 1092 O O   . HOH F 4 .   ? 16.631  8.343   -4.687  1.00 57.85 ?  2230 HOH A O   1 
HETATM 1093 O O   . HOH F 4 .   ? -14.268 0.967   -5.935  1.00 35.67 ?  2231 HOH A O   1 
# 
